data_9NMM
# 
_entry.id   9NMM 
# 
_audit_conform.dict_name       mmcif_pdbx.dic 
_audit_conform.dict_version    5.406 
_audit_conform.dict_location   http://mmcif.pdb.org/dictionaries/ascii/mmcif_pdbx.dic 
# 
loop_
_database_2.database_id 
_database_2.database_code 
_database_2.pdbx_database_accession 
_database_2.pdbx_DOI 
PDB   9NMM         pdb_00009nmm 10.2210/pdb9nmm/pdb 
WWPDB D_1000293244 ?            ?                   
# 
_pdbx_audit_revision_history.ordinal             1 
_pdbx_audit_revision_history.data_content_type   'Structure model' 
_pdbx_audit_revision_history.major_revision      1 
_pdbx_audit_revision_history.minor_revision      0 
_pdbx_audit_revision_history.revision_date       2025-09-10 
_pdbx_audit_revision_history.part_number         ? 
# 
_pdbx_audit_revision_details.ordinal             1 
_pdbx_audit_revision_details.revision_ordinal    1 
_pdbx_audit_revision_details.data_content_type   'Structure model' 
_pdbx_audit_revision_details.provider            repository 
_pdbx_audit_revision_details.type                'Initial release' 
_pdbx_audit_revision_details.description         ? 
_pdbx_audit_revision_details.details             ? 
# 
_pdbx_database_status.status_code                     REL 
_pdbx_database_status.status_code_sf                  REL 
_pdbx_database_status.status_code_mr                  ? 
_pdbx_database_status.entry_id                        9NMM 
_pdbx_database_status.recvd_initial_deposition_date   2025-03-04 
_pdbx_database_status.SG_entry                        N 
_pdbx_database_status.deposit_site                    RCSB 
_pdbx_database_status.process_site                    RCSB 
_pdbx_database_status.status_code_cs                  ? 
_pdbx_database_status.status_code_nmr_data            ? 
_pdbx_database_status.methods_development_category    ? 
_pdbx_database_status.pdb_format_compatible           Y 
# 
_pdbx_contact_author.id                 2 
_pdbx_contact_author.email              rs17@nyu.edu 
_pdbx_contact_author.name_first         Ruojie 
_pdbx_contact_author.name_last          Sha 
_pdbx_contact_author.name_mi            ? 
_pdbx_contact_author.role               'principal investigator/group leader' 
_pdbx_contact_author.identifier_ORCID   0000-0002-0807-734X 
# 
loop_
_audit_author.name 
_audit_author.pdbx_ordinal 
_audit_author.identifier_ORCID 
'Abi Rizk, J.'  1 0009-0000-0766-7631 
'Horvath, A.'   2 0009-0008-5770-8014 
'Vecchioni, S.' 3 0000-0001-8243-650X 
'Woloszyn, K.'  4 0000-0003-1200-583X 
'Ohayon, Y.P.'  5 0000-0001-7500-4282 
'Sha, R.'       6 0000-0002-0807-734X 
# 
_citation.abstract                  ? 
_citation.abstract_id_CAS           ? 
_citation.book_id_ISBN              ? 
_citation.book_publisher            ? 
_citation.book_publisher_city       ? 
_citation.book_title                ? 
_citation.coordinate_linkage        ? 
_citation.country                   ? 
_citation.database_id_Medline       ? 
_citation.details                   ? 
_citation.id                        primary 
_citation.journal_abbrev            'To Be Published' 
_citation.journal_id_ASTM           ? 
_citation.journal_id_CSD            0353 
_citation.journal_id_ISSN           ? 
_citation.journal_full              ? 
_citation.journal_issue             ? 
_citation.journal_volume            ? 
_citation.language                  ? 
_citation.page_first                ? 
_citation.page_last                 ? 
_citation.title                     'Shifted tensegrity triangles' 
_citation.year                      ? 
_citation.database_id_CSD           ? 
_citation.pdbx_database_id_DOI      ? 
_citation.pdbx_database_id_PubMed   ? 
_citation.pdbx_database_id_patent   ? 
_citation.unpublished_flag          ? 
# 
loop_
_citation_author.citation_id 
_citation_author.name 
_citation_author.ordinal 
_citation_author.identifier_ORCID 
primary 'Abi Rizk, J.'  1 0009-0000-0766-7631 
primary 'Horvath, A.'   2 0009-0008-5770-8014 
primary 'Vecchioni, S.' 3 0000-0001-8243-650X 
primary 'Woloszyn, K.'  4 0000-0003-1200-583X 
primary 'Ohayon, Y.P.'  5 0000-0001-7500-4282 
primary 'Sha, R.'       6 0000-0002-0807-734X 
# 
loop_
_entity.id 
_entity.type 
_entity.src_method 
_entity.pdbx_description 
_entity.formula_weight 
_entity.pdbx_number_of_molecules 
_entity.pdbx_ec 
_entity.pdbx_mutation 
_entity.pdbx_fragment 
_entity.details 
1 polymer syn 
;DNA (5'-D(*GP*CP*AP*CP*CP*TP*GP*TP*A)-3')
;
2715.799 1 ? ? ? ? 
2 polymer syn 
;DNA (5'-D(P*AP*CP*AP*CP*CP*GP*T)-3')
;
2082.400 1 ? ? ? ? 
3 polymer syn 
;DNA (5'-D(*CP*TP*GP*CP*TP*AP*CP*TP*GP*TP*GP*GP*TP*G)-3')
;
4302.788 1 ? ? ? ? 
4 polymer syn 
;DNA (5'-D(P*CP*GP*GP*AP*CP*AP*GP*TP*AP*GP*CP*A)-3')
;
3696.431 1 ? ? ? ? 
# 
loop_
_entity_poly.entity_id 
_entity_poly.type 
_entity_poly.nstd_linkage 
_entity_poly.nstd_monomer 
_entity_poly.pdbx_seq_one_letter_code 
_entity_poly.pdbx_seq_one_letter_code_can 
_entity_poly.pdbx_strand_id 
_entity_poly.pdbx_target_identifier 
1 polydeoxyribonucleotide no no '(DG)(DC)(DA)(DC)(DC)(DT)(DG)(DT)(DA)'                     GCACCTGTA      A ? 
2 polydeoxyribonucleotide no no '(DA)(DC)(DA)(DC)(DC)(DG)(DT)'                             ACACCGT        B ? 
3 polydeoxyribonucleotide no no '(DC)(DT)(DG)(DC)(DT)(DA)(DC)(DT)(DG)(DT)(DG)(DG)(DT)(DG)' CTGCTACTGTGGTG C ? 
4 polydeoxyribonucleotide no no '(DC)(DG)(DG)(DA)(DC)(DA)(DG)(DT)(DA)(DG)(DC)(DA)'         CGGACAGTAGCA   D ? 
# 
loop_
_entity_poly_seq.entity_id 
_entity_poly_seq.num 
_entity_poly_seq.mon_id 
_entity_poly_seq.hetero 
1 1  DG n 
1 2  DC n 
1 3  DA n 
1 4  DC n 
1 5  DC n 
1 6  DT n 
1 7  DG n 
1 8  DT n 
1 9  DA n 
2 1  DA n 
2 2  DC n 
2 3  DA n 
2 4  DC n 
2 5  DC n 
2 6  DG n 
2 7  DT n 
3 1  DC n 
3 2  DT n 
3 3  DG n 
3 4  DC n 
3 5  DT n 
3 6  DA n 
3 7  DC n 
3 8  DT n 
3 9  DG n 
3 10 DT n 
3 11 DG n 
3 12 DG n 
3 13 DT n 
3 14 DG n 
4 1  DC n 
4 2  DG n 
4 3  DG n 
4 4  DA n 
4 5  DC n 
4 6  DA n 
4 7  DG n 
4 8  DT n 
4 9  DA n 
4 10 DG n 
4 11 DC n 
4 12 DA n 
# 
loop_
_pdbx_entity_src_syn.entity_id 
_pdbx_entity_src_syn.pdbx_src_id 
_pdbx_entity_src_syn.pdbx_alt_source_flag 
_pdbx_entity_src_syn.pdbx_beg_seq_num 
_pdbx_entity_src_syn.pdbx_end_seq_num 
_pdbx_entity_src_syn.organism_scientific 
_pdbx_entity_src_syn.organism_common_name 
_pdbx_entity_src_syn.ncbi_taxonomy_id 
_pdbx_entity_src_syn.details 
1 1 sample 1 9  'synthetic construct' ? 32630 ? 
2 1 sample 1 7  'synthetic construct' ? 32630 ? 
3 1 sample 1 14 'synthetic construct' ? 32630 ? 
4 1 sample 1 12 'synthetic construct' ? 32630 ? 
# 
loop_
_chem_comp.id 
_chem_comp.type 
_chem_comp.mon_nstd_flag 
_chem_comp.name 
_chem_comp.pdbx_synonyms 
_chem_comp.formula 
_chem_comp.formula_weight 
DA 'DNA linking' y "2'-DEOXYADENOSINE-5'-MONOPHOSPHATE" ? 'C10 H14 N5 O6 P' 331.222 
DC 'DNA linking' y "2'-DEOXYCYTIDINE-5'-MONOPHOSPHATE"  ? 'C9 H14 N3 O7 P'  307.197 
DG 'DNA linking' y "2'-DEOXYGUANOSINE-5'-MONOPHOSPHATE" ? 'C10 H14 N5 O7 P' 347.221 
DT 'DNA linking' y "THYMIDINE-5'-MONOPHOSPHATE"         ? 'C10 H15 N2 O8 P' 322.208 
# 
loop_
_pdbx_poly_seq_scheme.asym_id 
_pdbx_poly_seq_scheme.entity_id 
_pdbx_poly_seq_scheme.seq_id 
_pdbx_poly_seq_scheme.mon_id 
_pdbx_poly_seq_scheme.ndb_seq_num 
_pdbx_poly_seq_scheme.pdb_seq_num 
_pdbx_poly_seq_scheme.auth_seq_num 
_pdbx_poly_seq_scheme.pdb_mon_id 
_pdbx_poly_seq_scheme.auth_mon_id 
_pdbx_poly_seq_scheme.pdb_strand_id 
_pdbx_poly_seq_scheme.pdb_ins_code 
_pdbx_poly_seq_scheme.hetero 
A 1 1  DG 1  104 104 DG DG A . n 
A 1 2  DC 2  105 105 DC DC A . n 
A 1 3  DA 3  106 106 DA DA A . n 
A 1 4  DC 4  107 107 DC DC A . n 
A 1 5  DC 5  108 108 DC DC A . n 
A 1 6  DT 6  109 109 DT DT A . n 
A 1 7  DG 7  110 110 DG DG A . n 
A 1 8  DT 8  111 111 DT DT A . n 
A 1 9  DA 9  112 112 DA DA A . n 
B 2 1  DA 1  105 105 DA DA B . n 
B 2 2  DC 2  106 106 DC DC B . n 
B 2 3  DA 3  107 107 DA DA B . n 
B 2 4  DC 4  111 111 DC DC B . n 
B 2 5  DC 5  112 112 DC DC B . n 
B 2 6  DG 6  113 113 DG DG B . n 
B 2 7  DT 7  114 114 DT DT B . n 
C 3 1  DC 1  99  99  DC DC C . n 
C 3 2  DT 2  100 100 DT DT C . n 
C 3 3  DG 3  101 101 DG DG C . n 
C 3 4  DC 4  102 102 DC DC C . n 
C 3 5  DT 5  103 103 DT DT C . n 
C 3 6  DA 6  104 104 DA DA C . n 
C 3 7  DC 7  105 105 DC DC C . n 
C 3 8  DT 8  106 106 DT DT C . n 
C 3 9  DG 9  107 107 DG DG C . n 
C 3 10 DT 10 108 108 DT DT C . n 
C 3 11 DG 11 109 109 DG DG C . n 
C 3 12 DG 12 110 110 DG DG C . n 
C 3 13 DT 13 111 111 DT DT C . n 
C 3 14 DG 14 112 112 DG DG C . n 
D 4 1  DC 1  113 113 DC DC D . n 
D 4 2  DG 2  114 114 DG DG D . n 
D 4 3  DG 3  115 115 DG DG D . n 
D 4 4  DA 4  116 116 DA DA D . n 
D 4 5  DC 5  117 117 DC DC D . n 
D 4 6  DA 6  118 118 DA DA D . n 
D 4 7  DG 7  119 119 DG DG D . n 
D 4 8  DT 8  120 120 DT DT D . n 
D 4 9  DA 9  121 121 DA DA D . n 
D 4 10 DG 10 122 122 DG DG D . n 
D 4 11 DC 11 123 123 DC DC D . n 
D 4 12 DA 12 124 124 DA DA D . n 
# 
loop_
_software.citation_id 
_software.classification 
_software.compiler_name 
_software.compiler_version 
_software.contact_author 
_software.contact_author_email 
_software.date 
_software.description 
_software.dependencies 
_software.hardware 
_software.language 
_software.location 
_software.mods 
_software.name 
_software.os 
_software.os_version 
_software.type 
_software.version 
_software.pdbx_ordinal 
? refinement       ? ? ? ? ? ? ? ? ? ? ? PHENIX    ? ? ? 1.20.1_4487 1 
? 'data reduction' ? ? ? ? ? ? ? ? ? ? ? autoPROC  ? ? ? .           2 
? 'data scaling'   ? ? ? ? ? ? ? ? ? ? ? STARANISO ? ? ? .           3 
? phasing          ? ? ? ? ? ? ? ? ? ? ? PHASER    ? ? ? .           4 
# 
_cell.angle_alpha                  90.000 
_cell.angle_alpha_esd              ? 
_cell.angle_beta                   90.000 
_cell.angle_beta_esd               ? 
_cell.angle_gamma                  120.000 
_cell.angle_gamma_esd              ? 
_cell.entry_id                     9NMM 
_cell.details                      ? 
_cell.formula_units_Z              ? 
_cell.length_a                     108.163 
_cell.length_a_esd                 ? 
_cell.length_b                     108.163 
_cell.length_b_esd                 ? 
_cell.length_c                     86.308 
_cell.length_c_esd                 ? 
_cell.volume                       874458.358 
_cell.volume_esd                   ? 
_cell.Z_PDB                        9 
_cell.reciprocal_angle_alpha       ? 
_cell.reciprocal_angle_beta        ? 
_cell.reciprocal_angle_gamma       ? 
_cell.reciprocal_angle_alpha_esd   ? 
_cell.reciprocal_angle_beta_esd    ? 
_cell.reciprocal_angle_gamma_esd   ? 
_cell.reciprocal_length_a          ? 
_cell.reciprocal_length_b          ? 
_cell.reciprocal_length_c          ? 
_cell.reciprocal_length_a_esd      ? 
_cell.reciprocal_length_b_esd      ? 
_cell.reciprocal_length_c_esd      ? 
_cell.pdbx_unique_axis             ? 
_cell.pdbx_esd_method              ? 
# 
_symmetry.entry_id                         9NMM 
_symmetry.cell_setting                     ? 
_symmetry.Int_Tables_number                146 
_symmetry.space_group_name_Hall            'H 3' 
_symmetry.space_group_name_H-M             'H 3' 
_symmetry.pdbx_full_space_group_name_H-M   ? 
# 
_exptl.absorpt_coefficient_mu     ? 
_exptl.absorpt_correction_T_max   ? 
_exptl.absorpt_correction_T_min   ? 
_exptl.absorpt_correction_type    ? 
_exptl.absorpt_process_details    ? 
_exptl.entry_id                   9NMM 
_exptl.crystals_number            1 
_exptl.details                    ? 
_exptl.method                     'X-RAY DIFFRACTION' 
_exptl.method_details             ? 
# 
_exptl_crystal.colour                       ? 
_exptl_crystal.density_diffrn               ? 
_exptl_crystal.density_Matthews             ? 
_exptl_crystal.density_method               ? 
_exptl_crystal.density_percent_sol          ? 
_exptl_crystal.description                  ? 
_exptl_crystal.F_000                        ? 
_exptl_crystal.id                           1 
_exptl_crystal.preparation                  ? 
_exptl_crystal.size_max                     ? 
_exptl_crystal.size_mid                     ? 
_exptl_crystal.size_min                     ? 
_exptl_crystal.size_rad                     ? 
_exptl_crystal.colour_lustre                ? 
_exptl_crystal.colour_modifier              ? 
_exptl_crystal.colour_primary               ? 
_exptl_crystal.density_meas                 ? 
_exptl_crystal.density_meas_esd             ? 
_exptl_crystal.density_meas_gt              ? 
_exptl_crystal.density_meas_lt              ? 
_exptl_crystal.density_meas_temp            ? 
_exptl_crystal.density_meas_temp_esd        ? 
_exptl_crystal.density_meas_temp_gt         ? 
_exptl_crystal.density_meas_temp_lt         ? 
_exptl_crystal.pdbx_crystal_image_url       ? 
_exptl_crystal.pdbx_crystal_image_format    ? 
_exptl_crystal.pdbx_mosaicity               ? 
_exptl_crystal.pdbx_mosaicity_esd           ? 
_exptl_crystal.pdbx_mosaic_method           ? 
_exptl_crystal.pdbx_mosaic_block_size       ? 
_exptl_crystal.pdbx_mosaic_block_size_esd   ? 
# 
_exptl_crystal_grow.apparatus       ? 
_exptl_crystal_grow.atmosphere      ? 
_exptl_crystal_grow.crystal_id      1 
_exptl_crystal_grow.details         ? 
_exptl_crystal_grow.method          'VAPOR DIFFUSION, HANGING DROP' 
_exptl_crystal_grow.method_ref      ? 
_exptl_crystal_grow.pH              ? 
_exptl_crystal_grow.pressure        ? 
_exptl_crystal_grow.pressure_esd    ? 
_exptl_crystal_grow.seeding         ? 
_exptl_crystal_grow.seeding_ref     ? 
_exptl_crystal_grow.temp_details    '338-293 at 0.4/hr' 
_exptl_crystal_grow.temp_esd        ? 
_exptl_crystal_grow.time            ? 
_exptl_crystal_grow.pdbx_details    '100 mM MOPS, 1.25 M magnesium sulfate' 
_exptl_crystal_grow.pdbx_pH_range   ? 
_exptl_crystal_grow.temp            293 
# 
_diffrn.ambient_environment              ? 
_diffrn.ambient_temp                     100 
_diffrn.ambient_temp_details             ? 
_diffrn.ambient_temp_esd                 ? 
_diffrn.crystal_id                       1 
_diffrn.crystal_support                  ? 
_diffrn.crystal_treatment                ? 
_diffrn.details                          ? 
_diffrn.id                               1 
_diffrn.ambient_pressure                 ? 
_diffrn.ambient_pressure_esd             ? 
_diffrn.ambient_pressure_gt              ? 
_diffrn.ambient_pressure_lt              ? 
_diffrn.ambient_temp_gt                  ? 
_diffrn.ambient_temp_lt                  ? 
_diffrn.pdbx_serial_crystal_experiment   N 
# 
_diffrn_detector.details                      ? 
_diffrn_detector.detector                     PIXEL 
_diffrn_detector.diffrn_id                    1 
_diffrn_detector.type                         'DECTRIS EIGER2 X 9M' 
_diffrn_detector.area_resol_mean              ? 
_diffrn_detector.dtime                        ? 
_diffrn_detector.pdbx_frames_total            ? 
_diffrn_detector.pdbx_collection_time_total   ? 
_diffrn_detector.pdbx_collection_date         2023-03-19 
_diffrn_detector.pdbx_frequency               ? 
_diffrn_detector.id                           ? 
_diffrn_detector.number_of_axes               ? 
# 
_diffrn_radiation.collimation                      ? 
_diffrn_radiation.diffrn_id                        1 
_diffrn_radiation.filter_edge                      ? 
_diffrn_radiation.inhomogeneity                    ? 
_diffrn_radiation.monochromator                    ? 
_diffrn_radiation.polarisn_norm                    ? 
_diffrn_radiation.polarisn_ratio                   ? 
_diffrn_radiation.probe                            ? 
_diffrn_radiation.type                             ? 
_diffrn_radiation.xray_symbol                      ? 
_diffrn_radiation.wavelength_id                    1 
_diffrn_radiation.pdbx_monochromatic_or_laue_m_l   M 
_diffrn_radiation.pdbx_wavelength_list             ? 
_diffrn_radiation.pdbx_wavelength                  ? 
_diffrn_radiation.pdbx_diffrn_protocol             'SINGLE WAVELENGTH' 
_diffrn_radiation.pdbx_analyzer                    ? 
_diffrn_radiation.pdbx_scattering_type             x-ray 
# 
_diffrn_radiation_wavelength.id           1 
_diffrn_radiation_wavelength.wavelength   0.991870 
_diffrn_radiation_wavelength.wt           1.0 
# 
_diffrn_source.current                     ? 
_diffrn_source.details                     ? 
_diffrn_source.diffrn_id                   1 
_diffrn_source.power                       ? 
_diffrn_source.size                        ? 
_diffrn_source.source                      SYNCHROTRON 
_diffrn_source.target                      ? 
_diffrn_source.type                        'APS BEAMLINE 17-ID' 
_diffrn_source.voltage                     ? 
_diffrn_source.take-off_angle              ? 
_diffrn_source.pdbx_wavelength_list        0.991870 
_diffrn_source.pdbx_wavelength             ? 
_diffrn_source.pdbx_synchrotron_beamline   17-ID 
_diffrn_source.pdbx_synchrotron_site       APS 
# 
_reflns.B_iso_Wilson_estimate                          232.04 
_reflns.entry_id                                       9NMM 
_reflns.data_reduction_details                         ? 
_reflns.data_reduction_method                          ? 
_reflns.d_resolution_high                              4.857 
_reflns.d_resolution_low                               63.473 
_reflns.details                                        ? 
_reflns.limit_h_max                                    ? 
_reflns.limit_h_min                                    ? 
_reflns.limit_k_max                                    ? 
_reflns.limit_k_min                                    ? 
_reflns.limit_l_max                                    ? 
_reflns.limit_l_min                                    ? 
_reflns.number_all                                     ? 
_reflns.number_obs                                     1176 
_reflns.observed_criterion                             ? 
_reflns.observed_criterion_F_max                       ? 
_reflns.observed_criterion_F_min                       ? 
_reflns.observed_criterion_I_max                       ? 
_reflns.observed_criterion_I_min                       ? 
_reflns.observed_criterion_sigma_F                     ? 
_reflns.observed_criterion_sigma_I                     ? 
_reflns.percent_possible_obs                           84.4 
_reflns.R_free_details                                 ? 
_reflns.Rmerge_F_all                                   ? 
_reflns.Rmerge_F_obs                                   ? 
_reflns.Friedel_coverage                               ? 
_reflns.number_gt                                      ? 
_reflns.threshold_expression                           ? 
_reflns.pdbx_redundancy                                9.5 
_reflns.pdbx_netI_over_av_sigmaI                       ? 
_reflns.pdbx_netI_over_sigmaI                          6.5 
_reflns.pdbx_res_netI_over_av_sigmaI_2                 ? 
_reflns.pdbx_res_netI_over_sigmaI_2                    ? 
_reflns.pdbx_chi_squared                               ? 
_reflns.pdbx_scaling_rejects                           ? 
_reflns.pdbx_d_res_high_opt                            ? 
_reflns.pdbx_d_res_low_opt                             ? 
_reflns.pdbx_d_res_opt_method                          ? 
_reflns.phase_calculation_details                      ? 
_reflns.pdbx_Rrim_I_all                                ? 
_reflns.pdbx_Rpim_I_all                                ? 
_reflns.pdbx_d_opt                                     ? 
_reflns.pdbx_number_measured_all                       ? 
_reflns.pdbx_diffrn_id                                 1 
_reflns.pdbx_ordinal                                   1 
_reflns.pdbx_CC_half                                   .999 
_reflns.pdbx_CC_star                                   ? 
_reflns.pdbx_R_split                                   ? 
_reflns.pdbx_Rmerge_I_obs                              ? 
_reflns.pdbx_Rmerge_I_all                              ? 
_reflns.pdbx_Rsym_value                                ? 
_reflns.pdbx_CC_split_method                           ? 
_reflns.pdbx_aniso_diffraction_limit_axis_1_ortho[1]   ? 
_reflns.pdbx_aniso_diffraction_limit_axis_1_ortho[2]   ? 
_reflns.pdbx_aniso_diffraction_limit_axis_1_ortho[3]   ? 
_reflns.pdbx_aniso_diffraction_limit_axis_2_ortho[1]   ? 
_reflns.pdbx_aniso_diffraction_limit_axis_2_ortho[2]   ? 
_reflns.pdbx_aniso_diffraction_limit_axis_2_ortho[3]   ? 
_reflns.pdbx_aniso_diffraction_limit_axis_3_ortho[1]   ? 
_reflns.pdbx_aniso_diffraction_limit_axis_3_ortho[2]   ? 
_reflns.pdbx_aniso_diffraction_limit_axis_3_ortho[3]   ? 
_reflns.pdbx_aniso_diffraction_limit_1                 ? 
_reflns.pdbx_aniso_diffraction_limit_2                 ? 
_reflns.pdbx_aniso_diffraction_limit_3                 ? 
_reflns.pdbx_aniso_B_tensor_eigenvector_1_ortho[1]     ? 
_reflns.pdbx_aniso_B_tensor_eigenvector_1_ortho[2]     ? 
_reflns.pdbx_aniso_B_tensor_eigenvector_1_ortho[3]     ? 
_reflns.pdbx_aniso_B_tensor_eigenvector_2_ortho[1]     ? 
_reflns.pdbx_aniso_B_tensor_eigenvector_2_ortho[2]     ? 
_reflns.pdbx_aniso_B_tensor_eigenvector_2_ortho[3]     ? 
_reflns.pdbx_aniso_B_tensor_eigenvector_3_ortho[1]     ? 
_reflns.pdbx_aniso_B_tensor_eigenvector_3_ortho[2]     ? 
_reflns.pdbx_aniso_B_tensor_eigenvector_3_ortho[3]     ? 
_reflns.pdbx_aniso_B_tensor_eigenvalue_1               ? 
_reflns.pdbx_aniso_B_tensor_eigenvalue_2               ? 
_reflns.pdbx_aniso_B_tensor_eigenvalue_3               ? 
_reflns.pdbx_orthogonalization_convention              ? 
_reflns.pdbx_percent_possible_ellipsoidal              ? 
_reflns.pdbx_percent_possible_spherical                ? 
_reflns.pdbx_percent_possible_ellipsoidal_anomalous    ? 
_reflns.pdbx_percent_possible_spherical_anomalous      ? 
_reflns.pdbx_redundancy_anomalous                      ? 
_reflns.pdbx_CC_half_anomalous                         ? 
_reflns.pdbx_absDiff_over_sigma_anomalous              ? 
_reflns.pdbx_percent_possible_anomalous                ? 
_reflns.pdbx_observed_signal_threshold                 ? 
_reflns.pdbx_signal_type                               ? 
_reflns.pdbx_signal_details                            ? 
_reflns.pdbx_signal_software_id                        ? 
# 
loop_
_reflns_shell.d_res_high 
_reflns_shell.d_res_low 
_reflns_shell.meanI_over_sigI_all 
_reflns_shell.meanI_over_sigI_obs 
_reflns_shell.number_measured_all 
_reflns_shell.number_measured_obs 
_reflns_shell.number_possible 
_reflns_shell.number_unique_all 
_reflns_shell.number_unique_obs 
_reflns_shell.percent_possible_obs 
_reflns_shell.Rmerge_F_all 
_reflns_shell.Rmerge_F_obs 
_reflns_shell.meanI_over_sigI_gt 
_reflns_shell.meanI_over_uI_all 
_reflns_shell.meanI_over_uI_gt 
_reflns_shell.number_measured_gt 
_reflns_shell.number_unique_gt 
_reflns_shell.percent_possible_gt 
_reflns_shell.Rmerge_F_gt 
_reflns_shell.Rmerge_I_gt 
_reflns_shell.pdbx_redundancy 
_reflns_shell.pdbx_chi_squared 
_reflns_shell.pdbx_netI_over_sigmaI_all 
_reflns_shell.pdbx_netI_over_sigmaI_obs 
_reflns_shell.pdbx_Rrim_I_all 
_reflns_shell.pdbx_Rpim_I_all 
_reflns_shell.pdbx_rejects 
_reflns_shell.pdbx_ordinal 
_reflns_shell.pdbx_diffrn_id 
_reflns_shell.pdbx_CC_half 
_reflns_shell.pdbx_CC_star 
_reflns_shell.pdbx_R_split 
_reflns_shell.percent_possible_all 
_reflns_shell.Rmerge_I_all 
_reflns_shell.Rmerge_I_obs 
_reflns_shell.pdbx_Rsym_value 
_reflns_shell.pdbx_percent_possible_ellipsoidal 
_reflns_shell.pdbx_percent_possible_spherical 
_reflns_shell.pdbx_percent_possible_ellipsoidal_anomalous 
_reflns_shell.pdbx_percent_possible_spherical_anomalous 
_reflns_shell.pdbx_redundancy_anomalous 
_reflns_shell.pdbx_CC_half_anomalous 
_reflns_shell.pdbx_absDiff_over_sigma_anomalous 
_reflns_shell.pdbx_percent_possible_anomalous 
4.857  5.665  ? ? ? ? ? ? 198 ? ? ? ? ? ? ? ? ? ? ? ? ? ? ? ? ? ? 1 1 0.429 ? ? ? ? ? ? ? ? ? ? ? ? ? ? 
10.124 63.473 ? ? ? ? ? ? 195 ? ? ? ? ? ? ? ? ? ? ? ? ? ? ? ? ? ? 2 1 0.999 ? ? ? ? ? ? ? ? ? ? ? ? ? ? 
# 
_refine.aniso_B[1][1]                            ? 
_refine.aniso_B[1][2]                            ? 
_refine.aniso_B[1][3]                            ? 
_refine.aniso_B[2][2]                            ? 
_refine.aniso_B[2][3]                            ? 
_refine.aniso_B[3][3]                            ? 
_refine.B_iso_max                                ? 
_refine.B_iso_mean                               306.39 
_refine.B_iso_min                                ? 
_refine.correlation_coeff_Fo_to_Fc               ? 
_refine.correlation_coeff_Fo_to_Fc_free          ? 
_refine.details                                  ? 
_refine.diff_density_max                         ? 
_refine.diff_density_max_esd                     ? 
_refine.diff_density_min                         ? 
_refine.diff_density_min_esd                     ? 
_refine.diff_density_rms                         ? 
_refine.diff_density_rms_esd                     ? 
_refine.entry_id                                 9NMM 
_refine.pdbx_refine_id                           'X-RAY DIFFRACTION' 
_refine.ls_abs_structure_details                 ? 
_refine.ls_abs_structure_Flack                   ? 
_refine.ls_abs_structure_Flack_esd               ? 
_refine.ls_abs_structure_Rogers                  ? 
_refine.ls_abs_structure_Rogers_esd              ? 
_refine.ls_d_res_high                            4.86 
_refine.ls_d_res_low                             32.76 
_refine.ls_extinction_coef                       ? 
_refine.ls_extinction_coef_esd                   ? 
_refine.ls_extinction_expression                 ? 
_refine.ls_extinction_method                     ? 
_refine.ls_goodness_of_fit_all                   ? 
_refine.ls_goodness_of_fit_all_esd               ? 
_refine.ls_goodness_of_fit_obs                   ? 
_refine.ls_goodness_of_fit_obs_esd               ? 
_refine.ls_hydrogen_treatment                    ? 
_refine.ls_matrix_type                           ? 
_refine.ls_number_constraints                    ? 
_refine.ls_number_parameters                     ? 
_refine.ls_number_reflns_all                     ? 
_refine.ls_number_reflns_obs                     1170 
_refine.ls_number_reflns_R_free                  64 
_refine.ls_number_reflns_R_work                  1106 
_refine.ls_number_restraints                     ? 
_refine.ls_percent_reflns_obs                    65.69 
_refine.ls_percent_reflns_R_free                 5.47 
_refine.ls_R_factor_all                          ? 
_refine.ls_R_factor_obs                          0.1372 
_refine.ls_R_factor_R_free                       0.1722 
_refine.ls_R_factor_R_free_error                 ? 
_refine.ls_R_factor_R_free_error_details         ? 
_refine.ls_R_factor_R_work                       0.1353 
_refine.ls_R_Fsqd_factor_obs                     ? 
_refine.ls_R_I_factor_obs                        ? 
_refine.ls_redundancy_reflns_all                 ? 
_refine.ls_redundancy_reflns_obs                 ? 
_refine.ls_restrained_S_all                      ? 
_refine.ls_restrained_S_obs                      ? 
_refine.ls_shift_over_esd_max                    ? 
_refine.ls_shift_over_esd_mean                   ? 
_refine.ls_structure_factor_coef                 ? 
_refine.ls_weighting_details                     ? 
_refine.ls_weighting_scheme                      ? 
_refine.ls_wR_factor_all                         ? 
_refine.ls_wR_factor_obs                         ? 
_refine.ls_wR_factor_R_free                      ? 
_refine.ls_wR_factor_R_work                      ? 
_refine.occupancy_max                            ? 
_refine.occupancy_min                            ? 
_refine.solvent_model_details                    'FLAT BULK SOLVENT MODEL' 
_refine.solvent_model_param_bsol                 ? 
_refine.solvent_model_param_ksol                 ? 
_refine.correlation_coeff_I_to_Fcsqd_work        ? 
_refine.correlation_coeff_I_to_Fcsqd_free        ? 
_refine.pdbx_R_complete                          ? 
_refine.ls_R_factor_gt                           ? 
_refine.ls_goodness_of_fit_gt                    ? 
_refine.ls_goodness_of_fit_ref                   ? 
_refine.ls_shift_over_su_max                     ? 
_refine.ls_shift_over_su_max_lt                  ? 
_refine.ls_shift_over_su_mean                    ? 
_refine.ls_shift_over_su_mean_lt                 ? 
_refine.pdbx_ls_sigma_I                          ? 
_refine.pdbx_ls_sigma_F                          1.97 
_refine.pdbx_ls_sigma_Fsqd                       ? 
_refine.pdbx_data_cutoff_high_absF               ? 
_refine.pdbx_data_cutoff_high_rms_absF           ? 
_refine.pdbx_data_cutoff_low_absF                ? 
_refine.pdbx_isotropic_thermal_model             ? 
_refine.pdbx_ls_cross_valid_method               'FREE R-VALUE' 
_refine.pdbx_method_to_determine_struct          'MOLECULAR REPLACEMENT' 
_refine.pdbx_starting_model                      ? 
_refine.pdbx_stereochemistry_target_values       'GeoStd + Monomer Library + CDL v1.2' 
_refine.pdbx_R_Free_selection_details            ? 
_refine.pdbx_stereochem_target_val_spec_case     ? 
_refine.pdbx_overall_ESU_R                       ? 
_refine.pdbx_overall_ESU_R_Free                  ? 
_refine.pdbx_solvent_vdw_probe_radii             1.1000 
_refine.pdbx_solvent_ion_probe_radii             ? 
_refine.pdbx_solvent_shrinkage_radii             0.9000 
_refine.pdbx_real_space_R                        ? 
_refine.pdbx_density_correlation                 ? 
_refine.pdbx_pd_number_of_powder_patterns        ? 
_refine.pdbx_pd_number_of_points                 ? 
_refine.pdbx_pd_meas_number_of_points            ? 
_refine.pdbx_pd_proc_ls_prof_R_factor            ? 
_refine.pdbx_pd_proc_ls_prof_wR_factor           ? 
_refine.pdbx_pd_Marquardt_correlation_coeff      ? 
_refine.pdbx_pd_Fsqrd_R_factor                   ? 
_refine.pdbx_pd_ls_matrix_band_width             ? 
_refine.pdbx_overall_phase_error                 28.1676 
_refine.pdbx_overall_SU_R_free_Cruickshank_DPI   ? 
_refine.pdbx_overall_SU_R_free_Blow_DPI          ? 
_refine.pdbx_overall_SU_R_Blow_DPI               ? 
_refine.pdbx_TLS_residual_ADP_flag               ? 
_refine.pdbx_diffrn_id                           1 
_refine.overall_SU_B                             ? 
_refine.overall_SU_ML                            0.0000 
_refine.overall_SU_R_Cruickshank_DPI             ? 
_refine.overall_SU_R_free                        ? 
_refine.overall_FOM_free_R_set                   ? 
_refine.overall_FOM_work_R_set                   ? 
_refine.pdbx_average_fsc_overall                 ? 
_refine.pdbx_average_fsc_work                    ? 
_refine.pdbx_average_fsc_free                    ? 
# 
_refine_hist.pdbx_refine_id                   'X-RAY DIFFRACTION' 
_refine_hist.cycle_id                         LAST 
_refine_hist.details                          ? 
_refine_hist.d_res_high                       4.86 
_refine_hist.d_res_low                        32.76 
_refine_hist.number_atoms_solvent             0 
_refine_hist.number_atoms_total               855 
_refine_hist.number_reflns_all                ? 
_refine_hist.number_reflns_obs                ? 
_refine_hist.number_reflns_R_free             ? 
_refine_hist.number_reflns_R_work             ? 
_refine_hist.R_factor_all                     ? 
_refine_hist.R_factor_obs                     ? 
_refine_hist.R_factor_R_free                  ? 
_refine_hist.R_factor_R_work                  ? 
_refine_hist.pdbx_number_residues_total       ? 
_refine_hist.pdbx_B_iso_mean_ligand           ? 
_refine_hist.pdbx_B_iso_mean_solvent          ? 
_refine_hist.pdbx_number_atoms_protein        0 
_refine_hist.pdbx_number_atoms_nucleic_acid   855 
_refine_hist.pdbx_number_atoms_ligand         0 
_refine_hist.pdbx_number_atoms_lipid          ? 
_refine_hist.pdbx_number_atoms_carb           ? 
_refine_hist.pdbx_pseudo_atom_details         ? 
# 
loop_
_refine_ls_restr.pdbx_refine_id 
_refine_ls_restr.criterion 
_refine_ls_restr.dev_ideal 
_refine_ls_restr.dev_ideal_target 
_refine_ls_restr.number 
_refine_ls_restr.rejects 
_refine_ls_restr.type 
_refine_ls_restr.weight 
_refine_ls_restr.pdbx_restraint_function 
'X-RAY DIFFRACTION' ? 0.0070  ? 956  ? f_bond_d           ? ? 
'X-RAY DIFFRACTION' ? 0.8860  ? 1467 ? f_angle_d          ? ? 
'X-RAY DIFFRACTION' ? 0.0446  ? 166  ? f_chiral_restr     ? ? 
'X-RAY DIFFRACTION' ? 0.0055  ? 42   ? f_plane_restr      ? ? 
'X-RAY DIFFRACTION' ? 37.6706 ? 406  ? f_dihedral_angle_d ? ? 
# 
_refine_ls_shell.pdbx_refine_id                      'X-RAY DIFFRACTION' 
_refine_ls_shell.d_res_high                          4.86 
_refine_ls_shell.d_res_low                           32.76 
_refine_ls_shell.number_reflns_all                   ? 
_refine_ls_shell.number_reflns_obs                   ? 
_refine_ls_shell.number_reflns_R_free                64 
_refine_ls_shell.number_reflns_R_work                1106 
_refine_ls_shell.percent_reflns_obs                  65.69 
_refine_ls_shell.percent_reflns_R_free               ? 
_refine_ls_shell.R_factor_all                        ? 
_refine_ls_shell.R_factor_obs                        ? 
_refine_ls_shell.R_factor_R_free_error               ? 
_refine_ls_shell.R_factor_R_work                     0.1353 
_refine_ls_shell.redundancy_reflns_all               ? 
_refine_ls_shell.redundancy_reflns_obs               ? 
_refine_ls_shell.wR_factor_all                       ? 
_refine_ls_shell.wR_factor_obs                       ? 
_refine_ls_shell.wR_factor_R_free                    ? 
_refine_ls_shell.wR_factor_R_work                    ? 
_refine_ls_shell.pdbx_R_complete                     ? 
_refine_ls_shell.correlation_coeff_Fo_to_Fc          ? 
_refine_ls_shell.correlation_coeff_Fo_to_Fc_free     ? 
_refine_ls_shell.correlation_coeff_I_to_Fcsqd_work   ? 
_refine_ls_shell.correlation_coeff_I_to_Fcsqd_free   ? 
_refine_ls_shell.pdbx_total_number_of_bins_used      ? 
_refine_ls_shell.pdbx_phase_error                    ? 
_refine_ls_shell.pdbx_fsc_work                       ? 
_refine_ls_shell.pdbx_fsc_free                       ? 
_refine_ls_shell.R_factor_R_free                     0.1722 
# 
_struct.entry_id                     9NMM 
_struct.title                        
'[4,7,9-1] Shifted tensegrity triangle with an (arm,center,arm) distribution of (4,7,9) base pairs and 1 nt sticky ends' 
_struct.pdbx_model_details           ? 
_struct.pdbx_formula_weight          ? 
_struct.pdbx_formula_weight_method   ? 
_struct.pdbx_model_type_details      ? 
_struct.pdbx_CASP_flag               N 
# 
_struct_keywords.entry_id        9NMM 
_struct_keywords.text            'tensegrity triangle, DNA' 
_struct_keywords.pdbx_keywords   DNA 
# 
loop_
_struct_asym.id 
_struct_asym.pdbx_blank_PDB_chainid_flag 
_struct_asym.pdbx_modified 
_struct_asym.entity_id 
_struct_asym.details 
A N N 1 ? 
B N N 2 ? 
C N N 3 ? 
D N N 4 ? 
# 
loop_
_struct_ref.id 
_struct_ref.db_name 
_struct_ref.db_code 
_struct_ref.pdbx_db_accession 
_struct_ref.pdbx_db_isoform 
_struct_ref.entity_id 
_struct_ref.pdbx_seq_one_letter_code 
_struct_ref.pdbx_align_begin 
1 PDB 9NMM 9NMM ? 1 ? 1 
2 PDB 9NMM 9NMM ? 2 ? 1 
3 PDB 9NMM 9NMM ? 3 ? 1 
4 PDB 9NMM 9NMM ? 4 ? 1 
# 
loop_
_struct_ref_seq.align_id 
_struct_ref_seq.ref_id 
_struct_ref_seq.pdbx_PDB_id_code 
_struct_ref_seq.pdbx_strand_id 
_struct_ref_seq.seq_align_beg 
_struct_ref_seq.pdbx_seq_align_beg_ins_code 
_struct_ref_seq.seq_align_end 
_struct_ref_seq.pdbx_seq_align_end_ins_code 
_struct_ref_seq.pdbx_db_accession 
_struct_ref_seq.db_align_beg 
_struct_ref_seq.pdbx_db_align_beg_ins_code 
_struct_ref_seq.db_align_end 
_struct_ref_seq.pdbx_db_align_end_ins_code 
_struct_ref_seq.pdbx_auth_seq_align_beg 
_struct_ref_seq.pdbx_auth_seq_align_end 
1 1 9NMM A 1 ? 9  ? 9NMM 104 ? 112 ? 104 112 
2 2 9NMM B 1 ? 7  ? 9NMM 105 ? 114 ? 105 114 
3 3 9NMM C 1 ? 14 ? 9NMM 99  ? 112 ? 99  112 
4 4 9NMM D 1 ? 12 ? 9NMM 113 ? 124 ? 113 124 
# 
_pdbx_struct_assembly.id                   1 
_pdbx_struct_assembly.details              author_defined_assembly 
_pdbx_struct_assembly.method_details       ? 
_pdbx_struct_assembly.oligomeric_details   dodecameric 
_pdbx_struct_assembly.oligomeric_count     12 
# 
loop_
_pdbx_struct_assembly_gen.assembly_id 
_pdbx_struct_assembly_gen.oper_expression 
_pdbx_struct_assembly_gen.asym_id_list 
1 1 A,B,C,D 
1 2 A,B,C,D 
1 3 A,B,C,D 
# 
_pdbx_struct_assembly_auth_evidence.id                     1 
_pdbx_struct_assembly_auth_evidence.assembly_id            1 
_pdbx_struct_assembly_auth_evidence.experimental_support   'native gel electrophoresis' 
_pdbx_struct_assembly_auth_evidence.details                ? 
# 
loop_
_pdbx_struct_oper_list.id 
_pdbx_struct_oper_list.type 
_pdbx_struct_oper_list.name 
_pdbx_struct_oper_list.symmetry_operation 
_pdbx_struct_oper_list.matrix[1][1] 
_pdbx_struct_oper_list.matrix[1][2] 
_pdbx_struct_oper_list.matrix[1][3] 
_pdbx_struct_oper_list.vector[1] 
_pdbx_struct_oper_list.matrix[2][1] 
_pdbx_struct_oper_list.matrix[2][2] 
_pdbx_struct_oper_list.matrix[2][3] 
_pdbx_struct_oper_list.vector[2] 
_pdbx_struct_oper_list.matrix[3][1] 
_pdbx_struct_oper_list.matrix[3][2] 
_pdbx_struct_oper_list.matrix[3][3] 
_pdbx_struct_oper_list.vector[3] 
1 'identity operation'         1_555 x,y,z     1.0000000000  0.0000000000  0.0000000000  0.0000000000   0.0000000000  1.0000000000  0.0000000000 0.0000000000  0.0000000000  0.0000000000 1.0000000000 0.0000000000  
2 'crystal symmetry operation' 2_555 -y,x-y,z  -0.4999667165 0.8660444788  -0.0004931232 -33.1398618856 -0.8659211403 -0.4998857364 0.0171705968 16.9953959013 0.0146239953  0.0090117327 0.9998524528 0.0077727969  
3 'crystal symmetry operation' 3_555 -x+y,-x,z -0.4999667165 -0.8659211403 0.0146239953  -1.8522690015  0.8660444788  -0.4998857364 0.0090117327 37.1962803627 -0.0004931232 0.0171705968 0.9998524528 -0.3159347738 
# 
loop_
_struct_conn.id 
_struct_conn.conn_type_id 
_struct_conn.pdbx_leaving_atom_flag 
_struct_conn.pdbx_PDB_id 
_struct_conn.ptnr1_label_asym_id 
_struct_conn.ptnr1_label_comp_id 
_struct_conn.ptnr1_label_seq_id 
_struct_conn.ptnr1_label_atom_id 
_struct_conn.pdbx_ptnr1_label_alt_id 
_struct_conn.pdbx_ptnr1_PDB_ins_code 
_struct_conn.pdbx_ptnr1_standard_comp_id 
_struct_conn.ptnr1_symmetry 
_struct_conn.ptnr2_label_asym_id 
_struct_conn.ptnr2_label_comp_id 
_struct_conn.ptnr2_label_seq_id 
_struct_conn.ptnr2_label_atom_id 
_struct_conn.pdbx_ptnr2_label_alt_id 
_struct_conn.pdbx_ptnr2_PDB_ins_code 
_struct_conn.ptnr1_auth_asym_id 
_struct_conn.ptnr1_auth_comp_id 
_struct_conn.ptnr1_auth_seq_id 
_struct_conn.ptnr2_auth_asym_id 
_struct_conn.ptnr2_auth_comp_id 
_struct_conn.ptnr2_auth_seq_id 
_struct_conn.ptnr2_symmetry 
_struct_conn.pdbx_ptnr3_label_atom_id 
_struct_conn.pdbx_ptnr3_label_seq_id 
_struct_conn.pdbx_ptnr3_label_comp_id 
_struct_conn.pdbx_ptnr3_label_asym_id 
_struct_conn.pdbx_ptnr3_label_alt_id 
_struct_conn.pdbx_ptnr3_PDB_ins_code 
_struct_conn.details 
_struct_conn.pdbx_dist_value 
_struct_conn.pdbx_value_order 
_struct_conn.pdbx_role 
hydrog1  hydrog ? ? A DC 2  N3 ? ? ? 1_555 C DG 14 N1 ? ? A DC 105 C DG 112 1_555 ? ? ? ? ? ? WATSON-CRICK    ? ? ? 
hydrog2  hydrog ? ? A DC 2  N4 ? ? ? 1_555 C DG 14 O6 ? ? A DC 105 C DG 112 1_555 ? ? ? ? ? ? WATSON-CRICK    ? ? ? 
hydrog3  hydrog ? ? A DC 2  O2 ? ? ? 1_555 C DG 14 N2 ? ? A DC 105 C DG 112 1_555 ? ? ? ? ? ? WATSON-CRICK    ? ? ? 
hydrog4  hydrog ? ? A DA 3  N1 ? ? ? 1_555 C DT 13 N3 ? ? A DA 106 C DT 111 1_555 ? ? ? ? ? ? WATSON-CRICK    ? ? ? 
hydrog5  hydrog ? ? A DA 3  N6 ? ? ? 1_555 C DT 13 O4 ? ? A DA 106 C DT 111 1_555 ? ? ? ? ? ? WATSON-CRICK    ? ? ? 
hydrog6  hydrog ? ? A DC 4  N3 ? ? ? 1_555 C DG 12 N1 ? ? A DC 107 C DG 110 1_555 ? ? ? ? ? ? WATSON-CRICK    ? ? ? 
hydrog7  hydrog ? ? A DC 4  N4 ? ? ? 1_555 C DG 12 O6 ? ? A DC 107 C DG 110 1_555 ? ? ? ? ? ? WATSON-CRICK    ? ? ? 
hydrog8  hydrog ? ? A DC 4  O2 ? ? ? 1_555 C DG 12 N2 ? ? A DC 107 C DG 110 1_555 ? ? ? ? ? ? WATSON-CRICK    ? ? ? 
hydrog9  hydrog ? ? A DC 5  N3 ? ? ? 1_555 C DG 11 N1 ? ? A DC 108 C DG 109 1_555 ? ? ? ? ? ? WATSON-CRICK    ? ? ? 
hydrog10 hydrog ? ? A DC 5  N4 ? ? ? 1_555 C DG 11 O6 ? ? A DC 108 C DG 109 1_555 ? ? ? ? ? ? WATSON-CRICK    ? ? ? 
hydrog11 hydrog ? ? A DC 5  O2 ? ? ? 1_555 C DG 11 N2 ? ? A DC 108 C DG 109 1_555 ? ? ? ? ? ? WATSON-CRICK    ? ? ? 
hydrog12 hydrog ? ? A DT 6  N3 ? ? ? 1_555 B DA 3  N1 ? ? A DT 109 B DA 107 1_555 ? ? ? ? ? ? WATSON-CRICK    ? ? ? 
hydrog13 hydrog ? ? A DT 6  O4 ? ? ? 1_555 B DA 3  N6 ? ? A DT 109 B DA 107 1_555 ? ? ? ? ? ? WATSON-CRICK    ? ? ? 
hydrog14 hydrog ? ? A DG 7  N1 ? ? ? 1_555 B DA 1  N1 ? ? A DG 110 B DA 105 1_555 ? ? ? ? ? ? TYPE_8_PAIR     ? ? ? 
hydrog15 hydrog ? ? A DG 7  O6 ? ? ? 1_555 B DA 1  N6 ? ? A DG 110 B DA 105 1_555 ? ? ? ? ? ? TYPE_8_PAIR     ? ? ? 
hydrog16 hydrog ? ? A DG 7  N1 ? ? ? 1_555 B DC 2  N3 ? ? A DG 110 B DC 106 1_555 ? ? ? ? ? ? WATSON-CRICK    ? ? ? 
hydrog17 hydrog ? ? A DG 7  N2 ? ? ? 1_555 B DC 2  O2 ? ? A DG 110 B DC 106 1_555 ? ? ? ? ? ? WATSON-CRICK    ? ? ? 
hydrog18 hydrog ? ? A DG 7  O6 ? ? ? 1_555 B DC 2  N4 ? ? A DG 110 B DC 106 1_555 ? ? ? ? ? ? WATSON-CRICK    ? ? ? 
hydrog19 hydrog ? ? A DT 8  N3 ? ? ? 1_555 B DA 1  N1 ? ? A DT 111 B DA 105 1_555 ? ? ? ? ? ? WATSON-CRICK    ? ? ? 
hydrog20 hydrog ? ? A DT 8  O4 ? ? ? 1_555 B DA 1  N6 ? ? A DT 111 B DA 105 1_555 ? ? ? ? ? ? WATSON-CRICK    ? ? ? 
hydrog21 hydrog ? ? B DC 4  N3 ? ? ? 1_555 D DG 3  N1 ? ? B DC 111 D DG 115 1_555 ? ? ? ? ? ? WATSON-CRICK    ? ? ? 
hydrog22 hydrog ? ? B DC 4  N4 ? ? ? 1_555 D DG 3  O6 ? ? B DC 111 D DG 115 1_555 ? ? ? ? ? ? WATSON-CRICK    ? ? ? 
hydrog23 hydrog ? ? B DC 4  O2 ? ? ? 1_555 D DG 3  N2 ? ? B DC 111 D DG 115 1_555 ? ? ? ? ? ? WATSON-CRICK    ? ? ? 
hydrog24 hydrog ? ? B DC 5  N3 ? ? ? 1_555 D DG 2  N1 ? ? B DC 112 D DG 114 1_555 ? ? ? ? ? ? WATSON-CRICK    ? ? ? 
hydrog25 hydrog ? ? B DC 5  N4 ? ? ? 1_555 D DG 2  O6 ? ? B DC 112 D DG 114 1_555 ? ? ? ? ? ? WATSON-CRICK    ? ? ? 
hydrog26 hydrog ? ? B DC 5  O2 ? ? ? 1_555 D DG 2  N2 ? ? B DC 112 D DG 114 1_555 ? ? ? ? ? ? WATSON-CRICK    ? ? ? 
hydrog27 hydrog ? ? B DG 6  N2 ? ? ? 1_555 D DC 1  N3 ? ? B DG 113 D DC 113 1_555 ? ? ? ? ? ? 'DG-DC PAIR'    ? ? ? 
hydrog28 hydrog ? ? C DC 1  N3 ? ? ? 1_555 D DA 12 N6 ? ? C DC 99  D DA 124 1_555 ? ? ? ? ? ? 'DC-DA MISPAIR' ? ? ? 
hydrog29 hydrog ? ? C DT 2  N3 ? ? ? 1_555 D DA 12 N1 ? ? C DT 100 D DA 124 1_555 ? ? ? ? ? ? WATSON-CRICK    ? ? ? 
hydrog30 hydrog ? ? C DT 2  O4 ? ? ? 1_555 D DA 12 N6 ? ? C DT 100 D DA 124 1_555 ? ? ? ? ? ? WATSON-CRICK    ? ? ? 
hydrog31 hydrog ? ? C DG 3  N1 ? ? ? 1_555 D DC 11 N3 ? ? C DG 101 D DC 123 1_555 ? ? ? ? ? ? WATSON-CRICK    ? ? ? 
hydrog32 hydrog ? ? C DG 3  N2 ? ? ? 1_555 D DC 11 O2 ? ? C DG 101 D DC 123 1_555 ? ? ? ? ? ? WATSON-CRICK    ? ? ? 
hydrog33 hydrog ? ? C DG 3  O6 ? ? ? 1_555 D DC 11 N4 ? ? C DG 101 D DC 123 1_555 ? ? ? ? ? ? WATSON-CRICK    ? ? ? 
hydrog34 hydrog ? ? C DC 4  N3 ? ? ? 1_555 D DG 10 N1 ? ? C DC 102 D DG 122 1_555 ? ? ? ? ? ? WATSON-CRICK    ? ? ? 
hydrog35 hydrog ? ? C DC 4  N4 ? ? ? 1_555 D DG 10 O6 ? ? C DC 102 D DG 122 1_555 ? ? ? ? ? ? WATSON-CRICK    ? ? ? 
hydrog36 hydrog ? ? C DC 4  O2 ? ? ? 1_555 D DG 10 N2 ? ? C DC 102 D DG 122 1_555 ? ? ? ? ? ? WATSON-CRICK    ? ? ? 
hydrog37 hydrog ? ? C DT 5  N3 ? ? ? 1_555 D DA 9  N1 ? ? C DT 103 D DA 121 1_555 ? ? ? ? ? ? WATSON-CRICK    ? ? ? 
hydrog38 hydrog ? ? C DT 5  O4 ? ? ? 1_555 D DA 9  N6 ? ? C DT 103 D DA 121 1_555 ? ? ? ? ? ? WATSON-CRICK    ? ? ? 
hydrog39 hydrog ? ? C DA 6  N1 ? ? ? 1_555 D DT 8  N3 ? ? C DA 104 D DT 120 1_555 ? ? ? ? ? ? WATSON-CRICK    ? ? ? 
hydrog40 hydrog ? ? C DA 6  N6 ? ? ? 1_555 D DT 8  O4 ? ? C DA 104 D DT 120 1_555 ? ? ? ? ? ? WATSON-CRICK    ? ? ? 
hydrog41 hydrog ? ? C DC 7  N3 ? ? ? 1_555 D DG 7  N1 ? ? C DC 105 D DG 119 1_555 ? ? ? ? ? ? WATSON-CRICK    ? ? ? 
hydrog42 hydrog ? ? C DC 7  N4 ? ? ? 1_555 D DG 7  O6 ? ? C DC 105 D DG 119 1_555 ? ? ? ? ? ? WATSON-CRICK    ? ? ? 
hydrog43 hydrog ? ? C DC 7  O2 ? ? ? 1_555 D DG 7  N2 ? ? C DC 105 D DG 119 1_555 ? ? ? ? ? ? WATSON-CRICK    ? ? ? 
hydrog44 hydrog ? ? C DT 8  N3 ? ? ? 1_555 D DA 6  N1 ? ? C DT 106 D DA 118 1_555 ? ? ? ? ? ? WATSON-CRICK    ? ? ? 
hydrog45 hydrog ? ? C DT 8  O4 ? ? ? 1_555 D DA 6  N6 ? ? C DT 106 D DA 118 1_555 ? ? ? ? ? ? WATSON-CRICK    ? ? ? 
hydrog46 hydrog ? ? C DG 9  N1 ? ? ? 1_555 D DC 5  N3 ? ? C DG 107 D DC 117 1_555 ? ? ? ? ? ? WATSON-CRICK    ? ? ? 
hydrog47 hydrog ? ? C DG 9  N2 ? ? ? 1_555 D DC 5  O2 ? ? C DG 107 D DC 117 1_555 ? ? ? ? ? ? WATSON-CRICK    ? ? ? 
hydrog48 hydrog ? ? C DG 9  O6 ? ? ? 1_555 D DC 5  N4 ? ? C DG 107 D DC 117 1_555 ? ? ? ? ? ? WATSON-CRICK    ? ? ? 
hydrog49 hydrog ? ? C DT 10 N3 ? ? ? 1_555 D DA 4  N1 ? ? C DT 108 D DA 116 1_555 ? ? ? ? ? ? WATSON-CRICK    ? ? ? 
hydrog50 hydrog ? ? C DT 10 O4 ? ? ? 1_555 D DA 4  N6 ? ? C DT 108 D DA 116 1_555 ? ? ? ? ? ? WATSON-CRICK    ? ? ? 
# 
_struct_conn_type.id          hydrog 
_struct_conn_type.criteria    ? 
_struct_conn_type.reference   ? 
# 
_pdbx_entry_details.entry_id                   9NMM 
_pdbx_entry_details.compound_details           ? 
_pdbx_entry_details.source_details             ? 
_pdbx_entry_details.nonpolymer_details         ? 
_pdbx_entry_details.sequence_details           ? 
_pdbx_entry_details.has_ligand_of_interest     ? 
_pdbx_entry_details.has_protein_modification   N 
# 
loop_
_pdbx_validate_rmsd_angle.id 
_pdbx_validate_rmsd_angle.PDB_model_num 
_pdbx_validate_rmsd_angle.auth_atom_id_1 
_pdbx_validate_rmsd_angle.auth_asym_id_1 
_pdbx_validate_rmsd_angle.auth_comp_id_1 
_pdbx_validate_rmsd_angle.auth_seq_id_1 
_pdbx_validate_rmsd_angle.PDB_ins_code_1 
_pdbx_validate_rmsd_angle.label_alt_id_1 
_pdbx_validate_rmsd_angle.auth_atom_id_2 
_pdbx_validate_rmsd_angle.auth_asym_id_2 
_pdbx_validate_rmsd_angle.auth_comp_id_2 
_pdbx_validate_rmsd_angle.auth_seq_id_2 
_pdbx_validate_rmsd_angle.PDB_ins_code_2 
_pdbx_validate_rmsd_angle.label_alt_id_2 
_pdbx_validate_rmsd_angle.auth_atom_id_3 
_pdbx_validate_rmsd_angle.auth_asym_id_3 
_pdbx_validate_rmsd_angle.auth_comp_id_3 
_pdbx_validate_rmsd_angle.auth_seq_id_3 
_pdbx_validate_rmsd_angle.PDB_ins_code_3 
_pdbx_validate_rmsd_angle.label_alt_id_3 
_pdbx_validate_rmsd_angle.angle_value 
_pdbx_validate_rmsd_angle.angle_target_value 
_pdbx_validate_rmsd_angle.angle_deviation 
_pdbx_validate_rmsd_angle.angle_standard_deviation 
_pdbx_validate_rmsd_angle.linker_flag 
1 1 "O4'" A DT 111 ? ? "C1'" A DT 111 ? ? N1    A DT 111 ? ? 110.44 108.30 2.14  0.30 N 
2 1 "C3'" B DC 106 ? ? "C2'" B DC 106 ? ? "C1'" B DC 106 ? ? 97.07  102.40 -5.33 0.80 N 
3 1 "O4'" C DT 106 ? ? "C1'" C DT 106 ? ? N1    C DT 106 ? ? 110.37 108.30 2.07  0.30 N 
# 
loop_
_space_group_symop.id 
_space_group_symop.operation_xyz 
1 x,y,z                 
2 -y,x-y,z              
3 -x+y,-x,z             
4 x+1/3,y+2/3,z+2/3     
5 -y+1/3,x-y+2/3,z+2/3  
6 -x+y+1/3,-x+2/3,z+2/3 
7 x+2/3,y+1/3,z+1/3     
8 -y+2/3,x-y+1/3,z+1/3  
9 -x+y+2/3,-x+1/3,z+1/3 
# 
loop_
_pdbx_refine_tls.id 
_pdbx_refine_tls.pdbx_refine_id 
_pdbx_refine_tls.details 
_pdbx_refine_tls.method 
_pdbx_refine_tls.origin_x 
_pdbx_refine_tls.origin_y 
_pdbx_refine_tls.origin_z 
_pdbx_refine_tls.T[1][1] 
_pdbx_refine_tls.T[1][1]_esd 
_pdbx_refine_tls.T[1][2] 
_pdbx_refine_tls.T[1][2]_esd 
_pdbx_refine_tls.T[1][3] 
_pdbx_refine_tls.T[1][3]_esd 
_pdbx_refine_tls.T[2][2] 
_pdbx_refine_tls.T[2][2]_esd 
_pdbx_refine_tls.T[2][3] 
_pdbx_refine_tls.T[2][3]_esd 
_pdbx_refine_tls.T[3][3] 
_pdbx_refine_tls.T[3][3]_esd 
_pdbx_refine_tls.L[1][1] 
_pdbx_refine_tls.L[1][1]_esd 
_pdbx_refine_tls.L[1][2] 
_pdbx_refine_tls.L[1][2]_esd 
_pdbx_refine_tls.L[1][3] 
_pdbx_refine_tls.L[1][3]_esd 
_pdbx_refine_tls.L[2][2] 
_pdbx_refine_tls.L[2][2]_esd 
_pdbx_refine_tls.L[2][3] 
_pdbx_refine_tls.L[2][3]_esd 
_pdbx_refine_tls.L[3][3] 
_pdbx_refine_tls.L[3][3]_esd 
_pdbx_refine_tls.S[1][1] 
_pdbx_refine_tls.S[1][1]_esd 
_pdbx_refine_tls.S[1][2] 
_pdbx_refine_tls.S[1][2]_esd 
_pdbx_refine_tls.S[1][3] 
_pdbx_refine_tls.S[1][3]_esd 
_pdbx_refine_tls.S[2][1] 
_pdbx_refine_tls.S[2][1]_esd 
_pdbx_refine_tls.S[2][2] 
_pdbx_refine_tls.S[2][2]_esd 
_pdbx_refine_tls.S[2][3] 
_pdbx_refine_tls.S[2][3]_esd 
_pdbx_refine_tls.S[3][1] 
_pdbx_refine_tls.S[3][1]_esd 
_pdbx_refine_tls.S[3][2] 
_pdbx_refine_tls.S[3][2]_esd 
_pdbx_refine_tls.S[3][3] 
_pdbx_refine_tls.S[3][3]_esd 
1 'X-RAY DIFFRACTION' ? refined -9.587044717770 -0.7051178303 11.1835009510 3.13504989667 ? -0.170663167089 ? -0.919440287206 ? 3.47549616903 ? 0.255829225010 ? 3.06822129929 ? 9.31943703197 ? -4.91992961148  ? -1.22189244921 ? 2.74624189494 ? 0.062354839424 ? 3.7104705454  ? 1.65543830177  ? -3.52365783505  ? -2.52056772592 ? 1.08050178453  ? 1.08319419307  ? -1.49745336817  ? 1.99384737845  ? -1.80803944093 ? -1.96791810407 ? 
2 'X-RAY DIFFRACTION' ? refined -2.02125433327  9.19611454799 3.4732358888  2.35502047856 ? 0.2974063288    ? -1.46374932748  ? 3.51392157622 ? -1.69418541907 ? 3.89832771493 ? 4.8045492316  ? 3.3134520151    ? -4.87008378178 ? 9.55854569727 ? 1.16221135967  ? 7.89353208564 ? -0.09359277252 ? 1.68303893155   ? 1.62245226847  ? -3.67874737167 ? 1.93478782606  ? 2.19282524679   ? -1.37712873884 ? 1.3322568084   ? 2.63151135374  ? 
3 'X-RAY DIFFRACTION' ? refined 3.5933232364    -4.188086657  -2.5710647105 3.24536225230 ? 1.21277504502   ? -0.295022833558 ? 1.95102523106 ? -1.93600337294 ? 3.83639052034 ? 8.82384505183 ? 7.80154324549   ? 1.28018812613  ? 8.82637601070 ? -1.76277015415 ? 3.09105926004 ? -1.23382562761 ? -0.204634582876 ? -4.19322508707 ? -2.99250518400 ? -1.44028919383 ? -1.141862734561 ? -1.49184454801 ? 0.349199356829 ? -1.14452918468 ? 
4 'X-RAY DIFFRACTION' ? refined 3.8941887567    0.2440698792  -7.0781013132 3.12604438071 ? 0.068173715331  ? -0.035333306648 ? 2.69185057019 ? -1.19463294797 ? 4.81945286498 ? 3.91975655192 ? -0.160946926055 ? -3.1607034328  ? 3.01332739010 ? -1.98180482876 ? 3.7282486617  ? 0.128009850196 ? 1.36882247002   ? -1.7880372492  ? -1.80259831129 ? 2.10030594171  ? -3.71670956215  ? 2.01457091029  ? 0.598090646708 ? -2.8460121108  ? 
# 
loop_
_pdbx_refine_tls_group.id 
_pdbx_refine_tls_group.pdbx_refine_id 
_pdbx_refine_tls_group.refine_tls_id 
_pdbx_refine_tls_group.beg_label_asym_id 
_pdbx_refine_tls_group.beg_label_seq_id 
_pdbx_refine_tls_group.beg_auth_asym_id 
_pdbx_refine_tls_group.beg_auth_seq_id 
_pdbx_refine_tls_group.beg_PDB_ins_code 
_pdbx_refine_tls_group.end_label_asym_id 
_pdbx_refine_tls_group.end_label_seq_id 
_pdbx_refine_tls_group.end_auth_asym_id 
_pdbx_refine_tls_group.end_auth_seq_id 
_pdbx_refine_tls_group.end_PDB_ins_code 
_pdbx_refine_tls_group.selection 
_pdbx_refine_tls_group.selection_details 
1 'X-RAY DIFFRACTION' 1 A ? A 104 ? A ? A 112 ? ? 
;chain 'A' and (resid 104 through 112 )
;
2 'X-RAY DIFFRACTION' 2 B ? B 105 ? B ? B 114 ? ? 
;chain 'B' and (resid 105 through 114 )
;
3 'X-RAY DIFFRACTION' 3 C ? C 99  ? C ? C 112 ? ? 
;chain 'C' and (resid 99 through 112 )
;
4 'X-RAY DIFFRACTION' 4 D ? D 113 ? D ? D 124 ? ? 
;chain 'D' and (resid 113 through 124 )
;
# 
loop_
_chem_comp_atom.comp_id 
_chem_comp_atom.atom_id 
_chem_comp_atom.type_symbol 
_chem_comp_atom.pdbx_aromatic_flag 
_chem_comp_atom.pdbx_stereo_config 
_chem_comp_atom.pdbx_ordinal 
DA OP3    O N N 1   
DA P      P N N 2   
DA OP1    O N N 3   
DA OP2    O N N 4   
DA "O5'"  O N N 5   
DA "C5'"  C N N 6   
DA "C4'"  C N R 7   
DA "O4'"  O N N 8   
DA "C3'"  C N S 9   
DA "O3'"  O N N 10  
DA "C2'"  C N N 11  
DA "C1'"  C N R 12  
DA N9     N Y N 13  
DA C8     C Y N 14  
DA N7     N Y N 15  
DA C5     C Y N 16  
DA C6     C Y N 17  
DA N6     N N N 18  
DA N1     N Y N 19  
DA C2     C Y N 20  
DA N3     N Y N 21  
DA C4     C Y N 22  
DA HOP3   H N N 23  
DA HOP2   H N N 24  
DA "H5'"  H N N 25  
DA "H5''" H N N 26  
DA "H4'"  H N N 27  
DA "H3'"  H N N 28  
DA "HO3'" H N N 29  
DA "H2'"  H N N 30  
DA "H2''" H N N 31  
DA "H1'"  H N N 32  
DA H8     H N N 33  
DA H61    H N N 34  
DA H62    H N N 35  
DA H2     H N N 36  
DC OP3    O N N 37  
DC P      P N N 38  
DC OP1    O N N 39  
DC OP2    O N N 40  
DC "O5'"  O N N 41  
DC "C5'"  C N N 42  
DC "C4'"  C N R 43  
DC "O4'"  O N N 44  
DC "C3'"  C N S 45  
DC "O3'"  O N N 46  
DC "C2'"  C N N 47  
DC "C1'"  C N R 48  
DC N1     N N N 49  
DC C2     C N N 50  
DC O2     O N N 51  
DC N3     N N N 52  
DC C4     C N N 53  
DC N4     N N N 54  
DC C5     C N N 55  
DC C6     C N N 56  
DC HOP3   H N N 57  
DC HOP2   H N N 58  
DC "H5'"  H N N 59  
DC "H5''" H N N 60  
DC "H4'"  H N N 61  
DC "H3'"  H N N 62  
DC "HO3'" H N N 63  
DC "H2'"  H N N 64  
DC "H2''" H N N 65  
DC "H1'"  H N N 66  
DC H41    H N N 67  
DC H42    H N N 68  
DC H5     H N N 69  
DC H6     H N N 70  
DG OP3    O N N 71  
DG P      P N N 72  
DG OP1    O N N 73  
DG OP2    O N N 74  
DG "O5'"  O N N 75  
DG "C5'"  C N N 76  
DG "C4'"  C N R 77  
DG "O4'"  O N N 78  
DG "C3'"  C N S 79  
DG "O3'"  O N N 80  
DG "C2'"  C N N 81  
DG "C1'"  C N R 82  
DG N9     N Y N 83  
DG C8     C Y N 84  
DG N7     N Y N 85  
DG C5     C Y N 86  
DG C6     C N N 87  
DG O6     O N N 88  
DG N1     N N N 89  
DG C2     C N N 90  
DG N2     N N N 91  
DG N3     N N N 92  
DG C4     C Y N 93  
DG HOP3   H N N 94  
DG HOP2   H N N 95  
DG "H5'"  H N N 96  
DG "H5''" H N N 97  
DG "H4'"  H N N 98  
DG "H3'"  H N N 99  
DG "HO3'" H N N 100 
DG "H2'"  H N N 101 
DG "H2''" H N N 102 
DG "H1'"  H N N 103 
DG H8     H N N 104 
DG H1     H N N 105 
DG H21    H N N 106 
DG H22    H N N 107 
DT OP3    O N N 108 
DT P      P N N 109 
DT OP1    O N N 110 
DT OP2    O N N 111 
DT "O5'"  O N N 112 
DT "C5'"  C N N 113 
DT "C4'"  C N R 114 
DT "O4'"  O N N 115 
DT "C3'"  C N S 116 
DT "O3'"  O N N 117 
DT "C2'"  C N N 118 
DT "C1'"  C N R 119 
DT N1     N N N 120 
DT C2     C N N 121 
DT O2     O N N 122 
DT N3     N N N 123 
DT C4     C N N 124 
DT O4     O N N 125 
DT C5     C N N 126 
DT C7     C N N 127 
DT C6     C N N 128 
DT HOP3   H N N 129 
DT HOP2   H N N 130 
DT "H5'"  H N N 131 
DT "H5''" H N N 132 
DT "H4'"  H N N 133 
DT "H3'"  H N N 134 
DT "HO3'" H N N 135 
DT "H2'"  H N N 136 
DT "H2''" H N N 137 
DT "H1'"  H N N 138 
DT H3     H N N 139 
DT H71    H N N 140 
DT H72    H N N 141 
DT H73    H N N 142 
DT H6     H N N 143 
# 
loop_
_chem_comp_bond.comp_id 
_chem_comp_bond.atom_id_1 
_chem_comp_bond.atom_id_2 
_chem_comp_bond.value_order 
_chem_comp_bond.pdbx_aromatic_flag 
_chem_comp_bond.pdbx_stereo_config 
_chem_comp_bond.pdbx_ordinal 
DA OP3   P      sing N N 1   
DA OP3   HOP3   sing N N 2   
DA P     OP1    doub N N 3   
DA P     OP2    sing N N 4   
DA P     "O5'"  sing N N 5   
DA OP2   HOP2   sing N N 6   
DA "O5'" "C5'"  sing N N 7   
DA "C5'" "C4'"  sing N N 8   
DA "C5'" "H5'"  sing N N 9   
DA "C5'" "H5''" sing N N 10  
DA "C4'" "O4'"  sing N N 11  
DA "C4'" "C3'"  sing N N 12  
DA "C4'" "H4'"  sing N N 13  
DA "O4'" "C1'"  sing N N 14  
DA "C3'" "O3'"  sing N N 15  
DA "C3'" "C2'"  sing N N 16  
DA "C3'" "H3'"  sing N N 17  
DA "O3'" "HO3'" sing N N 18  
DA "C2'" "C1'"  sing N N 19  
DA "C2'" "H2'"  sing N N 20  
DA "C2'" "H2''" sing N N 21  
DA "C1'" N9     sing N N 22  
DA "C1'" "H1'"  sing N N 23  
DA N9    C8     sing Y N 24  
DA N9    C4     sing Y N 25  
DA C8    N7     doub Y N 26  
DA C8    H8     sing N N 27  
DA N7    C5     sing Y N 28  
DA C5    C6     sing Y N 29  
DA C5    C4     doub Y N 30  
DA C6    N6     sing N N 31  
DA C6    N1     doub Y N 32  
DA N6    H61    sing N N 33  
DA N6    H62    sing N N 34  
DA N1    C2     sing Y N 35  
DA C2    N3     doub Y N 36  
DA C2    H2     sing N N 37  
DA N3    C4     sing Y N 38  
DC OP3   P      sing N N 39  
DC OP3   HOP3   sing N N 40  
DC P     OP1    doub N N 41  
DC P     OP2    sing N N 42  
DC P     "O5'"  sing N N 43  
DC OP2   HOP2   sing N N 44  
DC "O5'" "C5'"  sing N N 45  
DC "C5'" "C4'"  sing N N 46  
DC "C5'" "H5'"  sing N N 47  
DC "C5'" "H5''" sing N N 48  
DC "C4'" "O4'"  sing N N 49  
DC "C4'" "C3'"  sing N N 50  
DC "C4'" "H4'"  sing N N 51  
DC "O4'" "C1'"  sing N N 52  
DC "C3'" "O3'"  sing N N 53  
DC "C3'" "C2'"  sing N N 54  
DC "C3'" "H3'"  sing N N 55  
DC "O3'" "HO3'" sing N N 56  
DC "C2'" "C1'"  sing N N 57  
DC "C2'" "H2'"  sing N N 58  
DC "C2'" "H2''" sing N N 59  
DC "C1'" N1     sing N N 60  
DC "C1'" "H1'"  sing N N 61  
DC N1    C2     sing N N 62  
DC N1    C6     sing N N 63  
DC C2    O2     doub N N 64  
DC C2    N3     sing N N 65  
DC N3    C4     doub N N 66  
DC C4    N4     sing N N 67  
DC C4    C5     sing N N 68  
DC N4    H41    sing N N 69  
DC N4    H42    sing N N 70  
DC C5    C6     doub N N 71  
DC C5    H5     sing N N 72  
DC C6    H6     sing N N 73  
DG OP3   P      sing N N 74  
DG OP3   HOP3   sing N N 75  
DG P     OP1    doub N N 76  
DG P     OP2    sing N N 77  
DG P     "O5'"  sing N N 78  
DG OP2   HOP2   sing N N 79  
DG "O5'" "C5'"  sing N N 80  
DG "C5'" "C4'"  sing N N 81  
DG "C5'" "H5'"  sing N N 82  
DG "C5'" "H5''" sing N N 83  
DG "C4'" "O4'"  sing N N 84  
DG "C4'" "C3'"  sing N N 85  
DG "C4'" "H4'"  sing N N 86  
DG "O4'" "C1'"  sing N N 87  
DG "C3'" "O3'"  sing N N 88  
DG "C3'" "C2'"  sing N N 89  
DG "C3'" "H3'"  sing N N 90  
DG "O3'" "HO3'" sing N N 91  
DG "C2'" "C1'"  sing N N 92  
DG "C2'" "H2'"  sing N N 93  
DG "C2'" "H2''" sing N N 94  
DG "C1'" N9     sing N N 95  
DG "C1'" "H1'"  sing N N 96  
DG N9    C8     sing Y N 97  
DG N9    C4     sing Y N 98  
DG C8    N7     doub Y N 99  
DG C8    H8     sing N N 100 
DG N7    C5     sing Y N 101 
DG C5    C6     sing N N 102 
DG C5    C4     doub Y N 103 
DG C6    O6     doub N N 104 
DG C6    N1     sing N N 105 
DG N1    C2     sing N N 106 
DG N1    H1     sing N N 107 
DG C2    N2     sing N N 108 
DG C2    N3     doub N N 109 
DG N2    H21    sing N N 110 
DG N2    H22    sing N N 111 
DG N3    C4     sing N N 112 
DT OP3   P      sing N N 113 
DT OP3   HOP3   sing N N 114 
DT P     OP1    doub N N 115 
DT P     OP2    sing N N 116 
DT P     "O5'"  sing N N 117 
DT OP2   HOP2   sing N N 118 
DT "O5'" "C5'"  sing N N 119 
DT "C5'" "C4'"  sing N N 120 
DT "C5'" "H5'"  sing N N 121 
DT "C5'" "H5''" sing N N 122 
DT "C4'" "O4'"  sing N N 123 
DT "C4'" "C3'"  sing N N 124 
DT "C4'" "H4'"  sing N N 125 
DT "O4'" "C1'"  sing N N 126 
DT "C3'" "O3'"  sing N N 127 
DT "C3'" "C2'"  sing N N 128 
DT "C3'" "H3'"  sing N N 129 
DT "O3'" "HO3'" sing N N 130 
DT "C2'" "C1'"  sing N N 131 
DT "C2'" "H2'"  sing N N 132 
DT "C2'" "H2''" sing N N 133 
DT "C1'" N1     sing N N 134 
DT "C1'" "H1'"  sing N N 135 
DT N1    C2     sing N N 136 
DT N1    C6     sing N N 137 
DT C2    O2     doub N N 138 
DT C2    N3     sing N N 139 
DT N3    C4     sing N N 140 
DT N3    H3     sing N N 141 
DT C4    O4     doub N N 142 
DT C4    C5     sing N N 143 
DT C5    C7     sing N N 144 
DT C5    C6     doub N N 145 
DT C7    H71    sing N N 146 
DT C7    H72    sing N N 147 
DT C7    H73    sing N N 148 
DT C6    H6     sing N N 149 
# 
loop_
_ndb_struct_conf_na.entry_id 
_ndb_struct_conf_na.feature 
9NMM 'double helix'        
9NMM 'a-form double helix' 
9NMM 'b-form double helix' 
# 
loop_
_ndb_struct_na_base_pair.model_number 
_ndb_struct_na_base_pair.i_label_asym_id 
_ndb_struct_na_base_pair.i_label_comp_id 
_ndb_struct_na_base_pair.i_label_seq_id 
_ndb_struct_na_base_pair.i_symmetry 
_ndb_struct_na_base_pair.j_label_asym_id 
_ndb_struct_na_base_pair.j_label_comp_id 
_ndb_struct_na_base_pair.j_label_seq_id 
_ndb_struct_na_base_pair.j_symmetry 
_ndb_struct_na_base_pair.shear 
_ndb_struct_na_base_pair.stretch 
_ndb_struct_na_base_pair.stagger 
_ndb_struct_na_base_pair.buckle 
_ndb_struct_na_base_pair.propeller 
_ndb_struct_na_base_pair.opening 
_ndb_struct_na_base_pair.pair_number 
_ndb_struct_na_base_pair.pair_name 
_ndb_struct_na_base_pair.i_auth_asym_id 
_ndb_struct_na_base_pair.i_auth_seq_id 
_ndb_struct_na_base_pair.i_PDB_ins_code 
_ndb_struct_na_base_pair.j_auth_asym_id 
_ndb_struct_na_base_pair.j_auth_seq_id 
_ndb_struct_na_base_pair.j_PDB_ins_code 
_ndb_struct_na_base_pair.hbond_type_28 
_ndb_struct_na_base_pair.hbond_type_12 
1 A DC 2  1_555 C DG 14 1_555 0.182  -0.191 -0.004 -6.229 -8.608  -0.547 1  A_DC105:DG112_C A 105 ? C 112 ? 19 1 
1 A DA 3  1_555 C DT 13 1_555 0.148  -0.180 0.392  -3.247 -0.402  -3.989 2  A_DA106:DT111_C A 106 ? C 111 ? 20 1 
1 A DC 4  1_555 C DG 12 1_555 0.218  -0.200 0.582  2.655  2.906   4.066  3  A_DC107:DG110_C A 107 ? C 110 ? 19 1 
1 A DC 5  1_555 C DG 11 1_555 0.028  -0.279 0.902  -1.674 -3.924  -4.962 4  A_DC108:DG109_C A 108 ? C 109 ? 19 1 
1 A DT 6  1_555 B DA 3  1_555 -0.453 -0.452 1.423  -5.923 -4.199  -3.290 5  A_DT109:DA107_B A 109 ? B 107 ? 20 1 
1 A DG 7  1_555 B DC 2  1_555 -0.250 -0.436 1.105  -0.261 0.029   3.429  6  A_DG110:DC106_B A 110 ? B 106 ? 19 1 
1 A DT 8  1_555 B DA 1  1_555 -0.230 -0.062 0.650  6.429  3.214   -2.063 7  A_DT111:DA105_B A 111 ? B 105 ? 20 1 
1 C DT 2  1_555 D DA 12 1_555 -0.196 -0.233 1.065  3.306  0.059   -5.514 8  C_DT100:DA124_D C 100 ? D 124 ? 20 1 
1 C DG 3  1_555 D DC 11 1_555 -0.090 -0.168 0.727  6.919  -3.345  -0.628 9  C_DG101:DC123_D C 101 ? D 123 ? 19 1 
1 C DC 4  1_555 D DG 10 1_555 -1.667 0.182  0.770  0.697  -8.160  5.290  10 C_DC102:DG122_D C 102 ? D 122 ? 19 1 
1 C DT 5  1_555 D DA 9  1_555 -0.294 -0.274 1.231  -3.267 -7.991  -8.745 11 C_DT103:DA121_D C 103 ? D 121 ? 20 1 
1 C DA 6  1_555 D DT 8  1_555 0.275  0.018  -0.062 -6.183 -4.305  -6.735 12 C_DA104:DT120_D C 104 ? D 120 ? 20 1 
1 C DC 7  1_555 D DG 7  1_555 0.196  -0.215 0.568  0.248  -1.320  2.358  13 C_DC105:DG119_D C 105 ? D 119 ? 19 1 
1 C DT 8  1_555 D DA 6  1_555 -0.172 -0.200 1.042  1.612  -4.260  -1.171 14 C_DT106:DA118_D C 106 ? D 118 ? 20 1 
1 C DG 9  1_555 D DC 5  1_555 -0.081 -0.005 0.096  -6.542 -3.899  -4.593 15 C_DG107:DC117_D C 107 ? D 117 ? 19 1 
1 C DT 10 1_555 D DA 4  1_555 -0.087 0.003  -0.178 1.584  -2.497  -2.185 16 C_DT108:DA116_D C 108 ? D 116 ? 20 1 
1 B DC 4  1_555 D DG 3  1_555 0.165  -0.221 -0.823 -0.193 -7.907  1.208  17 B_DC111:DG115_D B 111 ? D 115 ? 19 1 
1 B DC 5  1_555 D DG 2  1_555 0.296  -0.041 -0.388 15.165 -16.095 -0.096 18 B_DC112:DG114_D B 112 ? D 114 ? 19 1 
1 B DG 6  1_555 D DC 1  1_555 1.492  0.174  -0.515 3.906  -33.771 16.598 19 B_DG113:DC113_D B 113 ? D 113 ? ?  1 
# 
loop_
_ndb_struct_na_base_pair_step.model_number 
_ndb_struct_na_base_pair_step.i_label_asym_id_1 
_ndb_struct_na_base_pair_step.i_label_comp_id_1 
_ndb_struct_na_base_pair_step.i_label_seq_id_1 
_ndb_struct_na_base_pair_step.i_symmetry_1 
_ndb_struct_na_base_pair_step.j_label_asym_id_1 
_ndb_struct_na_base_pair_step.j_label_comp_id_1 
_ndb_struct_na_base_pair_step.j_label_seq_id_1 
_ndb_struct_na_base_pair_step.j_symmetry_1 
_ndb_struct_na_base_pair_step.i_label_asym_id_2 
_ndb_struct_na_base_pair_step.i_label_comp_id_2 
_ndb_struct_na_base_pair_step.i_label_seq_id_2 
_ndb_struct_na_base_pair_step.i_symmetry_2 
_ndb_struct_na_base_pair_step.j_label_asym_id_2 
_ndb_struct_na_base_pair_step.j_label_comp_id_2 
_ndb_struct_na_base_pair_step.j_label_seq_id_2 
_ndb_struct_na_base_pair_step.j_symmetry_2 
_ndb_struct_na_base_pair_step.shift 
_ndb_struct_na_base_pair_step.slide 
_ndb_struct_na_base_pair_step.rise 
_ndb_struct_na_base_pair_step.tilt 
_ndb_struct_na_base_pair_step.roll 
_ndb_struct_na_base_pair_step.twist 
_ndb_struct_na_base_pair_step.x_displacement 
_ndb_struct_na_base_pair_step.y_displacement 
_ndb_struct_na_base_pair_step.helical_rise 
_ndb_struct_na_base_pair_step.inclination 
_ndb_struct_na_base_pair_step.tip 
_ndb_struct_na_base_pair_step.helical_twist 
_ndb_struct_na_base_pair_step.step_number 
_ndb_struct_na_base_pair_step.step_name 
_ndb_struct_na_base_pair_step.i_auth_asym_id_1 
_ndb_struct_na_base_pair_step.i_auth_seq_id_1 
_ndb_struct_na_base_pair_step.i_PDB_ins_code_1 
_ndb_struct_na_base_pair_step.j_auth_asym_id_1 
_ndb_struct_na_base_pair_step.j_auth_seq_id_1 
_ndb_struct_na_base_pair_step.j_PDB_ins_code_1 
_ndb_struct_na_base_pair_step.i_auth_asym_id_2 
_ndb_struct_na_base_pair_step.i_auth_seq_id_2 
_ndb_struct_na_base_pair_step.i_PDB_ins_code_2 
_ndb_struct_na_base_pair_step.j_auth_asym_id_2 
_ndb_struct_na_base_pair_step.j_auth_seq_id_2 
_ndb_struct_na_base_pair_step.j_PDB_ins_code_2 
1 A DC 2  1_555 C DG 14 1_555 A DA 3  1_555 C DT 13 1_555 0.510  -0.010 3.359 2.782  6.833  31.572 -1.263 -0.408 3.316 12.348 
-5.027  32.401 1  AA_DC105DA106:DT111DG112_CC A 105 ? C 112 ? A 106 ? C 111 ? 
1 A DA 3  1_555 C DT 13 1_555 A DC 4  1_555 C DG 12 1_555 1.665  -1.015 3.632 -0.925 1.366  33.804 -1.986 -3.024 3.544 2.347  
1.590   33.843 2  AA_DA106DC107:DG110DT111_CC A 106 ? C 111 ? A 107 ? C 110 ? 
1 A DC 4  1_555 C DG 12 1_555 A DC 5  1_555 C DG 11 1_555 -0.997 -1.283 3.287 -2.931 -0.065 45.619 -1.646 1.024  3.344 -0.083 
3.775   45.708 3  AA_DC107DC108:DG109DG110_CC A 107 ? C 110 ? A 108 ? C 109 ? 
1 A DC 5  1_555 C DG 11 1_555 A DT 6  1_555 B DA 3  1_555 -0.024 -1.663 3.860 0.600  0.753  14.572 -7.313 0.708  3.765 2.965  
-2.364  14.604 4  AA_DC108DT109:DA107DG109_BC A 108 ? C 109 ? A 109 ? B 107 ? 
1 A DT 6  1_555 B DA 3  1_555 A DG 7  1_555 B DC 2  1_555 0.529  0.041  3.166 -1.500 5.326  32.709 -0.793 -1.170 3.107 9.373  
2.640   33.161 5  AA_DT109DG110:DC106DA107_BB A 109 ? B 107 ? A 110 ? B 106 ? 
1 A DG 7  1_555 B DC 2  1_555 A DT 8  1_555 B DA 1  1_555 -0.601 -0.013 3.257 5.529  3.709  35.218 -0.544 1.758  3.112 6.063  
-9.039  35.822 6  AA_DG110DT111:DA105DC106_BB A 110 ? B 106 ? A 111 ? B 105 ? 
1 C DT 2  1_555 D DA 12 1_555 C DG 3  1_555 D DC 11 1_555 0.308  -1.380 2.962 -0.260 4.511  28.541 -3.641 -0.668 2.713 9.079  
0.523   28.889 7  CC_DT100DG101:DC123DA124_DD C 100 ? D 124 ? C 101 ? D 123 ? 
1 C DG 3  1_555 D DC 11 1_555 C DC 4  1_555 D DG 10 1_555 1.019  -0.442 3.119 1.605  1.577  28.528 -1.236 -1.713 3.142 3.194  
-3.251  28.614 8  CC_DG101DC102:DG122DC123_DD C 101 ? D 123 ? C 102 ? D 122 ? 
1 C DC 4  1_555 D DG 10 1_555 C DT 5  1_555 D DA 9  1_555 -1.273 -0.662 3.402 0.977  2.933  40.115 -1.304 1.965  3.317 4.269  
-1.422  40.229 9  CC_DC102DT103:DA121DG122_DD C 102 ? D 122 ? C 103 ? D 121 ? 
1 C DT 5  1_555 D DA 9  1_555 C DA 6  1_555 D DT 8  1_555 0.361  -0.479 3.510 9.651  -1.273 40.424 -0.529 0.607  3.515 -1.810 
-13.727 41.532 10 CC_DT103DA104:DT120DA121_DD C 103 ? D 121 ? C 104 ? D 120 ? 
1 C DA 6  1_555 D DT 8  1_555 C DC 7  1_555 D DG 7  1_555 0.725  -0.906 3.065 -5.812 -0.766 34.529 -1.399 -2.012 2.927 -1.279 
9.705   35.008 11 CC_DA104DC105:DG119DT120_DD C 104 ? D 120 ? C 105 ? D 119 ? 
1 C DC 7  1_555 D DG 7  1_555 C DT 8  1_555 D DA 6  1_555 -0.382 -0.457 3.297 -0.932 0.928  30.786 -1.043 0.535  3.292 1.746  
1.755   30.813 12 CC_DC105DT106:DA118DG119_DD C 105 ? D 119 ? C 106 ? D 118 ? 
1 C DT 8  1_555 D DA 6  1_555 C DG 9  1_555 D DC 5  1_555 -1.037 0.760  3.508 -0.571 -1.971 42.397 1.264  1.371  3.484 -2.724 
0.789   42.444 13 CC_DT106DG107:DC117DA118_DD C 106 ? D 118 ? C 107 ? D 117 ? 
1 C DG 9  1_555 D DC 5  1_555 C DT 10 1_555 D DA 4  1_555 0.519  -0.812 2.995 0.314  2.549  25.740 -2.454 -1.081 2.908 5.704  
-0.703  25.866 14 CC_DG107DT108:DA116DC117_DD C 107 ? D 117 ? C 108 ? D 116 ? 
1 C DT 10 1_555 D DA 4  1_555 B DC 4  1_555 D DG 3  1_555 1.122  -0.211 2.980 7.133  -0.669 35.379 -0.252 -0.857 3.143 -1.087 
-11.590 36.074 15 CB_DT108DC111:DG115DA116_DD C 108 ? D 116 ? B 111 ? D 115 ? 
1 B DC 4  1_555 D DG 3  1_555 B DC 5  1_555 D DG 2  1_555 -0.437 2.201  3.167 0.978  2.669  39.794 2.922  0.752  3.291 3.915  
-1.435  39.891 16 BB_DC111DC112:DG114DG115_DD B 111 ? D 115 ? B 112 ? D 114 ? 
1 B DC 5  1_555 D DG 2  1_555 B DG 6  1_555 D DC 1  1_555 0.322  3.970  3.930 9.410  -4.413 51.479 4.830  0.355  3.605 -5.023 
-10.709 52.448 17 BB_DC112DG113:DC113DG114_DD B 112 ? D 114 ? B 113 ? D 113 ? 
# 
loop_
_pdbx_audit_support.funding_organization 
_pdbx_audit_support.country 
_pdbx_audit_support.grant_number 
_pdbx_audit_support.ordinal 
'Office of Naval Research (ONR)'                   'United States' N000141912596 1 
'Department of Energy (DOE, United States)'        'United States' DE-SC0007991  2 
'National Science Foundation (NSF, United States)' 'United States' CCF-2106790   3 
'National Science Foundation (NSF, United States)' 'United States' GCR-2317843   4 
# 
_pdbx_initial_refinement_model.id               1 
_pdbx_initial_refinement_model.entity_id_list   ? 
_pdbx_initial_refinement_model.type             'experimental model' 
_pdbx_initial_refinement_model.source_name      PDB 
_pdbx_initial_refinement_model.accession_code   8D93 
_pdbx_initial_refinement_model.details          ? 
# 
_space_group.name_H-M_alt     'H 3' 
_space_group.name_Hall        'H 3' 
_space_group.IT_number        146 
_space_group.crystal_system   trigonal 
_space_group.id               1 
# 
_atom_sites.entry_id                    9NMM 
_atom_sites.Cartn_transf_matrix[1][1]   ? 
_atom_sites.Cartn_transf_matrix[1][2]   ? 
_atom_sites.Cartn_transf_matrix[1][3]   ? 
_atom_sites.Cartn_transf_matrix[2][1]   ? 
_atom_sites.Cartn_transf_matrix[2][2]   ? 
_atom_sites.Cartn_transf_matrix[2][3]   ? 
_atom_sites.Cartn_transf_matrix[3][1]   ? 
_atom_sites.Cartn_transf_matrix[3][2]   ? 
_atom_sites.Cartn_transf_matrix[3][3]   ? 
_atom_sites.Cartn_transf_vector[1]      ? 
_atom_sites.Cartn_transf_vector[2]      ? 
_atom_sites.Cartn_transf_vector[3]      ? 
_atom_sites.Cartn_transform_axes        ? 
_atom_sites.fract_transf_matrix[1][1]   -0.00954851 
_atom_sites.fract_transf_matrix[1][2]   0.00477391 
_atom_sites.fract_transf_matrix[1][3]   0.00000331 
_atom_sites.fract_transf_matrix[2][1]   -0.00064054 
_atom_sites.fract_transf_matrix[2][2]   0.01065639 
_atom_sites.fract_transf_matrix[2][3]   -0.00008999 
_atom_sites.fract_transf_matrix[3][1]   -0.00005458 
_atom_sites.fract_transf_matrix[3][2]   -0.00010112 
_atom_sites.fract_transf_matrix[3][3]   -0.01158543 
_atom_sites.fract_transf_vector[1]      -0.197609 
_atom_sites.fract_transf_vector[2]      -0.199976 
_atom_sites.fract_transf_vector[3]      0.464497 
_atom_sites.solution_primary            ? 
_atom_sites.solution_secondary          ? 
_atom_sites.solution_hydrogens          ? 
_atom_sites.special_details             ? 
# 
loop_
_atom_type.symbol 
_atom_type.scat_dispersion_real 
_atom_type.scat_dispersion_imag 
_atom_type.scat_Cromer_Mann_a1 
_atom_type.scat_Cromer_Mann_a2 
_atom_type.scat_Cromer_Mann_a3 
_atom_type.scat_Cromer_Mann_a4 
_atom_type.scat_Cromer_Mann_b1 
_atom_type.scat_Cromer_Mann_b2 
_atom_type.scat_Cromer_Mann_b3 
_atom_type.scat_Cromer_Mann_b4 
_atom_type.scat_Cromer_Mann_c 
_atom_type.scat_source 
_atom_type.scat_dispersion_source 
C ? ? 5.96793  ? ? ? 14.89577 ? ? ? 0.0 
;1-Gaussian fit: Grosse-Kunstleve RW, Sauter NK, Adams PD: Newsletter of the IUCr Commission on Crystallographic Computing 2004, 3, 22-31.
;
? 
N ? ? 6.96715  ? ? ? 11.43723 ? ? ? 0.0 
;1-Gaussian fit: Grosse-Kunstleve RW, Sauter NK, Adams PD: Newsletter of the IUCr Commission on Crystallographic Computing 2004, 3, 22-31.
;
? 
O ? ? 7.96527  ? ? ? 9.05267  ? ? ? 0.0 
;1-Gaussian fit: Grosse-Kunstleve RW, Sauter NK, Adams PD: Newsletter of the IUCr Commission on Crystallographic Computing 2004, 3, 22-31.
;
? 
P ? ? 14.90797 ? ? ? 11.91318 ? ? ? 0.0 
;1-Gaussian fit: Grosse-Kunstleve RW, Sauter NK, Adams PD: Newsletter of the IUCr Commission on Crystallographic Computing 2004, 3, 22-31.
;
? 
# 
loop_
_atom_site.group_PDB 
_atom_site.id 
_atom_site.type_symbol 
_atom_site.label_atom_id 
_atom_site.label_alt_id 
_atom_site.label_comp_id 
_atom_site.label_asym_id 
_atom_site.label_entity_id 
_atom_site.label_seq_id 
_atom_site.pdbx_PDB_ins_code 
_atom_site.Cartn_x 
_atom_site.Cartn_y 
_atom_site.Cartn_z 
_atom_site.occupancy 
_atom_site.B_iso_or_equiv 
_atom_site.pdbx_formal_charge 
_atom_site.auth_seq_id 
_atom_site.auth_comp_id 
_atom_site.auth_asym_id 
_atom_site.auth_atom_id 
_atom_site.pdbx_PDB_model_num 
ATOM 1   O "O5'" . DG A 1 1  ? 3.29692   -12.26390 5.51463   1.000 314.29851 ? 104 DG A "O5'" 1 
ATOM 2   C "C5'" . DG A 1 1  ? 1.87585   -12.29725 5.38117   1.000 319.40959 ? 104 DG A "C5'" 1 
ATOM 3   C "C4'" . DG A 1 1  ? 1.26113   -13.21356 6.42102   1.000 331.39605 ? 104 DG A "C4'" 1 
ATOM 4   O "O4'" . DG A 1 1  ? 2.13821   -13.27341 7.57139   1.000 336.08103 ? 104 DG A "O4'" 1 
ATOM 5   C "C3'" . DG A 1 1  ? -0.10450  -12.77024 6.94178   1.000 334.66962 ? 104 DG A "C3'" 1 
ATOM 6   O "O3'" . DG A 1 1  ? -1.13644  -13.49228 6.27125   1.000 337.03910 ? 104 DG A "O3'" 1 
ATOM 7   C "C2'" . DG A 1 1  ? -0.05213  -13.12631 8.42363   1.000 343.01346 ? 104 DG A "C2'" 1 
ATOM 8   C "C1'" . DG A 1 1  ? 1.42387   -12.97103 8.74562   1.000 341.92886 ? 104 DG A "C1'" 1 
ATOM 9   N N9    . DG A 1 1  ? 1.80575   -11.63472 9.19332   1.000 336.90249 ? 104 DG A N9    1 
ATOM 10  C C8    . DG A 1 1  ? 2.54694   -10.70468 8.50678   1.000 329.03837 ? 104 DG A C8    1 
ATOM 11  N N7    . DG A 1 1  ? 2.74846   -9.60229  9.17759   1.000 327.33198 ? 104 DG A N7    1 
ATOM 12  C C5    . DG A 1 1  ? 2.09857   -9.81928  10.38616  1.000 333.72089 ? 104 DG A C5    1 
ATOM 13  C C6    . DG A 1 1  ? 1.96470   -8.97940  11.51846  1.000 334.94062 ? 104 DG A C6    1 
ATOM 14  O O6    . DG A 1 1  ? 2.41158   -7.83291  11.68457  1.000 331.18109 ? 104 DG A O6    1 
ATOM 15  N N1    . DG A 1 1  ? 1.22432   -9.59863  12.52704  1.000 341.58972 ? 104 DG A N1    1 
ATOM 16  C C2    . DG A 1 1  ? 0.69601   -10.86917 12.44174  1.000 347.02948 ? 104 DG A C2    1 
ATOM 17  N N2    . DG A 1 1  ? -0.00197  -11.30137 13.48804  1.000 353.28703 ? 104 DG A N2    1 
ATOM 18  N N3    . DG A 1 1  ? 0.80728   -11.65002 11.38930  1.000 346.59084 ? 104 DG A N3    1 
ATOM 19  C C4    . DG A 1 1  ? 1.51838   -11.06884 10.40657  1.000 339.56387 ? 104 DG A C4    1 
ATOM 20  P P     . DC A 1 2  ? -2.64233  -12.92832 6.25172   1.000 321.70224 ? 105 DC A P     1 
ATOM 21  O OP1   . DC A 1 2  ? -3.42921  -13.75904 5.31241   1.000 323.55083 ? 105 DC A OP1   1 
ATOM 22  O OP2   . DC A 1 2  ? -2.55879  -11.46631 6.03291   1.000 312.52961 ? 105 DC A OP2   1 
ATOM 23  O "O5'" . DC A 1 2  ? -3.17208  -13.17006 7.74834   1.000 330.01560 ? 105 DC A "O5'" 1 
ATOM 24  C "C5'" . DC A 1 2  ? -3.22566  -14.49301 8.30644   1.000 340.08558 ? 105 DC A "C5'" 1 
ATOM 25  C "C4'" . DC A 1 2  ? -3.97851  -14.48393 9.62891   1.000 344.30423 ? 105 DC A "C4'" 1 
ATOM 26  O "O4'" . DC A 1 2  ? -3.14412  -13.92063 10.66352  1.000 344.08278 ? 105 DC A "O4'" 1 
ATOM 27  C "C3'" . DC A 1 2  ? -5.23554  -13.63752 9.61501   1.000 338.22420 ? 105 DC A "C3'" 1 
ATOM 28  O "O3'" . DC A 1 2  ? -6.34639  -14.44607 9.26828   1.000 342.49560 ? 105 DC A "O3'" 1 
ATOM 29  C "C2'" . DC A 1 2  ? -5.35232  -13.11398 11.04873  1.000 338.86793 ? 105 DC A "C2'" 1 
ATOM 30  C "C1'" . DC A 1 2  ? -3.93470  -13.21391 11.60247  1.000 342.49065 ? 105 DC A "C1'" 1 
ATOM 31  N N1    . DC A 1 2  ? -3.28041  -11.89880 11.86080  1.000 328.92562 ? 105 DC A N1    1 
ATOM 32  C C2    . DC A 1 2  ? -3.31794  -11.33991 13.14318  1.000 331.55072 ? 105 DC A C2    1 
ATOM 33  O O2    . DC A 1 2  ? -3.92411  -11.93465 14.04464  1.000 339.73865 ? 105 DC A O2    1 
ATOM 34  N N3    . DC A 1 2  ? -2.69101  -10.15192 13.35738  1.000 325.54454 ? 105 DC A N3    1 
ATOM 35  C C4    . DC A 1 2  ? -2.05699  -9.53713  12.35350  1.000 317.30381 ? 105 DC A C4    1 
ATOM 36  N N4    . DC A 1 2  ? -1.44834  -8.37259  12.60934  1.000 312.31218 ? 105 DC A N4    1 
ATOM 37  C C5    . DC A 1 2  ? -2.00211  -10.10120 11.04662  1.000 314.50574 ? 105 DC A C5    1 
ATOM 38  C C6    . DC A 1 2  ? -2.61400  -11.27224 10.84999  1.000 320.47732 ? 105 DC A C6    1 
ATOM 39  P P     . DA A 1 3  ? -7.67251  -13.77651 8.65716   1.000 350.37638 ? 106 DA A P     1 
ATOM 40  O OP1   . DA A 1 3  ? -8.51711  -14.88248 8.15310   1.000 356.25686 ? 106 DA A OP1   1 
ATOM 41  O OP2   . DA A 1 3  ? -7.25860  -12.68172 7.74677   1.000 340.41054 ? 106 DA A OP2   1 
ATOM 42  O "O5'" . DA A 1 3  ? -8.38775  -13.11027 9.92658   1.000 350.32750 ? 106 DA A "O5'" 1 
ATOM 43  C "C5'" . DA A 1 3  ? -8.71020  -13.90472 11.06788  1.000 358.83266 ? 106 DA A "C5'" 1 
ATOM 44  C "C4'" . DA A 1 3  ? -8.97854  -13.02596 12.27937  1.000 356.47896 ? 106 DA A "C4'" 1 
ATOM 45  O "O4'" . DA A 1 3  ? -7.84691  -12.15368 12.52025  1.000 352.78657 ? 106 DA A "O4'" 1 
ATOM 46  C "C3'" . DA A 1 3  ? -10.20491 -12.12591 12.15803  1.000 348.88542 ? 106 DA A "C3'" 1 
ATOM 47  O "O3'" . DA A 1 3  ? -11.08433 -12.38396 13.23728  1.000 353.46355 ? 106 DA A "O3'" 1 
ATOM 48  C "C2'" . DA A 1 3  ? -9.64472  -10.69393 12.19324  1.000 341.07279 ? 106 DA A "C2'" 1 
ATOM 49  C "C1'" . DA A 1 3  ? -8.29849  -10.87108 12.87928  1.000 346.01500 ? 106 DA A "C1'" 1 
ATOM 50  N N9    . DA A 1 3  ? -7.29522  -9.90218  12.44325  1.000 323.68109 ? 106 DA A N9    1 
ATOM 51  C C8    . DA A 1 3  ? -6.73293  -9.81126  11.19978  1.000 317.25174 ? 106 DA A C8    1 
ATOM 52  N N7    . DA A 1 3  ? -5.85034  -8.84987  11.08675  1.000 310.74443 ? 106 DA A N7    1 
ATOM 53  C C5    . DA A 1 3  ? -5.83070  -8.26646  12.34351  1.000 313.07708 ? 106 DA A C5    1 
ATOM 54  C C6    . DA A 1 3  ? -5.09823  -7.19030  12.87061  1.000 309.52241 ? 106 DA A C6    1 
ATOM 55  N N6    . DA A 1 3  ? -4.21516  -6.49331  12.15683  1.000 302.52626 ? 106 DA A N6    1 
ATOM 56  N N1    . DA A 1 3  ? -5.31140  -6.85618  14.16191  1.000 314.03479 ? 106 DA A N1    1 
ATOM 57  C C2    . DA A 1 3  ? -6.19927  -7.56127  14.87176  1.000 321.52326 ? 106 DA A C2    1 
ATOM 58  N N3    . DA A 1 3  ? -6.94952  -8.59503  14.48309  1.000 325.59362 ? 106 DA A N3    1 
ATOM 59  C C4    . DA A 1 3  ? -6.71357  -8.90018  13.19310  1.000 320.96998 ? 106 DA A C4    1 
ATOM 60  P P     . DC A 1 4  ? -12.44145 -11.54452 13.39330  1.000 347.22408 ? 107 DC A P     1 
ATOM 61  O OP1   . DC A 1 4  ? -13.37888 -12.37685 14.18090  1.000 357.91410 ? 107 DC A OP1   1 
ATOM 62  O OP2   . DC A 1 4  ? -12.82969 -11.05207 12.05077  1.000 338.50638 ? 107 DC A OP2   1 
ATOM 63  O "O5'" . DC A 1 4  ? -11.99636 -10.29324 14.27931  1.000 342.68324 ? 107 DC A "O5'" 1 
ATOM 64  C "C5'" . DC A 1 4  ? -12.71680 -9.07864  14.21222  1.000 335.65662 ? 107 DC A "C5'" 1 
ATOM 65  C "C4'" . DC A 1 4  ? -11.89936 -7.95706  14.81726  1.000 330.93736 ? 107 DC A "C4'" 1 
ATOM 66  O "O4'" . DC A 1 4  ? -10.70840 -7.74449  14.01975  1.000 325.64561 ? 107 DC A "O4'" 1 
ATOM 67  C "C3'" . DC A 1 4  ? -12.61108 -6.59670  14.90133  1.000 324.26526 ? 107 DC A "C3'" 1 
ATOM 68  O "O3'" . DC A 1 4  ? -12.63432 -6.14231  16.25620  1.000 328.56453 ? 107 DC A "O3'" 1 
ATOM 69  C "C2'" . DC A 1 4  ? -11.76181 -5.67987  14.01282  1.000 314.97711 ? 107 DC A "C2'" 1 
ATOM 70  C "C1'" . DC A 1 4  ? -10.41112 -6.37844  14.04363  1.000 319.94462 ? 107 DC A "C1'" 1 
ATOM 71  N N1    . DC A 1 4  ? -9.53143  -6.03523  12.88601  1.000 315.13649 ? 107 DC A N1    1 
ATOM 72  C C2    . DC A 1 4  ? -8.61034  -4.99509  13.02380  1.000 313.61385 ? 107 DC A C2    1 
ATOM 73  O O2    . DC A 1 4  ? -8.54974  -4.39794  14.10297  1.000 315.86252 ? 107 DC A O2    1 
ATOM 74  N N3    . DC A 1 4  ? -7.81560  -4.67044  11.97466  1.000 310.02761 ? 107 DC A N3    1 
ATOM 75  C C4    . DC A 1 4  ? -7.91919  -5.34298  10.82766  1.000 308.21985 ? 107 DC A C4    1 
ATOM 76  N N4    . DC A 1 4  ? -7.11219  -4.98751  9.81833   1.000 304.96806 ? 107 DC A N4    1 
ATOM 77  C C5    . DC A 1 4  ? -8.85636  -6.41181  10.66540  1.000 310.01255 ? 107 DC A C5    1 
ATOM 78  C C6    . DC A 1 4  ? -9.63653  -6.72020  11.71089  1.000 313.35800 ? 107 DC A C6    1 
ATOM 79  P P     . DC A 1 5  ? -13.63284 -4.96434  16.70725  1.000 320.17491 ? 108 DC A P     1 
ATOM 80  O OP1   . DC A 1 5  ? -14.35642 -5.42599  17.91422  1.000 329.82937 ? 108 DC A OP1   1 
ATOM 81  O OP2   . DC A 1 5  ? -14.39046 -4.52683  15.51469  1.000 312.48513 ? 108 DC A OP2   1 
ATOM 82  O "O5'" . DC A 1 5  ? -12.65530 -3.76674  17.11988  1.000 315.31328 ? 108 DC A "O5'" 1 
ATOM 83  C "C5'" . DC A 1 5  ? -13.01599 -2.42684  16.81575  1.000 307.37880 ? 108 DC A "C5'" 1 
ATOM 84  C "C4'" . DC A 1 5  ? -12.06964 -1.43750  17.47624  1.000 305.76297 ? 108 DC A "C4'" 1 
ATOM 85  O "O4'" . DC A 1 5  ? -10.70973 -1.67424  17.02734  1.000 303.84023 ? 108 DC A "O4'" 1 
ATOM 86  C "C3'" . DC A 1 5  ? -12.39853 0.03039   17.21360  1.000 298.09383 ? 108 DC A "C3'" 1 
ATOM 87  O "O3'" . DC A 1 5  ? -12.85656 0.62507   18.44953  1.000 302.52958 ? 108 DC A "O3'" 1 
ATOM 88  C "C2'" . DC A 1 5  ? -11.08855 0.65827   16.69446  1.000 292.35425 ? 108 DC A "C2'" 1 
ATOM 89  C "C1'" . DC A 1 5  ? -10.17491 -0.53667  16.38194  1.000 295.37633 ? 108 DC A "C1'" 1 
ATOM 90  N N1    . DC A 1 5  ? -9.99955  -0.86063  14.90337  1.000 289.17478 ? 108 DC A N1    1 
ATOM 91  C C2    . DC A 1 5  ? -9.09990  -0.12491  14.09987  1.000 282.06122 ? 108 DC A C2    1 
ATOM 92  O O2    . DC A 1 5  ? -8.45904  0.81389   14.58761  1.000 280.76230 ? 108 DC A O2    1 
ATOM 93  N N3    . DC A 1 5  ? -8.96790  -0.46476  12.78930  1.000 277.27706 ? 108 DC A N3    1 
ATOM 94  C C4    . DC A 1 5  ? -9.66335  -1.48434  12.28793  1.000 279.46287 ? 108 DC A C4    1 
ATOM 95  N N4    . DC A 1 5  ? -9.50360  -1.78257  10.99552  1.000 275.11931 ? 108 DC A N4    1 
ATOM 96  C C5    . DC A 1 5  ? -10.56480 -2.24219  13.08482  1.000 286.77936 ? 108 DC A C5    1 
ATOM 97  C C6    . DC A 1 5  ? -10.69217 -1.90719  14.36910  1.000 291.36311 ? 108 DC A C6    1 
ATOM 98  P P     . DT A 1 6  ? -13.17807 2.19766   18.59025  1.000 301.93852 ? 109 DT A P     1 
ATOM 99  O OP1   . DT A 1 6  ? -11.88656 2.88733   18.81421  1.000 300.39893 ? 109 DT A OP1   1 
ATOM 100 O OP2   . DT A 1 6  ? -14.22946 2.32782   19.62514  1.000 307.65225 ? 109 DT A OP2   1 
ATOM 101 O "O5'" . DT A 1 6  ? -13.84759 2.62077   17.19290  1.000 292.92359 ? 109 DT A "O5'" 1 
ATOM 102 C "C5'" . DT A 1 6  ? -13.78845 3.98577   16.75521  1.000 285.62092 ? 109 DT A "C5'" 1 
ATOM 103 C "C4'" . DT A 1 6  ? -12.41890 4.27515   16.17530  1.000 281.40338 ? 109 DT A "C4'" 1 
ATOM 104 O "O4'" . DT A 1 6  ? -12.17896 3.37074   15.09355  1.000 280.10600 ? 109 DT A "O4'" 1 
ATOM 105 C "C3'" . DT A 1 6  ? -12.20775 5.66593   15.58835  1.000 276.76392 ? 109 DT A "C3'" 1 
ATOM 106 O "O3'" . DT A 1 6  ? -11.61651 6.52635   16.57859  1.000 279.28444 ? 109 DT A "O3'" 1 
ATOM 107 C "C2'" . DT A 1 6  ? -11.21814 5.40974   14.42826  1.000 275.75431 ? 109 DT A "C2'" 1 
ATOM 108 C "C1'" . DT A 1 6  ? -11.13793 3.88280   14.31846  1.000 278.40604 ? 109 DT A "C1'" 1 
ATOM 109 N N1    . DT A 1 6  ? -11.26425 3.28664   12.92736  1.000 269.26422 ? 109 DT A N1    1 
ATOM 110 C C2    . DT A 1 6  ? -10.51675 3.77386   11.86602  1.000 266.34151 ? 109 DT A C2    1 
ATOM 111 O O2    . DT A 1 6  ? -9.75872  4.72538   11.94623  1.000 265.81722 ? 109 DT A O2    1 
ATOM 112 N N3    . DT A 1 6  ? -10.71591 3.10492   10.68016  1.000 263.27480 ? 109 DT A N3    1 
ATOM 113 C C4    . DT A 1 6  ? -11.54149 2.02076   10.45511  1.000 262.94000 ? 109 DT A C4    1 
ATOM 114 O O4    . DT A 1 6  ? -11.64691 1.49176   9.35368   1.000 260.63886 ? 109 DT A O4    1 
ATOM 115 C C5    . DT A 1 6  ? -12.27107 1.55463   11.60371  1.000 269.72686 ? 109 DT A C5    1 
ATOM 116 C C7    . DT A 1 6  ? -13.19763 0.38405   11.48141  1.000 274.38262 ? 109 DT A C7    1 
ATOM 117 C C6    . DT A 1 6  ? -12.09426 2.19519   12.76637  1.000 272.30621 ? 109 DT A C6    1 
ATOM 118 P P     . DG A 1 7  ? -12.26499 7.94675   16.99178  1.000 277.14733 ? 110 DG A P     1 
ATOM 119 O OP1   . DG A 1 7  ? -11.19609 8.96798   16.88936  1.000 274.49709 ? 110 DG A OP1   1 
ATOM 120 O OP2   . DG A 1 7  ? -12.94613 7.75163   18.28881  1.000 284.53561 ? 110 DG A OP2   1 
ATOM 121 O "O5'" . DG A 1 7  ? -13.40398 8.23861   15.90307  1.000 270.56193 ? 110 DG A "O5'" 1 
ATOM 122 C "C5'" . DG A 1 7  ? -13.38208 9.46122   15.15762  1.000 263.84577 ? 110 DG A "C5'" 1 
ATOM 123 C "C4'" . DG A 1 7  ? -12.38347 9.33558   14.03585  1.000 259.30643 ? 110 DG A "C4'" 1 
ATOM 124 O "O4'" . DG A 1 7  ? -12.43719 7.99947   13.57060  1.000 260.01092 ? 110 DG A "O4'" 1 
ATOM 125 C "C3'" . DG A 1 7  ? -12.66260 10.17514  12.80603  1.000 256.08298 ? 110 DG A "C3'" 1 
ATOM 126 O "O3'" . DG A 1 7  ? -11.95887 11.38530  12.90384  1.000 257.50478 ? 110 DG A "O3'" 1 
ATOM 127 C "C2'" . DG A 1 7  ? -12.12553 9.30903   11.64975  1.000 254.83100 ? 110 DG A "C2'" 1 
ATOM 128 C "C1'" . DG A 1 7  ? -11.88743 7.95216   12.29395  1.000 256.76798 ? 110 DG A "C1'" 1 
ATOM 129 N N9    . DG A 1 7  ? -12.47120 6.79750   11.61643  1.000 254.76093 ? 110 DG A N9    1 
ATOM 130 C C8    . DG A 1 7  ? -13.28745 5.84001   12.16230  1.000 259.76563 ? 110 DG A C8    1 
ATOM 131 N N7    . DG A 1 7  ? -13.60923 4.89234   11.33635  1.000 259.32934 ? 110 DG A N7    1 
ATOM 132 C C5    . DG A 1 7  ? -12.96906 5.24580   10.16274  1.000 253.27108 ? 110 DG A C5    1 
ATOM 133 C C6    . DG A 1 7  ? -12.95085 4.60814   8.91428   1.000 250.53605 ? 110 DG A C6    1 
ATOM 134 O O6    . DG A 1 7  ? -13.52380 3.55817   8.57504   1.000 253.08207 ? 110 DG A O6    1 
ATOM 135 N N1    . DG A 1 7  ? -12.17526 5.30273   7.98715   1.000 248.76991 ? 110 DG A N1    1 
ATOM 136 C C2    . DG A 1 7  ? -11.50063 6.47402   8.25958   1.000 251.95779 ? 110 DG A C2    1 
ATOM 137 N N2    . DG A 1 7  ? -10.79808 7.00141   7.24778   1.000 251.85193 ? 110 DG A N2    1 
ATOM 138 N N3    . DG A 1 7  ? -11.50344 7.07796   9.42305   1.000 253.35300 ? 110 DG A N3    1 
ATOM 139 C C4    . DG A 1 7  ? -12.25228 6.41594   10.32265  1.000 253.20040 ? 110 DG A C4    1 
ATOM 140 P P     . DT A 1 8  ? -12.75991 12.76839  13.04379  1.000 271.44421 ? 111 DT A P     1 
ATOM 141 O OP1   . DT A 1 8  ? -12.52389 13.29647  14.40625  1.000 273.91161 ? 111 DT A OP1   1 
ATOM 142 O OP2   . DT A 1 8  ? -14.14429 12.54142  12.56847  1.000 268.34682 ? 111 DT A OP2   1 
ATOM 143 O "O5'" . DT A 1 8  ? -12.03583 13.71712  11.98841  1.000 269.82328 ? 111 DT A "O5'" 1 
ATOM 144 C "C5'" . DT A 1 8  ? -12.78898 14.29961  10.95609  1.000 266.55802 ? 111 DT A "C5'" 1 
ATOM 145 C "C4'" . DT A 1 8  ? -12.47796 13.65776  9.61696   1.000 265.00848 ? 111 DT A "C4'" 1 
ATOM 146 O "O4'" . DT A 1 8  ? -12.65021 12.20777  9.68538   1.000 266.34324 ? 111 DT A "O4'" 1 
ATOM 147 C "C3'" . DT A 1 8  ? -13.37585 14.13806  8.47486   1.000 261.04076 ? 111 DT A "C3'" 1 
ATOM 148 O "O3'" . DT A 1 8  ? -12.58194 14.63442  7.39415   1.000 258.05286 ? 111 DT A "O3'" 1 
ATOM 149 C "C2'" . DT A 1 8  ? -14.17110 12.88187  8.08553   1.000 260.75292 ? 111 DT A "C2'" 1 
ATOM 150 C "C1'" . DT A 1 8  ? -13.20100 11.78061  8.46196   1.000 263.94425 ? 111 DT A "C1'" 1 
ATOM 151 N N1    . DT A 1 8  ? -13.85191 10.42115  8.62038   1.000 263.02392 ? 111 DT A N1    1 
ATOM 152 C C2    . DT A 1 8  ? -13.81137 9.52446   7.56873   1.000 261.72291 ? 111 DT A C2    1 
ATOM 153 O O2    . DT A 1 8  ? -13.26010 9.76704   6.50858   1.000 262.01175 ? 111 DT A O2    1 
ATOM 154 N N3    . DT A 1 8  ? -14.44474 8.32262   7.81087   1.000 259.62702 ? 111 DT A N3    1 
ATOM 155 C C4    . DT A 1 8  ? -15.09799 7.94376   8.97162   1.000 258.75865 ? 111 DT A C4    1 
ATOM 156 O O4    . DT A 1 8  ? -15.63630 6.84729   9.10158   1.000 256.56116 ? 111 DT A O4    1 
ATOM 157 C C5    . DT A 1 8  ? -15.10609 8.93119   10.02387  1.000 260.63364 ? 111 DT A C5    1 
ATOM 158 C C7    . DT A 1 8  ? -15.78334 8.63051   11.32794  1.000 260.06761 ? 111 DT A C7    1 
ATOM 159 C C6    . DT A 1 8  ? -14.50893 10.11287  9.79192   1.000 262.73273 ? 111 DT A C6    1 
ATOM 160 P P     . DA A 1 9  ? -13.05663 14.38155  5.88184   1.000 270.55650 ? 112 DA A P     1 
ATOM 161 O OP1   . DA A 1 9  ? -14.49120 14.75299  5.81615   1.000 268.09408 ? 112 DA A OP1   1 
ATOM 162 O OP2   . DA A 1 9  ? -12.55659 13.03842  5.50564   1.000 273.59872 ? 112 DA A OP2   1 
ATOM 163 O "O5'" . DA A 1 9  ? -12.25934 15.45738  5.00421   1.000 264.81944 ? 112 DA A "O5'" 1 
ATOM 164 C "C5'" . DA A 1 9  ? -11.78023 15.11956  3.68568   1.000 262.72237 ? 112 DA A "C5'" 1 
ATOM 165 C "C4'" . DA A 1 9  ? -12.90360 14.66580  2.74980   1.000 261.98866 ? 112 DA A "C4'" 1 
ATOM 166 O "O4'" . DA A 1 9  ? -13.22766 13.28767  3.01035   1.000 267.15681 ? 112 DA A "O4'" 1 
ATOM 167 C "C3'" . DA A 1 9  ? -14.22295 15.42070  2.87069   1.000 258.42854 ? 112 DA A "C3'" 1 
ATOM 168 O "O3'" . DA A 1 9  ? -14.24268 16.51859  1.97406   1.000 250.74367 ? 112 DA A "O3'" 1 
ATOM 169 C "C2'" . DA A 1 9  ? -15.28403 14.37389  2.49534   1.000 260.17270 ? 112 DA A "C2'" 1 
ATOM 170 C "C1'" . DA A 1 9  ? -14.54353 13.02774  2.58065   1.000 265.03470 ? 112 DA A "C1'" 1 
ATOM 171 N N9    . DA A 1 9  ? -15.17006 12.06362  3.49651   1.000 266.79085 ? 112 DA A N9    1 
ATOM 172 C C8    . DA A 1 9  ? -15.51244 12.27058  4.80363   1.000 268.07257 ? 112 DA A C8    1 
ATOM 173 N N7    . DA A 1 9  ? -16.06382 11.22718  5.38237   1.000 267.22176 ? 112 DA A N7    1 
ATOM 174 C C5    . DA A 1 9  ? -16.09069 10.26529  4.38598   1.000 264.96287 ? 112 DA A C5    1 
ATOM 175 C C6    . DA A 1 9  ? -16.55712 8.92917   4.36176   1.000 262.07871 ? 112 DA A C6    1 
ATOM 176 N N6    . DA A 1 9  ? -17.10668 8.31964   5.41966   1.000 261.15910 ? 112 DA A N6    1 
ATOM 177 N N1    . DA A 1 9  ? -16.43636 8.24451   3.20507   1.000 260.16616 ? 112 DA A N1    1 
ATOM 178 C C2    . DA A 1 9  ? -15.88355 8.85651   2.14909   1.000 261.36617 ? 112 DA A C2    1 
ATOM 179 N N3    . DA A 1 9  ? -15.41216 10.10321  2.04876   1.000 263.84610 ? 112 DA A N3    1 
ATOM 180 C C4    . DA A 1 9  ? -15.54518 10.76142  3.21286   1.000 265.35814 ? 112 DA A C4    1 
ATOM 181 P P     . DA B 2 1  ? -15.53691 0.10564   0.14929   1.000 297.63912 ? 105 DA B P     1 
ATOM 182 O OP1   . DA B 2 1  ? -16.37940 -0.94209  -0.46999  1.000 303.84832 ? 105 DA B OP1   1 
ATOM 183 O OP2   . DA B 2 1  ? -15.32090 0.13511   1.61374   1.000 287.39412 ? 105 DA B OP2   1 
ATOM 184 O "O5'" . DA B 2 1  ? -16.10144 1.53835   -0.28018  1.000 305.68130 ? 105 DA B "O5'" 1 
ATOM 185 C "C5'" . DA B 2 1  ? -15.46645 2.27910   -1.30898  1.000 311.35574 ? 105 DA B "C5'" 1 
ATOM 186 C "C4'" . DA B 2 1  ? -14.32024 3.10349   -0.75235  1.000 304.31542 ? 105 DA B "C4'" 1 
ATOM 187 O "O4'" . DA B 2 1  ? -14.70478 3.67980   0.52764   1.000 298.80860 ? 105 DA B "O4'" 1 
ATOM 188 C "C3'" . DA B 2 1  ? -13.02780 2.32630   -0.50229  1.000 295.78844 ? 105 DA B "C3'" 1 
ATOM 189 O "O3'" . DA B 2 1  ? -11.93077 3.02322   -1.06794  1.000 296.89791 ? 105 DA B "O3'" 1 
ATOM 190 C "C2'" . DA B 2 1  ? -12.94165 2.25780   1.02575   1.000 285.56083 ? 105 DA B "C2'" 1 
ATOM 191 C "C1'" . DA B 2 1  ? -13.63573 3.54599   1.43162   1.000 288.39301 ? 105 DA B "C1'" 1 
ATOM 192 N N9    . DA B 2 1  ? -14.17184 3.53709   2.80059   1.000 282.17779 ? 105 DA B N9    1 
ATOM 193 C C8    . DA B 2 1  ? -14.97104 2.58159   3.36642   1.000 279.96910 ? 105 DA B C8    1 
ATOM 194 N N7    . DA B 2 1  ? -15.30250 2.83706   4.61145   1.000 274.75263 ? 105 DA B N7    1 
ATOM 195 C C5    . DA B 2 1  ? -14.68763 4.05129   4.88385   1.000 273.50684 ? 105 DA B C5    1 
ATOM 196 C C6    . DA B 2 1  ? -14.65545 4.86858   6.04043   1.000 269.15584 ? 105 DA B C6    1 
ATOM 197 N N6    . DA B 2 1  ? -15.29244 4.55811   7.17233   1.000 265.08379 ? 105 DA B N6    1 
ATOM 198 N N1    . DA B 2 1  ? -13.94537 6.02260   5.98257   1.000 269.73657 ? 105 DA B N1    1 
ATOM 199 C C2    . DA B 2 1  ? -13.31160 6.32329   4.84236   1.000 274.26943 ? 105 DA B C2    1 
ATOM 200 N N3    . DA B 2 1  ? -13.27010 5.63729   3.69404   1.000 278.66155 ? 105 DA B N3    1 
ATOM 201 C C4    . DA B 2 1  ? -13.98554 4.49948   3.78201   1.000 278.00300 ? 105 DA B C4    1 
ATOM 202 P P     . DC B 2 2  ? -10.50059 2.31118   -1.22458  1.000 295.92475 ? 106 DC B P     1 
ATOM 203 O OP1   . DC B 2 2  ? -10.10686 2.42153   -2.64829  1.000 304.41421 ? 106 DC B OP1   1 
ATOM 204 O OP2   . DC B 2 2  ? -10.56721 0.97112   -0.59938  1.000 289.74644 ? 106 DC B OP2   1 
ATOM 205 O "O5'" . DC B 2 2  ? -9.53589  3.22859   -0.33072  1.000 289.07329 ? 106 DC B "O5'" 1 
ATOM 206 C "C5'" . DC B 2 2  ? -9.44024  4.62988   -0.60381  1.000 293.53830 ? 106 DC B "C5'" 1 
ATOM 207 C "C4'" . DC B 2 2  ? -9.16350  5.44199   0.65816   1.000 286.82122 ? 106 DC B "C4'" 1 
ATOM 208 O "O4'" . DC B 2 2  ? -10.10538 5.08699   1.70898   1.000 282.41328 ? 106 DC B "O4'" 1 
ATOM 209 C "C3'" . DC B 2 2  ? -7.78192  5.25127   1.29328   1.000 279.02923 ? 106 DC B "C3'" 1 
ATOM 210 O "O3'" . DC B 2 2  ? -7.41866  6.46559   1.94258   1.000 277.39147 ? 106 DC B "O3'" 1 
ATOM 211 C "C2'" . DC B 2 2  ? -8.08370  4.18176   2.33498   1.000 271.47025 ? 106 DC B "C2'" 1 
ATOM 212 C "C1'" . DC B 2 2  ? -9.35316  4.79409   2.86684   1.000 272.99202 ? 106 DC B "C1'" 1 
ATOM 213 N N1    . DC B 2 2  ? -10.16341 3.96826   3.78954   1.000 268.33028 ? 106 DC B N1    1 
ATOM 214 C C2    . DC B 2 2  ? -10.34010 4.42032   5.08809   1.000 262.97022 ? 106 DC B C2    1 
ATOM 215 O O2    . DC B 2 2  ? -9.77691  5.46655   5.42475   1.000 262.14848 ? 106 DC B O2    1 
ATOM 216 N N3    . DC B 2 2  ? -11.10929 3.70739   5.93957   1.000 259.30578 ? 106 DC B N3    1 
ATOM 217 C C4    . DC B 2 2  ? -11.69459 2.58204   5.52852   1.000 260.85089 ? 106 DC B C4    1 
ATOM 218 N N4    . DC B 2 2  ? -12.44942 1.91229   6.40825   1.000 257.51596 ? 106 DC B N4    1 
ATOM 219 C C5    . DC B 2 2  ? -11.53717 2.10609   4.19144   1.000 266.49061 ? 106 DC B C5    1 
ATOM 220 C C6    . DC B 2 2  ? -10.76753 2.82838   3.36417   1.000 270.05935 ? 106 DC B C6    1 
ATOM 221 P P     . DA B 2 3  ? -6.28885  7.43320   1.33858   1.000 292.98426 ? 107 DA B P     1 
ATOM 222 O OP1   . DA B 2 3  ? -6.91091  8.76031   1.12826   1.000 299.29925 ? 107 DA B OP1   1 
ATOM 223 O OP2   . DA B 2 3  ? -5.65442  6.73553   0.19898   1.000 296.54442 ? 107 DA B OP2   1 
ATOM 224 O "O5'" . DA B 2 3  ? -5.22095  7.54378   2.52945   1.000 284.68661 ? 107 DA B "O5'" 1 
ATOM 225 C "C5'" . DA B 2 3  ? -5.64039  7.98014   3.82860   1.000 279.75394 ? 107 DA B "C5'" 1 
ATOM 226 C "C4'" . DA B 2 3  ? -4.92114  7.21216   4.92944   1.000 271.21466 ? 107 DA B "C4'" 1 
ATOM 227 O "O4'" . DA B 2 3  ? -5.84223  6.28306   5.56869   1.000 267.30314 ? 107 DA B "O4'" 1 
ATOM 228 C "C3'" . DA B 2 3  ? -3.72530  6.36342   4.45900   1.000 270.00725 ? 107 DA B "C3'" 1 
ATOM 229 O "O3'" . DA B 2 3  ? -2.62346  6.47593   5.37730   1.000 265.06466 ? 107 DA B "O3'" 1 
ATOM 230 C "C2'" . DA B 2 3  ? -4.30340  4.94703   4.48231   1.000 267.51564 ? 107 DA B "C2'" 1 
ATOM 231 C "C1'" . DA B 2 3  ? -5.17964  5.05332   5.71432   1.000 263.01008 ? 107 DA B "C1'" 1 
ATOM 232 N N9    . DA B 2 3  ? -6.15577  3.97302   5.89285   1.000 261.42922 ? 107 DA B N9    1 
ATOM 233 C C8    . DA B 2 3  ? -6.49820  2.98983   5.00158   1.000 264.39146 ? 107 DA B C8    1 
ATOM 234 N N7    . DA B 2 3  ? -7.39642  2.14776   5.46607   1.000 262.30200 ? 107 DA B N7    1 
ATOM 235 C C5    . DA B 2 3  ? -7.64625  2.60732   6.75101   1.000 257.54404 ? 107 DA B C5    1 
ATOM 236 C C6    . DA B 2 3  ? -8.49859  2.15487   7.77807   1.000 253.85044 ? 107 DA B C6    1 
ATOM 237 N N6    . DA B 2 3  ? -9.29245  1.09025   7.65544   1.000 254.35863 ? 107 DA B N6    1 
ATOM 238 N N1    . DA B 2 3  ? -8.50687  2.84924   8.94187   1.000 250.14202 ? 107 DA B N1    1 
ATOM 239 C C2    . DA B 2 3  ? -7.70442  3.90811   9.05703   1.000 250.16971 ? 107 DA B C2    1 
ATOM 240 N N3    . DA B 2 3  ? -6.86912  4.42740   8.16671   1.000 253.44645 ? 107 DA B N3    1 
ATOM 241 C C4    . DA B 2 3  ? -6.88621  3.72386   7.02632   1.000 256.99841 ? 107 DA B C4    1 
ATOM 242 P P     . DC B 2 4  ? -2.09628  7.90235   5.90500   1.000 251.78874 ? 111 DC B P     1 
ATOM 243 O OP1   . DC B 2 4  ? -2.46834  7.99811   7.33468   1.000 246.22700 ? 111 DC B OP1   1 
ATOM 244 O OP2   . DC B 2 4  ? -2.48199  8.97585   4.96044   1.000 259.04994 ? 111 DC B OP2   1 
ATOM 245 O "O5'" . DC B 2 4  ? -0.50732  7.77427   5.79430   1.000 251.43060 ? 111 DC B "O5'" 1 
ATOM 246 C "C5'" . DC B 2 4  ? 0.12151   6.50939   5.94877   1.000 248.01675 ? 111 DC B "C5'" 1 
ATOM 247 C "C4'" . DC B 2 4  ? 1.29891   6.38099   4.99823   1.000 252.07622 ? 111 DC B "C4'" 1 
ATOM 248 O "O4'" . DC B 2 4  ? 0.81619   6.18111   3.65170   1.000 257.51066 ? 111 DC B "O4'" 1 
ATOM 249 C "C3'" . DC B 2 4  ? 2.22271   7.59510   4.94845   1.000 255.27343 ? 111 DC B "C3'" 1 
ATOM 250 O "O3'" . DC B 2 4  ? 3.56184   7.17806   5.12748   1.000 254.73112 ? 111 DC B "O3'" 1 
ATOM 251 C "C2'" . DC B 2 4  ? 1.98342   8.20489   3.55733   1.000 262.65356 ? 111 DC B "C2'" 1 
ATOM 252 C "C1'" . DC B 2 4  ? 1.52157   7.01062   2.75762   1.000 263.56901 ? 111 DC B "C1'" 1 
ATOM 253 N N1    . DC B 2 4  ? 0.60579   7.30754   1.60430   1.000 269.85206 ? 111 DC B N1    1 
ATOM 254 C C2    . DC B 2 4  ? 1.11132   7.82883   0.40227   1.000 277.31208 ? 111 DC B C2    1 
ATOM 255 O O2    . DC B 2 4  ? 2.30765   8.11998   0.31339   1.000 278.56458 ? 111 DC B O2    1 
ATOM 256 N N3    . DC B 2 4  ? 0.25213   8.03700   -0.63228  1.000 283.73703 ? 111 DC B N3    1 
ATOM 257 C C4    . DC B 2 4  ? -1.04138  7.73215   -0.50149  1.000 282.98740 ? 111 DC B C4    1 
ATOM 258 N N4    . DC B 2 4  ? -1.84954  7.94623   -1.54632  1.000 290.41936 ? 111 DC B N4    1 
ATOM 259 C C5    . DC B 2 4  ? -1.56267  7.17904   0.70095   1.000 275.29117 ? 111 DC B C5    1 
ATOM 260 C C6    . DC B 2 4  ? -0.71392  6.98427   1.71223   1.000 268.92324 ? 111 DC B C6    1 
ATOM 261 P P     . DC B 2 5  ? 4.29154   7.46557   6.52643   1.000 260.05304 ? 112 DC B P     1 
ATOM 262 O OP1   . DC B 2 5  ? 5.74479   7.30183   6.31705   1.000 262.68782 ? 112 DC B OP1   1 
ATOM 263 O OP2   . DC B 2 5  ? 3.61562   6.66322   7.56865   1.000 253.88916 ? 112 DC B OP2   1 
ATOM 264 O "O5'" . DC B 2 5  ? 3.94079   8.99915   6.80704   1.000 261.92006 ? 112 DC B "O5'" 1 
ATOM 265 C "C5'" . DC B 2 5  ? 4.92487   9.87498   7.32580   1.000 263.41348 ? 112 DC B "C5'" 1 
ATOM 266 C "C4'" . DC B 2 5  ? 5.62259   10.64012  6.21127   1.000 270.38805 ? 112 DC B "C4'" 1 
ATOM 267 O "O4'" . DC B 2 5  ? 4.86669   10.52816  4.97486   1.000 273.90413 ? 112 DC B "O4'" 1 
ATOM 268 C "C3'" . DC B 2 5  ? 5.75128   12.13166  6.45326   1.000 273.76575 ? 112 DC B "C3'" 1 
ATOM 269 O "O3'" . DC B 2 5  ? 6.84337   12.63026  5.71620   1.000 279.68749 ? 112 DC B "O3'" 1 
ATOM 270 C "C2'" . DC B 2 5  ? 4.42994   12.64682  5.89265   1.000 275.79531 ? 112 DC B "C2'" 1 
ATOM 271 C "C1'" . DC B 2 5  ? 4.29683   11.78813  4.64064   1.000 278.18732 ? 112 DC B "C1'" 1 
ATOM 272 N N1    . DC B 2 5  ? 2.88445   11.54461  4.20312   1.000 278.33810 ? 112 DC B N1    1 
ATOM 273 C C2    . DC B 2 5  ? 2.53965   11.63506  2.83989   1.000 284.72393 ? 112 DC B C2    1 
ATOM 274 O O2    . DC B 2 5  ? 3.39956   11.96156  2.00887   1.000 290.05891 ? 112 DC B O2    1 
ATOM 275 N N3    . DC B 2 5  ? 1.25387   11.38703  2.46815   1.000 285.62215 ? 112 DC B N3    1 
ATOM 276 C C4    . DC B 2 5  ? 0.34136   11.04926  3.38837   1.000 280.25747 ? 112 DC B C4    1 
ATOM 277 N N4    . DC B 2 5  ? -0.91234  10.80673  2.97544   1.000 282.06982 ? 112 DC B N4    1 
ATOM 278 C C5    . DC B 2 5  ? 0.67676   10.94461  4.77495   1.000 273.49370 ? 112 DC B C5    1 
ATOM 279 C C6    . DC B 2 5  ? 1.94564   11.19132  5.13054   1.000 272.86730 ? 112 DC B C6    1 
ATOM 280 P P     . DG B 2 6  ? 8.17514   13.11912  6.47020   1.000 283.74412 ? 113 DG B P     1 
ATOM 281 O OP1   . DG B 2 6  ? 9.06163   11.94666  6.62277   1.000 281.91426 ? 113 DG B OP1   1 
ATOM 282 O OP2   . DG B 2 6  ? 7.76686   13.88286  7.67150   1.000 281.14018 ? 113 DG B OP2   1 
ATOM 283 O "O5'" . DG B 2 6  ? 8.83820   14.12364  5.41903   1.000 292.01265 ? 113 DG B "O5'" 1 
ATOM 284 C "C5'" . DG B 2 6  ? 8.81470   13.81345  4.02537   1.000 296.40088 ? 113 DG B "C5'" 1 
ATOM 285 C "C4'" . DG B 2 6  ? 8.68869   15.07859  3.18952   1.000 303.73598 ? 113 DG B "C4'" 1 
ATOM 286 O "O4'" . DG B 2 6  ? 7.28972   15.41923  3.03350   1.000 303.26935 ? 113 DG B "O4'" 1 
ATOM 287 C "C3'" . DG B 2 6  ? 9.40117   16.30491  3.75955   1.000 307.02932 ? 113 DG B "C3'" 1 
ATOM 288 O "O3'" . DG B 2 6  ? 10.36963  16.84651  2.78913   1.000 315.11720 ? 113 DG B "O3'" 1 
ATOM 289 C "C2'" . DG B 2 6  ? 8.28690   17.28954  4.16580   1.000 306.92144 ? 113 DG B "C2'" 1 
ATOM 290 C "C1'" . DG B 2 6  ? 6.99114   16.68320  3.60157   1.000 305.00330 ? 113 DG B "C1'" 1 
ATOM 291 N N9    . DG B 2 6  ? 5.91888   16.50377  4.59299   1.000 298.77344 ? 113 DG B N9    1 
ATOM 292 C C8    . DG B 2 6  ? 5.98304   16.74793  5.94657   1.000 294.32782 ? 113 DG B C8    1 
ATOM 293 N N7    . DG B 2 6  ? 4.86617   16.49149  6.57518   1.000 289.68719 ? 113 DG B N7    1 
ATOM 294 C C5    . DG B 2 6  ? 4.00956   16.04399  5.57878   1.000 291.20103 ? 113 DG B C5    1 
ATOM 295 C C6    . DG B 2 6  ? 2.66316   15.61647  5.65885   1.000 288.54778 ? 113 DG B C6    1 
ATOM 296 O O6    . DG B 2 6  ? 1.93961   15.54777  6.66252   1.000 283.97544 ? 113 DG B O6    1 
ATOM 297 N N1    . DG B 2 6  ? 2.16733   15.24507  4.41249   1.000 292.43541 ? 113 DG B N1    1 
ATOM 298 C C2    . DG B 2 6  ? 2.88091   15.28094  3.23651   1.000 298.11583 ? 113 DG B C2    1 
ATOM 299 N N2    . DG B 2 6  ? 2.23304   14.88464  2.13461   1.000 301.91868 ? 113 DG B N2    1 
ATOM 300 N N3    . DG B 2 6  ? 4.14149   15.67880  3.14806   1.000 300.52644 ? 113 DG B N3    1 
ATOM 301 C C4    . DG B 2 6  ? 4.64105   16.04416  4.35209   1.000 296.83729 ? 113 DG B C4    1 
ATOM 302 P P     . DT B 2 7  ? 10.02154  18.05260  1.77269   1.000 312.43586 ? 114 DT B P     1 
ATOM 303 O OP1   . DT B 2 7  ? 10.96132  17.94919  0.63485   1.000 319.24581 ? 114 DT B OP1   1 
ATOM 304 O OP2   . DT B 2 7  ? 9.96593   19.31874  2.53854   1.000 314.06318 ? 114 DT B OP2   1 
ATOM 305 O "O5'" . DT B 2 7  ? 8.56580   17.69549  1.21807   1.000 311.04423 ? 114 DT B "O5'" 1 
ATOM 306 C "C5'" . DT B 2 7  ? 8.31935   17.59516  -0.17135  1.000 317.15753 ? 114 DT B "C5'" 1 
ATOM 307 C "C4'" . DT B 2 7  ? 7.17927   18.51268  -0.57195  1.000 321.68175 ? 114 DT B "C4'" 1 
ATOM 308 O "O4'" . DT B 2 7  ? 6.04484   18.32693  0.33037   1.000 315.18600 ? 114 DT B "O4'" 1 
ATOM 309 C "C3'" . DT B 2 7  ? 7.51723   20.00465  -0.52147  1.000 328.28324 ? 114 DT B "C3'" 1 
ATOM 310 O "O3'" . DT B 2 7  ? 6.99404   20.65559  -1.67414  1.000 337.13450 ? 114 DT B "O3'" 1 
ATOM 311 C "C2'" . DT B 2 7  ? 6.82373   20.47228  0.75859   1.000 323.13812 ? 114 DT B "C2'" 1 
ATOM 312 C "C1'" . DT B 2 7  ? 5.58504   19.59185  0.74691   1.000 318.27359 ? 114 DT B "C1'" 1 
ATOM 313 N N1    . DT B 2 7  ? 4.90029   19.47400  2.08410   1.000 310.65777 ? 114 DT B N1    1 
ATOM 314 C C2    . DT B 2 7  ? 3.67456   18.83573  2.16849   1.000 306.96926 ? 114 DT B C2    1 
ATOM 315 O O2    . DT B 2 7  ? 3.10515   18.33170  1.20537   1.000 309.59838 ? 114 DT B O2    1 
ATOM 316 N N3    . DT B 2 7  ? 3.13534   18.79925  3.43071   1.000 300.61400 ? 114 DT B N3    1 
ATOM 317 C C4    . DT B 2 7  ? 3.67844   19.32955  4.59622   1.000 297.79984 ? 114 DT B C4    1 
ATOM 318 O O4    . DT B 2 7  ? 3.10788   19.24053  5.68280   1.000 292.53798 ? 114 DT B O4    1 
ATOM 319 C C5    . DT B 2 7  ? 4.95865   19.98826  4.44121   1.000 302.11524 ? 114 DT B C5    1 
ATOM 320 C C7    . DT B 2 7  ? 5.64565   20.60163  5.63469   1.000 300.46540 ? 114 DT B C7    1 
ATOM 321 C C6    . DT B 2 7  ? 5.49818   20.03408  3.20755   1.000 308.22458 ? 114 DT B C6    1 
ATOM 322 O "O5'" . DC C 3 1  ? 14.34258  -21.86652 -11.04857 1.000 402.37474 ? 99  DC C "O5'" 1 
ATOM 323 C "C5'" . DC C 3 1  ? 15.41043  -21.08984 -11.55813 1.000 405.79130 ? 99  DC C "C5'" 1 
ATOM 324 C "C4'" . DC C 3 1  ? 15.19523  -19.61857 -11.26140 1.000 392.11348 ? 99  DC C "C4'" 1 
ATOM 325 O "O4'" . DC C 3 1  ? 14.03827  -19.14665 -11.99227 1.000 386.58915 ? 99  DC C "O4'" 1 
ATOM 326 C "C3'" . DC C 3 1  ? 14.92071  -19.27887 -9.79652  1.000 380.14252 ? 99  DC C "C3'" 1 
ATOM 327 O "O3'" . DC C 3 1  ? 15.44594  -17.98956 -9.50695  1.000 372.65624 ? 99  DC C "O3'" 1 
ATOM 328 C "C2'" . DC C 3 1  ? 13.39964  -19.27749 -9.74178  1.000 371.59510 ? 99  DC C "C2'" 1 
ATOM 329 C "C1'" . DC C 3 1  ? 13.07438  -18.65214 -11.08390 1.000 372.92840 ? 99  DC C "C1'" 1 
ATOM 330 N N1    . DC C 3 1  ? 11.73822  -18.99549 -11.59870 1.000 371.33926 ? 99  DC C N1    1 
ATOM 331 C C2    . DC C 3 1  ? 11.35242  -18.52029 -12.84376 1.000 373.64579 ? 99  DC C C2    1 
ATOM 332 O O2    . DC C 3 1  ? 12.16142  -17.84372 -13.50333 1.000 377.26653 ? 99  DC C O2    1 
ATOM 333 N N3    . DC C 3 1  ? 10.13075  -18.84328 -13.33171 1.000 372.87917 ? 99  DC C N3    1 
ATOM 334 C C4    . DC C 3 1  ? 9.30371   -19.59487 -12.60157 1.000 369.44695 ? 99  DC C C4    1 
ATOM 335 N N4    . DC C 3 1  ? 8.10205   -19.87921 -13.11400 1.000 368.93449 ? 99  DC C N4    1 
ATOM 336 C C5    . DC C 3 1  ? 9.67057   -20.07442 -11.31101 1.000 366.79566 ? 99  DC C C5    1 
ATOM 337 C C6    . DC C 3 1  ? 10.88667  -19.76333 -10.85434 1.000 368.04319 ? 99  DC C C6    1 
ATOM 338 P P     . DT C 3 2  ? 15.58081  -17.47830 -7.99031  1.000 394.43781 ? 100 DT C P     1 
ATOM 339 O OP1   . DT C 3 2  ? 15.85755  -18.66708 -7.15809  1.000 396.24540 ? 100 DT C OP1   1 
ATOM 340 O OP2   . DT C 3 2  ? 14.41492  -16.61704 -7.68913  1.000 386.26054 ? 100 DT C OP2   1 
ATOM 341 O "O5'" . DT C 3 2  ? 16.87843  -16.54095 -8.01031  1.000 399.74200 ? 100 DT C "O5'" 1 
ATOM 342 C "C5'" . DT C 3 2  ? 16.77927  -15.19874 -8.46987  1.000 399.53150 ? 100 DT C "C5'" 1 
ATOM 343 C "C4'" . DT C 3 2  ? 17.09708  -15.10388 -9.95172  1.000 406.69339 ? 100 DT C "C4'" 1 
ATOM 344 O "O4'" . DT C 3 2  ? 16.00708  -15.67718 -10.72850 1.000 404.32792 ? 100 DT C "O4'" 1 
ATOM 345 C "C3'" . DT C 3 2  ? 17.25862  -13.68749 -10.47634 1.000 408.69051 ? 100 DT C "C3'" 1 
ATOM 346 O "O3'" . DT C 3 2  ? 18.17492  -13.68180 -11.55288 1.000 419.39209 ? 100 DT C "O3'" 1 
ATOM 347 C "C2'" . DT C 3 2  ? 15.84925  -13.35840 -10.94787 1.000 400.87869 ? 100 DT C "C2'" 1 
ATOM 348 C "C1'" . DT C 3 2  ? 15.44772  -14.68367 -11.56743 1.000 401.98612 ? 100 DT C "C1'" 1 
ATOM 349 N N1    . DT C 3 2  ? 13.98180  -14.87920 -11.62288 1.000 393.37315 ? 100 DT C N1    1 
ATOM 350 C C2    . DT C 3 2  ? 13.30678  -14.67818 -12.81012 1.000 393.63840 ? 100 DT C C2    1 
ATOM 351 O O2    . DT C 3 2  ? 13.85895  -14.33854 -13.84451 1.000 400.66654 ? 100 DT C O2    1 
ATOM 352 N N3    . DT C 3 2  ? 11.95199  -14.87738 -12.73977 1.000 385.60463 ? 100 DT C N3    1 
ATOM 353 C C4    . DT C 3 2  ? 11.22562  -15.25414 -11.61880 1.000 377.63393 ? 100 DT C C4    1 
ATOM 354 O O4    . DT C 3 2  ? 10.01171  -15.41105 -11.64700 1.000 371.21548 ? 100 DT C O4    1 
ATOM 355 C C5    . DT C 3 2  ? 12.00020  -15.44746 -10.41566 1.000 377.98315 ? 100 DT C C5    1 
ATOM 356 C C7    . DT C 3 2  ? 11.32335  -15.86229 -9.14193  1.000 370.42070 ? 100 DT C C7    1 
ATOM 357 C C6    . DT C 3 2  ? 13.31920  -15.24964 -10.47412 1.000 385.68476 ? 100 DT C C6    1 
ATOM 358 P P     . DG C 3 3  ? 18.80022  -12.29281 -12.06105 1.000 414.95672 ? 101 DG C P     1 
ATOM 359 O OP1   . DG C 3 3  ? 20.26583  -12.39596 -11.88085 1.000 422.16739 ? 101 DG C OP1   1 
ATOM 360 O OP2   . DG C 3 3  ? 18.05152  -11.19297 -11.40482 1.000 407.27641 ? 101 DG C OP2   1 
ATOM 361 O "O5'" . DG C 3 3  ? 18.47055  -12.27199 -13.62935 1.000 421.50952 ? 101 DG C "O5'" 1 
ATOM 362 C "C5'" . DG C 3 3  ? 17.21524  -12.74353 -14.10345 1.000 414.72693 ? 101 DG C "C5'" 1 
ATOM 363 C "C4'" . DG C 3 3  ? 16.43292  -11.62639 -14.76559 1.000 411.60931 ? 101 DG C "C4'" 1 
ATOM 364 O "O4'" . DG C 3 3  ? 15.01247  -11.93142 -14.69758 1.000 401.75296 ? 101 DG C "O4'" 1 
ATOM 365 C "C3'" . DG C 3 3  ? 16.58823  -10.24986 -14.11166 1.000 409.05251 ? 101 DG C "C3'" 1 
ATOM 366 O "O3'" . DG C 3 3  ? 16.52591  -9.23850  -15.10632 1.000 412.24280 ? 101 DG C "O3'" 1 
ATOM 367 C "C2'" . DG C 3 3  ? 15.37350  -10.19126 -13.19847 1.000 396.60320 ? 101 DG C "C2'" 1 
ATOM 368 C "C1'" . DG C 3 3  ? 14.34589  -10.84381 -14.10251 1.000 393.57871 ? 101 DG C "C1'" 1 
ATOM 369 N N9    . DG C 3 3  ? 13.14972  -11.31559 -13.40887 1.000 382.93119 ? 101 DG C N9    1 
ATOM 370 C C8    . DG C 3 3  ? 13.04261  -11.70400 -12.09535 1.000 376.69362 ? 101 DG C C8    1 
ATOM 371 N N7    . DG C 3 3  ? 11.83252  -12.06352 -11.75899 1.000 367.90585 ? 101 DG C N7    1 
ATOM 372 C C5    . DG C 3 3  ? 11.08928  -11.88627 -12.92180 1.000 368.30594 ? 101 DG C C5    1 
ATOM 373 C C6    . DG C 3 3  ? 9.71091   -12.10407 -13.17282 1.000 361.56802 ? 101 DG C C6    1 
ATOM 374 O O6    . DG C 3 3  ? 8.84354   -12.51614 -12.39123 1.000 353.68569 ? 101 DG C O6    1 
ATOM 375 N N1    . DG C 3 3  ? 9.36805   -11.79347 -14.49106 1.000 365.40358 ? 101 DG C N1    1 
ATOM 376 C C2    . DG C 3 3  ? 10.24932  -11.33237 -15.44241 1.000 374.45921 ? 101 DG C C2    1 
ATOM 377 N N2    . DG C 3 3  ? 9.74665   -11.08169 -16.66296 1.000 377.19254 ? 101 DG C N2    1 
ATOM 378 N N3    . DG C 3 3  ? 11.53799  -11.12229 -15.21545 1.000 380.88472 ? 101 DG C N3    1 
ATOM 379 C C4    . DG C 3 3  ? 11.88620  -11.42138 -13.94209 1.000 377.37451 ? 101 DG C C4    1 
ATOM 380 P P     . DC C 3 4  ? 17.36186  -7.87760  -14.93396 1.000 417.93250 ? 102 DC C P     1 
ATOM 381 O OP1   . DC C 3 4  ? 18.75195  -8.14472  -15.35716 1.000 418.85129 ? 102 DC C OP1   1 
ATOM 382 O OP2   . DC C 3 4  ? 17.09583  -7.36344  -13.57331 1.000 404.20349 ? 102 DC C OP2   1 
ATOM 383 O "O5'" . DC C 3 4  ? 16.70076  -6.88302  -15.99827 1.000 402.69355 ? 102 DC C "O5'" 1 
ATOM 384 C "C5'" . DC C 3 4  ? 15.67563  -5.98229  -15.59436 1.000 390.57316 ? 102 DC C "C5'" 1 
ATOM 385 C "C4'" . DC C 3 4  ? 14.36276  -6.30338  -16.28853 1.000 383.00878 ? 102 DC C "C4'" 1 
ATOM 386 O "O4'" . DC C 3 4  ? 13.75839  -7.44991  -15.66124 1.000 376.64228 ? 102 DC C "O4'" 1 
ATOM 387 C "C3'" . DC C 3 4  ? 13.30641  -5.21180  -16.19388 1.000 371.97159 ? 102 DC C "C3'" 1 
ATOM 388 O "O3'" . DC C 3 4  ? 13.45531  -4.29117  -17.28047 1.000 376.90098 ? 102 DC C "O3'" 1 
ATOM 389 C "C2'" . DC C 3 4  ? 11.98389  -5.98443  -16.28594 1.000 362.05687 ? 102 DC C "C2'" 1 
ATOM 390 C "C1'" . DC C 3 4  ? 12.36173  -7.41747  -15.87863 1.000 365.72131 ? 102 DC C "C1'" 1 
ATOM 391 N N1    . DC C 3 4  ? 11.66496  -7.91370  -14.63942 1.000 354.70666 ? 102 DC C N1    1 
ATOM 392 C C2    . DC C 3 4  ? 10.29081  -8.19671  -14.67509 1.000 346.56639 ? 102 DC C C2    1 
ATOM 393 O O2    . DC C 3 4  ? 9.66438   -8.02417  -15.72703 1.000 347.24621 ? 102 DC C O2    1 
ATOM 394 N N3    . DC C 3 4  ? 9.68341   -8.65417  -13.55046 1.000 338.60093 ? 102 DC C N3    1 
ATOM 395 C C4    . DC C 3 4  ? 10.38952  -8.82934  -12.43321 1.000 338.26142 ? 102 DC C C4    1 
ATOM 396 N N4    . DC C 3 4  ? 9.74565   -9.28373  -11.35120 1.000 330.33647 ? 102 DC C N4    1 
ATOM 397 C C5    . DC C 3 4  ? 11.78841  -8.55127  -12.37748 1.000 346.57191 ? 102 DC C C5    1 
ATOM 398 C C6    . DC C 3 4  ? 12.37821  -8.10065  -13.49190 1.000 354.66273 ? 102 DC C C6    1 
ATOM 399 P P     . DT C 3 5  ? 12.46876  -3.02691  -17.42365 1.000 376.27229 ? 103 DT C P     1 
ATOM 400 O OP1   . DT C 3 5  ? 13.17912  -1.98411  -18.19812 1.000 380.52103 ? 103 DT C OP1   1 
ATOM 401 O OP2   . DT C 3 5  ? 11.93295  -2.70085  -16.08263 1.000 365.96987 ? 103 DT C OP2   1 
ATOM 402 O "O5'" . DT C 3 5  ? 11.26007  -3.58193  -18.31202 1.000 374.25728 ? 103 DT C "O5'" 1 
ATOM 403 C "C5'" . DT C 3 5  ? 10.29846  -2.67662  -18.83261 1.000 366.92081 ? 103 DT C "C5'" 1 
ATOM 404 C "C4'" . DT C 3 5  ? 8.89096   -3.07320  -18.42203 1.000 355.17444 ? 103 DT C "C4'" 1 
ATOM 405 O "O4'" . DT C 3 5  ? 8.93691   -3.96656  -17.29834 1.000 352.15242 ? 103 DT C "O4'" 1 
ATOM 406 C "C3'" . DT C 3 5  ? 8.00239   -1.91813  -17.97050 1.000 343.22080 ? 103 DT C "C3'" 1 
ATOM 407 O "O3'" . DT C 3 5  ? 7.23107   -1.43170  -19.10152 1.000 341.26136 ? 103 DT C "O3'" 1 
ATOM 408 C "C2'" . DT C 3 5  ? 7.13714   -2.52197  -16.83894 1.000 333.07394 ? 103 DT C "C2'" 1 
ATOM 409 C "C1'" . DT C 3 5  ? 7.67651   -3.94667  -16.67807 1.000 339.83164 ? 103 DT C "C1'" 1 
ATOM 410 N N1    . DT C 3 5  ? 7.83548   -4.39572  -15.25065 1.000 330.17481 ? 103 DT C N1    1 
ATOM 411 C C2    . DT C 3 5  ? 6.74393   -4.89122  -14.56606 1.000 322.16441 ? 103 DT C C2    1 
ATOM 412 O O2    . DT C 3 5  ? 5.63054   -4.96874  -15.05210 1.000 317.51848 ? 103 DT C O2    1 
ATOM 413 N N3    . DT C 3 5  ? 7.00568   -5.28721  -13.27696 1.000 320.06760 ? 103 DT C N3    1 
ATOM 414 C C4    . DT C 3 5  ? 8.22408   -5.24117  -12.62447 1.000 324.77802 ? 103 DT C C4    1 
ATOM 415 O O4    . DT C 3 5  ? 8.36234   -5.62029  -11.46776 1.000 321.70988 ? 103 DT C O4    1 
ATOM 416 C C5    . DT C 3 5  ? 9.32328   -4.72138  -13.40205 1.000 333.39266 ? 103 DT C C5    1 
ATOM 417 C C7    . DT C 3 5  ? 10.69152  -4.62697  -12.80048 1.000 340.10601 ? 103 DT C C7    1 
ATOM 418 C C6    . DT C 3 5  ? 9.07936   -4.33148  -14.66078 1.000 335.63162 ? 103 DT C C6    1 
ATOM 419 P P     . DA C 3 6  ? 5.64077   -1.17431  -19.02759 1.000 349.26428 ? 104 DA C P     1 
ATOM 420 O OP1   . DA C 3 6  ? 4.95797   -2.48431  -18.90246 1.000 349.85106 ? 104 DA C OP1   1 
ATOM 421 O OP2   . DA C 3 6  ? 5.30431   -0.32079  -20.18922 1.000 351.73642 ? 104 DA C OP2   1 
ATOM 422 O "O5'" . DA C 3 6  ? 5.43797   -0.26250  -17.72481 1.000 336.88620 ? 104 DA C "O5'" 1 
ATOM 423 C "C5'" . DA C 3 6  ? 4.15818   0.28015   -17.41970 1.000 326.53430 ? 104 DA C "C5'" 1 
ATOM 424 C "C4'" . DA C 3 6  ? 3.19065   -0.80921  -16.99608 1.000 322.03564 ? 104 DA C "C4'" 1 
ATOM 425 O "O4'" . DA C 3 6  ? 3.88282   -1.77955  -16.16041 1.000 323.02702 ? 104 DA C "O4'" 1 
ATOM 426 C "C3'" . DA C 3 6  ? 2.01436   -0.32547  -16.16733 1.000 311.68134 ? 104 DA C "C3'" 1 
ATOM 427 O "O3'" . DA C 3 6  ? 0.89134   -1.15354  -16.39741 1.000 314.23665 ? 104 DA C "O3'" 1 
ATOM 428 C "C2'" . DA C 3 6  ? 2.54102   -0.48314  -14.74811 1.000 304.89190 ? 104 DA C "C2'" 1 
ATOM 429 C "C1'" . DA C 3 6  ? 3.30819   -1.79163  -14.86753 1.000 312.24110 ? 104 DA C "C1'" 1 
ATOM 430 N N9    . DA C 3 6  ? 4.38089   -1.95628  -13.87924 1.000 299.18332 ? 104 DA C N9    1 
ATOM 431 C C8    . DA C 3 6  ? 5.65788   -1.47266  -13.96424 1.000 300.45719 ? 104 DA C C8    1 
ATOM 432 N N7    . DA C 3 6  ? 6.41449   -1.78233  -12.93724 1.000 296.81054 ? 104 DA C N7    1 
ATOM 433 C C5    . DA C 3 6  ? 5.57948   -2.52635  -12.11926 1.000 292.92201 ? 104 DA C C5    1 
ATOM 434 C C6    . DA C 3 6  ? 5.78755   -3.14708  -10.87017 1.000 288.63255 ? 104 DA C C6    1 
ATOM 435 N N6    . DA C 3 6  ? 6.94998   -3.10510  -10.21829 1.000 291.96453 ? 104 DA C N6    1 
ATOM 436 N N1    . DA C 3 6  ? 4.74740   -3.81357  -10.31741 1.000 285.97166 ? 104 DA C N1    1 
ATOM 437 C C2    . DA C 3 6  ? 3.58458   -3.84980  -10.98285 1.000 287.43585 ? 104 DA C C2    1 
ATOM 438 N N3    . DA C 3 6  ? 3.27080   -3.30074  -12.16206 1.000 291.55514 ? 104 DA C N3    1 
ATOM 439 C C4    . DA C 3 6  ? 4.32532   -2.64972  -12.68420 1.000 294.20892 ? 104 DA C C4    1 
ATOM 440 P P     . DC C 3 7  ? -0.57820  -0.61742  -16.04557 1.000 313.40296 ? 105 DC C P     1 
ATOM 441 O OP1   . DC C 3 7  ? -1.55057  -1.48588  -16.74723 1.000 319.99446 ? 105 DC C OP1   1 
ATOM 442 O OP2   . DC C 3 7  ? -0.57996  0.84181   -16.28988 1.000 313.09958 ? 105 DC C OP2   1 
ATOM 443 O "O5'" . DC C 3 7  ? -0.70149  -0.84747  -14.46518 1.000 303.85799 ? 105 DC C "O5'" 1 
ATOM 444 C "C5'" . DC C 3 7  ? -0.78282  -2.16992  -13.94848 1.000 302.83613 ? 105 DC C "C5'" 1 
ATOM 445 C "C4'" . DC C 3 7  ? -0.90457  -2.16870  -12.43158 1.000 294.03587 ? 105 DC C "C4'" 1 
ATOM 446 O "O4'" . DC C 3 7  ? 0.41530   -2.19034  -11.82398 1.000 289.71682 ? 105 DC C "O4'" 1 
ATOM 447 C "C3'" . DC C 3 7  ? -1.62262  -0.96143  -11.81830 1.000 289.52829 ? 105 DC C "C3'" 1 
ATOM 448 O "O3'" . DC C 3 7  ? -2.42393  -1.40645  -10.73350 1.000 285.13792 ? 105 DC C "O3'" 1 
ATOM 449 C "C2'" . DC C 3 7  ? -0.45554  -0.11396  -11.31681 1.000 284.61165 ? 105 DC C "C2'" 1 
ATOM 450 C "C1'" . DC C 3 7  ? 0.44764   -1.21694  -10.80985 1.000 282.53988 ? 105 DC C "C1'" 1 
ATOM 451 N N1    . DC C 3 7  ? 1.86144   -0.82187  -10.56266 1.000 279.47891 ? 105 DC C N1    1 
ATOM 452 C C2    . DC C 3 7  ? 2.46958   -1.21762  -9.37503  1.000 275.13161 ? 105 DC C C2    1 
ATOM 453 O O2    . DC C 3 7  ? 1.80852   -1.87053  -8.56293  1.000 272.36595 ? 105 DC C O2    1 
ATOM 454 N N3    . DC C 3 7  ? 3.75944   -0.87401  -9.14758  1.000 274.76897 ? 105 DC C N3    1 
ATOM 455 C C4    . DC C 3 7  ? 4.43065   -0.16663  -10.05545 1.000 278.14373 ? 105 DC C C4    1 
ATOM 456 N N4    . DC C 3 7  ? 5.70282   0.15166   -9.78604  1.000 279.04706 ? 105 DC C N4    1 
ATOM 457 C C5    . DC C 3 7  ? 3.82574   0.24726   -11.27966 1.000 282.46521 ? 105 DC C C5    1 
ATOM 458 C C6    . DC C 3 7  ? 2.54973   -0.10054  -11.48801 1.000 282.94104 ? 105 DC C C6    1 
ATOM 459 P P     . DT C 3 8  ? -3.85904  -0.74980  -10.43611 1.000 290.63090 ? 106 DT C P     1 
ATOM 460 O OP1   . DT C 3 8  ? -4.87870  -1.58814  -11.10577 1.000 297.36205 ? 106 DT C OP1   1 
ATOM 461 O OP2   . DT C 3 8  ? -3.78687  0.70167   -10.72165 1.000 290.95713 ? 106 DT C OP2   1 
ATOM 462 O "O5'" . DT C 3 8  ? -4.01670  -0.91849  -8.85511  1.000 282.33051 ? 106 DT C "O5'" 1 
ATOM 463 C "C5'" . DT C 3 8  ? -3.37015  -2.00160  -8.18807  1.000 278.77719 ? 106 DT C "C5'" 1 
ATOM 464 C "C4'" . DT C 3 8  ? -2.89641  -1.57975  -6.80988  1.000 270.48841 ? 106 DT C "C4'" 1 
ATOM 465 O "O4'" . DT C 3 8  ? -1.48358  -1.22491  -6.85880  1.000 268.50519 ? 106 DT C "O4'" 1 
ATOM 466 C "C3'" . DT C 3 8  ? -3.60298  -0.34813  -6.22677  1.000 268.08057 ? 106 DT C "C3'" 1 
ATOM 467 O "O3'" . DT C 3 8  ? -3.70824  -0.49146  -4.81918  1.000 262.73298 ? 106 DT C "O3'" 1 
ATOM 468 C "C2'" . DT C 3 8  ? -2.61388  0.75853   -6.56250  1.000 267.26829 ? 106 DT C "C2'" 1 
ATOM 469 C "C1'" . DT C 3 8  ? -1.33773  0.02167   -6.22366  1.000 264.37811 ? 106 DT C "C1'" 1 
ATOM 470 N N1    . DT C 3 8  ? -0.08497  0.69035   -6.67505  1.000 264.02289 ? 106 DT C N1    1 
ATOM 471 C C2    . DT C 3 8  ? 1.01364   0.65350   -5.85042  1.000 260.83355 ? 106 DT C C2    1 
ATOM 472 O O2    . DT C 3 8  ? 1.01580   0.08764   -4.77571  1.000 258.21598 ? 106 DT C O2    1 
ATOM 473 N N3    . DT C 3 8  ? 2.12063   1.29438   -6.33281  1.000 262.05242 ? 106 DT C N3    1 
ATOM 474 C C4    . DT C 3 8  ? 2.23244   1.96577   -7.53149  1.000 265.53782 ? 106 DT C C4    1 
ATOM 475 O O4    . DT C 3 8  ? 3.27440   2.51167   -7.87650  1.000 266.67986 ? 106 DT C O4    1 
ATOM 476 C C5    . DT C 3 8  ? 1.03911   1.97508   -8.35140  1.000 269.11646 ? 106 DT C C5    1 
ATOM 477 C C7    . DT C 3 8  ? 1.04137   2.67376   -9.67772  1.000 275.04635 ? 106 DT C C7    1 
ATOM 478 C C6    . DT C 3 8  ? -0.05208  1.34607   -7.88574  1.000 268.88578 ? 106 DT C C6    1 
ATOM 479 P P     . DG C 3 9  ? -5.10728  -0.84321  -4.11407  1.000 264.60481 ? 107 DG C P     1 
ATOM 480 O OP1   . DG C 3 9  ? -5.46469  -2.21365  -4.55182  1.000 267.59077 ? 107 DG C OP1   1 
ATOM 481 O OP2   . DG C 3 9  ? -6.05288  0.27753   -4.34989  1.000 266.99548 ? 107 DG C OP2   1 
ATOM 482 O "O5'" . DG C 3 9  ? -4.73033  -0.88981  -2.54990  1.000 258.41719 ? 107 DG C "O5'" 1 
ATOM 483 C "C5'" . DG C 3 9  ? -4.12938  -2.07340  -1.99480  1.000 256.04083 ? 107 DG C "C5'" 1 
ATOM 484 C "C4'" . DG C 3 9  ? -3.12823  -1.75216  -0.88491  1.000 252.65508 ? 107 DG C "C4'" 1 
ATOM 485 O "O4'" . DG C 3 9  ? -1.93543  -1.13498  -1.43811  1.000 252.82199 ? 107 DG C "O4'" 1 
ATOM 486 C "C3'" . DG C 3 9  ? -3.61748  -0.82439  0.22252   1.000 250.02957 ? 107 DG C "C3'" 1 
ATOM 487 O "O3'" . DG C 3 9  ? -3.10688  -1.30511  1.48149   1.000 248.54243 ? 107 DG C "O3'" 1 
ATOM 488 C "C2'" . DG C 3 9  ? -3.02233  0.53801   -0.18194  1.000 249.31112 ? 107 DG C "C2'" 1 
ATOM 489 C "C1'" . DG C 3 9  ? -1.70533  0.13139   -0.84430  1.000 250.29137 ? 107 DG C "C1'" 1 
ATOM 490 N N9    . DG C 3 9  ? -1.23297  1.02701   -1.91243  1.000 251.49885 ? 107 DG C N9    1 
ATOM 491 C C8    . DG C 3 9  ? -1.91570  1.37232   -3.05456  1.000 254.19178 ? 107 DG C C8    1 
ATOM 492 N N7    . DG C 3 9  ? -1.23652  2.14915   -3.85320  1.000 255.64259 ? 107 DG C N7    1 
ATOM 493 C C5    . DG C 3 9  ? -0.01195  2.30619   -3.22167  1.000 253.24621 ? 107 DG C C5    1 
ATOM 494 C C6    . DG C 3 9  ? 1.12890   3.03943   -3.62736  1.000 253.62336 ? 107 DG C C6    1 
ATOM 495 O O6    . DG C 3 9  ? 1.27116   3.71339   -4.65197  1.000 255.90614 ? 107 DG C O6    1 
ATOM 496 N N1    . DG C 3 9  ? 2.16717   2.94627   -2.69791  1.000 251.51155 ? 107 DG C N1    1 
ATOM 497 C C2    . DG C 3 9  ? 2.10537   2.22299   -1.52662  1.000 249.62638 ? 107 DG C C2    1 
ATOM 498 N N2    . DG C 3 9  ? 3.19996   2.24443   -0.75035  1.000 254.89996 ? 107 DG C N2    1 
ATOM 499 N N3    . DG C 3 9  ? 1.03464   1.53158   -1.13548  1.000 249.34755 ? 107 DG C N3    1 
ATOM 500 C C4    . DG C 3 9  ? 0.01754   1.61475   -2.03193  1.000 251.06651 ? 107 DG C C4    1 
ATOM 501 P P     . DT C 3 10 ? -3.69358  -0.78446  2.88898   1.000 245.48384 ? 108 DT C P     1 
ATOM 502 O OP1   . DT C 3 10 ? -3.56175  -1.87865  3.88013   1.000 245.72409 ? 108 DT C OP1   1 
ATOM 503 O OP2   . DT C 3 10 ? -5.02558  -0.18642  2.65590   1.000 246.25270 ? 108 DT C OP2   1 
ATOM 504 O "O5'" . DT C 3 10 ? -2.66700  0.37185   3.28318   1.000 243.82605 ? 108 DT C "O5'" 1 
ATOM 505 C "C5'" . DT C 3 10 ? -1.29323  0.24110   2.90496   1.000 243.68378 ? 108 DT C "C5'" 1 
ATOM 506 C "C4'" . DT C 3 10 ? -0.57063  1.56888   2.98236   1.000 242.40280 ? 108 DT C "C4'" 1 
ATOM 507 O "O4'" . DT C 3 10 ? -0.28910  2.07234   1.65681   1.000 243.20934 ? 108 DT C "O4'" 1 
ATOM 508 C "C3'" . DT C 3 10 ? -1.34816  2.68075   3.69515   1.000 241.68337 ? 108 DT C "C3'" 1 
ATOM 509 O "O3'" . DT C 3 10 ? -0.71163  3.05286   4.93199   1.000 240.81301 ? 108 DT C "O3'" 1 
ATOM 510 C "C2'" . DT C 3 10 ? -1.34975  3.84122   2.68748   1.000 241.98547 ? 108 DT C "C2'" 1 
ATOM 511 C "C1'" . DT C 3 10 ? -0.21536  3.46380   1.74606   1.000 242.32276 ? 108 DT C "C1'" 1 
ATOM 512 N N1    . DT C 3 10 ? -0.32971  4.06635   0.36737   1.000 243.84252 ? 108 DT C N1    1 
ATOM 513 C C2    . DT C 3 10 ? 0.75989   4.70743   -0.17907  1.000 243.99880 ? 108 DT C C2    1 
ATOM 514 O O2    . DT C 3 10 ? 1.82716   4.80676   0.39410   1.000 242.83661 ? 108 DT C O2    1 
ATOM 515 N N3    . DT C 3 10 ? 0.55569   5.22752   -1.43529  1.000 246.10036 ? 108 DT C N3    1 
ATOM 516 C C4    . DT C 3 10 ? -0.61072  5.17337   -2.17762  1.000 248.19784 ? 108 DT C C4    1 
ATOM 517 O O4    . DT C 3 10 ? -0.70200  5.66595   -3.29816  1.000 251.74183 ? 108 DT C O4    1 
ATOM 518 C C5    . DT C 3 10 ? -1.71234  4.49025   -1.54526  1.000 247.77722 ? 108 DT C C5    1 
ATOM 519 C C7    . DT C 3 10 ? -3.02662  4.37177   -2.25488  1.000 252.91833 ? 108 DT C C7    1 
ATOM 520 C C6    . DT C 3 10 ? -1.52166  3.97631   -0.31865  1.000 245.58165 ? 108 DT C C6    1 
ATOM 521 P P     . DG C 3 11 ? 0.54313   2.23986   5.52737   1.000 262.53118 ? 109 DG C P     1 
ATOM 522 O OP1   . DG C 3 11 ? 1.73396   2.54795   4.70345   1.000 264.39299 ? 109 DG C OP1   1 
ATOM 523 O OP2   . DG C 3 11 ? 0.14556   0.84039   5.80466   1.000 265.74526 ? 109 DG C OP2   1 
ATOM 524 O "O5'" . DG C 3 11 ? 0.77295   2.90559   6.95872   1.000 267.10760 ? 109 DG C "O5'" 1 
ATOM 525 C "C5'" . DG C 3 11 ? 0.10399   2.38303   8.09391   1.000 269.52240 ? 109 DG C "C5'" 1 
ATOM 526 C "C4'" . DG C 3 11 ? -0.86242  3.39820   8.67638   1.000 265.88728 ? 109 DG C "C4'" 1 
ATOM 527 O "O4'" . DG C 3 11 ? -2.14905  3.27213   8.02394   1.000 259.08976 ? 109 DG C "O4'" 1 
ATOM 528 C "C3'" . DG C 3 11 ? -1.13262  3.21428   10.15800  1.000 272.76042 ? 109 DG C "C3'" 1 
ATOM 529 O "O3'" . DG C 3 11 ? -0.21059  3.99199   10.91350  1.000 276.89115 ? 109 DG C "O3'" 1 
ATOM 530 C "C2'" . DG C 3 11 ? -2.56018  3.72435   10.32743  1.000 267.96639 ? 109 DG C "C2'" 1 
ATOM 531 C "C1'" . DG C 3 11 ? -3.19853  3.44971   8.96227   1.000 260.48713 ? 109 DG C "C1'" 1 
ATOM 532 N N9    . DG C 3 11 ? -4.08589  2.27330   8.89971   1.000 245.17800 ? 109 DG C N9    1 
ATOM 533 C C8    . DG C 3 11 ? -4.28131  1.46858   7.80052   1.000 244.48115 ? 109 DG C C8    1 
ATOM 534 N N7    . DG C 3 11 ? -5.12986  0.50028   7.99965   1.000 245.69339 ? 109 DG C N7    1 
ATOM 535 C C5    . DG C 3 11 ? -5.53978  0.66780   9.31649   1.000 247.37877 ? 109 DG C C5    1 
ATOM 536 C C6    . DG C 3 11 ? -6.45423  -0.09185  10.08216  1.000 249.55059 ? 109 DG C C6    1 
ATOM 537 O O6    . DG C 3 11 ? -7.09672  -1.08907  9.73242   1.000 250.09214 ? 109 DG C O6    1 
ATOM 538 N N1    . DG C 3 11 ? -6.59229  0.40962   11.38041  1.000 253.13304 ? 109 DG C N1    1 
ATOM 539 C C2    . DG C 3 11 ? -5.92681  1.50985   11.87385  1.000 253.47672 ? 109 DG C C2    1 
ATOM 540 N N2    . DG C 3 11 ? -6.18648  1.84620   13.15264  1.000 258.96737 ? 109 DG C N2    1 
ATOM 541 N N3    . DG C 3 11 ? -5.06335  2.23256   11.16396  1.000 249.46856 ? 109 DG C N3    1 
ATOM 542 C C4    . DG C 3 11 ? -4.91576  1.75658   9.89441   1.000 247.30579 ? 109 DG C C4    1 
ATOM 543 P P     . DG C 3 12 ? 0.72918   3.29531   12.01269  1.000 291.18760 ? 110 DG C P     1 
ATOM 544 O OP1   . DG C 3 12 ? 1.60701   4.34190   12.58129  1.000 292.39103 ? 110 DG C OP1   1 
ATOM 545 O OP2   . DG C 3 12 ? 1.32865   2.08869   11.39962  1.000 296.75476 ? 110 DG C OP2   1 
ATOM 546 O "O5'" . DG C 3 12 ? -0.28643  2.80987   13.14757  1.000 295.48958 ? 110 DG C "O5'" 1 
ATOM 547 C "C5'" . DG C 3 12 ? -1.05709  3.75760   13.86793  1.000 292.98475 ? 110 DG C "C5'" 1 
ATOM 548 C "C4'" . DG C 3 12 ? -2.01860  3.06004   14.81379  1.000 300.05161 ? 110 DG C "C4'" 1 
ATOM 549 O "O4'" . DG C 3 12 ? -2.98680  2.30188   14.04166  1.000 297.34620 ? 110 DG C "O4'" 1 
ATOM 550 C "C3'" . DG C 3 12 ? -1.37667  2.05491   15.76901  1.000 311.50390 ? 110 DG C "C3'" 1 
ATOM 551 O "O3'" . DG C 3 12 ? -2.07612  2.04060   17.00733  1.000 318.01560 ? 110 DG C "O3'" 1 
ATOM 552 C "C2'" . DG C 3 12 ? -1.55895  0.74135   15.02537  1.000 313.56896 ? 110 DG C "C2'" 1 
ATOM 553 C "C1'" . DG C 3 12 ? -2.93814  0.94771   14.43338  1.000 306.75769 ? 110 DG C "C1'" 1 
ATOM 554 N N9    . DG C 3 12 ? -3.21361  0.11385   13.26957  1.000 273.38585 ? 110 DG C N9    1 
ATOM 555 C C8    . DG C 3 12 ? -2.65974  0.22147   12.01557  1.000 266.87340 ? 110 DG C C8    1 
ATOM 556 N N7    . DG C 3 12 ? -3.11154  -0.66881  11.16991  1.000 263.22366 ? 110 DG C N7    1 
ATOM 557 C C5    . DG C 3 12 ? -4.02607  -1.41177  11.91330  1.000 267.33228 ? 110 DG C C5    1 
ATOM 558 C C6    . DG C 3 12 ? -4.83847  -2.51833  11.53975  1.000 265.49401 ? 110 DG C C6    1 
ATOM 559 O O6    . DG C 3 12 ? -4.92147  -3.08438  10.43719  1.000 259.94942 ? 110 DG C O6    1 
ATOM 560 N N1    . DG C 3 12 ? -5.61761  -2.96567  12.60617  1.000 271.53908 ? 110 DG C N1    1 
ATOM 561 C C2    . DG C 3 12 ? -5.61582  -2.41634  13.86846  1.000 279.36390 ? 110 DG C C2    1 
ATOM 562 N N2    . DG C 3 12 ? -6.42976  -2.98295  14.76924  1.000 285.16127 ? 110 DG C N2    1 
ATOM 563 N N3    . DG C 3 12 ? -4.86464  -1.38665  14.22768  1.000 281.28517 ? 110 DG C N3    1 
ATOM 564 C C4    . DG C 3 12 ? -4.09831  -0.93746  13.20536  1.000 274.46765 ? 110 DG C C4    1 
ATOM 565 P P     . DT C 3 13 ? -1.39384  1.41069   18.31737  1.000 332.76362 ? 111 DT C P     1 
ATOM 566 O OP1   . DT C 3 13 ? -0.75049  2.51726   19.05793  1.000 333.04304 ? 111 DT C OP1   1 
ATOM 567 O OP2   . DT C 3 13 ? -0.59989  0.22945   17.91316  1.000 335.45265 ? 111 DT C OP2   1 
ATOM 568 O "O5'" . DT C 3 13 ? -2.62607  0.86675   19.17295  1.000 339.57783 ? 111 DT C "O5'" 1 
ATOM 569 C "C5'" . DT C 3 13 ? -3.45059  -0.15717  18.64166  1.000 340.95055 ? 111 DT C "C5'" 1 
ATOM 570 C "C4'" . DT C 3 13 ? -3.61828  -1.28902  19.63945  1.000 349.15670 ? 111 DT C "C4'" 1 
ATOM 571 O "O4'" . DT C 3 13 ? -4.18613  -2.43723  18.96536  1.000 346.84893 ? 111 DT C "O4'" 1 
ATOM 572 C "C3'" . DT C 3 13 ? -2.32412  -1.76690  20.29185  1.000 353.61266 ? 111 DT C "C3'" 1 
ATOM 573 O "O3'" . DT C 3 13 ? -2.48786  -1.99920  21.72695  1.000 363.34471 ? 111 DT C "O3'" 1 
ATOM 574 C "C2'" . DT C 3 13 ? -1.93307  -3.02125  19.51119  1.000 351.14225 ? 111 DT C "C2'" 1 
ATOM 575 C "C1'" . DT C 3 13 ? -3.23975  -3.48429  18.86004  1.000 347.37289 ? 111 DT C "C1'" 1 
ATOM 576 N N1    . DT C 3 13 ? -3.07263  -3.83522  17.42604  1.000 306.02960 ? 111 DT C N1    1 
ATOM 577 C C2    . DT C 3 13 ? -3.83799  -4.84302  16.87239  1.000 302.85204 ? 111 DT C C2    1 
ATOM 578 O O2    . DT C 3 13 ? -4.67794  -5.47261  17.49675  1.000 305.29786 ? 111 DT C O2    1 
ATOM 579 N N3    . DT C 3 13 ? -3.58183  -5.08276  15.54611  1.000 296.50445 ? 111 DT C N3    1 
ATOM 580 C C4    . DT C 3 13 ? -2.65825  -4.43472  14.74164  1.000 293.89680 ? 111 DT C C4    1 
ATOM 581 O O4    . DT C 3 13 ? -2.49710  -4.71830  13.56103  1.000 288.42532 ? 111 DT C O4    1 
ATOM 582 C C5    . DT C 3 13 ? -1.89222  -3.39930  15.38721  1.000 297.95169 ? 111 DT C C5    1 
ATOM 583 C C7    . DT C 3 13 ? -0.86197  -2.63430  14.61198  1.000 296.02714 ? 111 DT C C7    1 
ATOM 584 C C6    . DT C 3 13 ? -2.13034  -3.15398  16.68140  1.000 303.19480 ? 111 DT C C6    1 
ATOM 585 P P     . DG C 3 14 ? -3.31604  -3.24552  22.33624  1.000 374.68263 ? 112 DG C P     1 
ATOM 586 O OP1   . DG C 3 14 ? -4.63743  -3.35816  21.68032  1.000 371.47036 ? 112 DG C OP1   1 
ATOM 587 O OP2   . DG C 3 14 ? -3.25933  -3.06988  23.80340  1.000 384.78086 ? 112 DG C OP2   1 
ATOM 588 O "O5'" . DG C 3 14 ? -2.43406  -4.54230  22.00378  1.000 373.30739 ? 112 DG C "O5'" 1 
ATOM 589 C "C5'" . DG C 3 14 ? -2.07109  -5.44852  23.04853  1.000 381.50963 ? 112 DG C "C5'" 1 
ATOM 590 C "C4'" . DG C 3 14 ? -2.73119  -6.80791  22.85885  1.000 381.03090 ? 112 DG C "C4'" 1 
ATOM 591 O "O4'" . DG C 3 14 ? -3.56496  -6.78811  21.67162  1.000 372.07034 ? 112 DG C "O4'" 1 
ATOM 592 C "C3'" . DG C 3 14 ? -1.76584  -7.97041  22.66571  1.000 381.40657 ? 112 DG C "C3'" 1 
ATOM 593 O "O3'" . DG C 3 14 ? -1.43952  -8.54602  23.92782  1.000 390.45845 ? 112 DG C "O3'" 1 
ATOM 594 C "C2'" . DG C 3 14 ? -2.57553  -8.93496  21.80517  1.000 376.07598 ? 112 DG C "C2'" 1 
ATOM 595 C "C1'" . DG C 3 14 ? -3.38752  -7.97917  20.92866  1.000 368.17035 ? 112 DG C "C1'" 1 
ATOM 596 N N9    . DG C 3 14 ? -2.73303  -7.64141  19.67008  1.000 321.16258 ? 112 DG C N9    1 
ATOM 597 C C8    . DG C 3 14 ? -1.81393  -6.63861  19.46497  1.000 320.36097 ? 112 DG C C8    1 
ATOM 598 N N7    . DG C 3 14 ? -1.39348  -6.56524  18.23749  1.000 314.48822 ? 112 DG C N7    1 
ATOM 599 C C5    . DG C 3 14 ? -2.07877  -7.57376  17.58028  1.000 310.97371 ? 112 DG C C5    1 
ATOM 600 C C6    . DG C 3 14 ? -2.03003  -7.96760  16.22901  1.000 304.71639 ? 112 DG C C6    1 
ATOM 601 O O6    . DG C 3 14 ? -1.34269  -7.48144  15.32289  1.000 301.25343 ? 112 DG C O6    1 
ATOM 602 N N1    . DG C 3 14 ? -2.87502  -9.03778  15.97520  1.000 303.13173 ? 112 DG C N1    1 
ATOM 603 C C2    . DG C 3 14 ? -3.67708  -9.65164  16.90703  1.000 307.11235 ? 112 DG C C2    1 
ATOM 604 N N2    . DG C 3 14 ? -4.42777  -10.67296 16.47377  1.000 305.06374 ? 112 DG C N2    1 
ATOM 605 N N3    . DG C 3 14 ? -3.72953  -9.29245  18.18499  1.000 313.28368 ? 112 DG C N3    1 
ATOM 606 C C4    . DG C 3 14 ? -2.90622  -8.24861  18.44843  1.000 314.85967 ? 112 DG C C4    1 
ATOM 607 P P     . DC D 4 1  ? -7.60976  17.33935  -1.00787  1.000 257.62827 ? 113 DC D P     1 
ATOM 608 O OP1   . DC D 4 1  ? -8.42688  18.49183  -0.56919  1.000 244.97192 ? 113 DC D OP1   1 
ATOM 609 O OP2   . DC D 4 1  ? -7.95937  15.96894  -0.57826  1.000 269.19547 ? 113 DC D OP2   1 
ATOM 610 O "O5'" . DC D 4 1  ? -6.09139  17.59739  -0.58468  1.000 258.15873 ? 113 DC D "O5'" 1 
ATOM 611 C "C5'" . DC D 4 1  ? -5.23327  18.35354  -1.43100  1.000 250.68999 ? 113 DC D "C5'" 1 
ATOM 612 C "C4'" . DC D 4 1  ? -4.03571  17.52846  -1.86114  1.000 255.58304 ? 113 DC D "C4'" 1 
ATOM 613 O "O4'" . DC D 4 1  ? -3.15160  17.33204  -0.73150  1.000 254.69233 ? 113 DC D "O4'" 1 
ATOM 614 C "C3'" . DC D 4 1  ? -4.37298  16.13115  -2.38974  1.000 267.05768 ? 113 DC D "C3'" 1 
ATOM 615 O "O3'" . DC D 4 1  ? -3.82977  15.95941  -3.68887  1.000 267.36113 ? 113 DC D "O3'" 1 
ATOM 616 C "C2'" . DC D 4 1  ? -3.72946  15.18023  -1.37456  1.000 272.93888 ? 113 DC D "C2'" 1 
ATOM 617 C "C1'" . DC D 4 1  ? -2.61335  16.04093  -0.81107  1.000 263.55095 ? 113 DC D "C1'" 1 
ATOM 618 N N1    . DC D 4 1  ? -2.15035  15.61513  0.54636   1.000 264.82364 ? 113 DC D N1    1 
ATOM 619 C C2    . DC D 4 1  ? -0.87820  15.99955  1.00359   1.000 259.01793 ? 113 DC D C2    1 
ATOM 620 O O2    . DC D 4 1  ? -0.16025  16.70891  0.28237   1.000 252.86816 ? 113 DC D O2    1 
ATOM 621 N N3    . DC D 4 1  ? -0.47333  15.59233  2.23345   1.000 260.47164 ? 113 DC D N3    1 
ATOM 622 C C4    . DC D 4 1  ? -1.27340  14.83039  2.98213   1.000 266.61272 ? 113 DC D C4    1 
ATOM 623 N N4    . DC D 4 1  ? -0.82936  14.45292  4.18693   1.000 267.14882 ? 113 DC D N4    1 
ATOM 624 C C5    . DC D 4 1  ? -2.56608  14.42159  2.53062   1.000 272.63967 ? 113 DC D C5    1 
ATOM 625 C C6    . DC D 4 1  ? -2.95839  14.83020  1.31826   1.000 271.84160 ? 113 DC D C6    1 
ATOM 626 P P     . DG D 4 2  ? -4.76452  15.41460  -4.87348  1.000 272.40260 ? 114 DG D P     1 
ATOM 627 O OP1   . DG D 4 2  ? -6.02815  16.18178  -4.80651  1.000 265.36741 ? 114 DG D OP1   1 
ATOM 628 O OP2   . DG D 4 2  ? -4.77575  13.93579  -4.78925  1.000 282.20280 ? 114 DG D OP2   1 
ATOM 629 O "O5'" . DG D 4 2  ? -3.99448  15.82606  -6.21224  1.000 266.11734 ? 114 DG D "O5'" 1 
ATOM 630 C "C5'" . DG D 4 2  ? -2.88549  15.06754  -6.65289  1.000 270.09184 ? 114 DG D "C5'" 1 
ATOM 631 C "C4'" . DG D 4 2  ? -1.59142  15.79032  -6.35688  1.000 262.69311 ? 114 DG D "C4'" 1 
ATOM 632 O "O4'" . DG D 4 2  ? -1.26595  15.66103  -4.94811  1.000 262.22516 ? 114 DG D "O4'" 1 
ATOM 633 C "C3'" . DG D 4 2  ? -0.39018  15.21905  -7.04586  1.000 265.13575 ? 114 DG D "C3'" 1 
ATOM 634 O "O3'" . DG D 4 2  ? 0.63897   16.17910  -6.99032  1.000 257.23475 ? 114 DG D "O3'" 1 
ATOM 635 C "C2'" . DG D 4 2  ? -0.09837  14.01344  -6.14977  1.000 272.35748 ? 114 DG D "C2'" 1 
ATOM 636 C "C1'" . DG D 4 2  ? -0.30247  14.62155  -4.77239  1.000 267.09611 ? 114 DG D "C1'" 1 
ATOM 637 N N9    . DG D 4 2  ? -0.83107  13.72093  -3.74084  1.000 273.54270 ? 114 DG D N9    1 
ATOM 638 C C8    . DG D 4 2  ? -2.08968  13.17230  -3.70347  1.000 281.24457 ? 114 DG D C8    1 
ATOM 639 N N7    . DG D 4 2  ? -2.32299  12.46841  -2.63293  1.000 284.80987 ? 114 DG D N7    1 
ATOM 640 C C5    . DG D 4 2  ? -1.15477  12.56977  -1.89298  1.000 278.86148 ? 114 DG D C5    1 
ATOM 641 C C6    . DG D 4 2  ? -0.82365  12.00800  -0.63768  1.000 278.47426 ? 114 DG D C6    1 
ATOM 642 O O6    . DG D 4 2  ? -1.53058  11.28804  0.08478   1.000 282.48738 ? 114 DG D O6    1 
ATOM 643 N N1    . DG D 4 2  ? 0.46643   12.35209  -0.23299  1.000 272.14209 ? 114 DG D N1    1 
ATOM 644 C C2    . DG D 4 2  ? 1.33527   13.14782  -0.95589  1.000 266.64229 ? 114 DG D C2    1 
ATOM 645 N N2    . DG D 4 2  ? 2.54451   13.36897  -0.40440  1.000 261.75689 ? 114 DG D N2    1 
ATOM 646 N N3    . DG D 4 2  ? 1.03518   13.68282  -2.14129  1.000 265.96817 ? 114 DG D N3    1 
ATOM 647 C C4    . DG D 4 2  ? -0.22234  13.35268  -2.54680  1.000 272.28586 ? 114 DG D C4    1 
ATOM 648 P P     . DG D 4 3  ? 2.07125   15.87878  -7.64123  1.000 271.05494 ? 115 DG D P     1 
ATOM 649 O OP1   . DG D 4 3  ? 2.55252   17.14326  -8.23775  1.000 264.08499 ? 115 DG D OP1   1 
ATOM 650 O OP2   . DG D 4 3  ? 1.90295   14.68814  -8.50299  1.000 279.36911 ? 115 DG D OP2   1 
ATOM 651 O "O5'" . DG D 4 3  ? 2.97884   15.49703  -6.37574  1.000 267.69055 ? 115 DG D "O5'" 1 
ATOM 652 C "C5'" . DG D 4 3  ? 4.40189   15.55742  -6.46316  1.000 264.27651 ? 115 DG D "C5'" 1 
ATOM 653 C "C4'" . DG D 4 3  ? 5.00623   14.16536  -6.39927  1.000 269.62785 ? 115 DG D "C4'" 1 
ATOM 654 O "O4'" . DG D 4 3  ? 4.12527   13.30059  -5.63332  1.000 275.03642 ? 115 DG D "O4'" 1 
ATOM 655 C "C3'" . DG D 4 3  ? 5.19709   13.48665  -7.76409  1.000 274.28592 ? 115 DG D "C3'" 1 
ATOM 656 O "O3'" . DG D 4 3  ? 6.48379   12.79649  -7.88228  1.000 281.27773 ? 115 DG D "O3'" 1 
ATOM 657 C "C2'" . DG D 4 3  ? 4.03423   12.49591  -7.81465  1.000 281.76383 ? 115 DG D "C2'" 1 
ATOM 658 C "C1'" . DG D 4 3  ? 3.91765   12.10985  -6.34783  1.000 281.82429 ? 115 DG D "C1'" 1 
ATOM 659 N N9    . DG D 4 3  ? 2.61606   11.54993  -5.97825  1.000 287.59137 ? 115 DG D N9    1 
ATOM 660 C C8    . DG D 4 3  ? 1.51609   11.41199  -6.78846  1.000 293.33937 ? 115 DG D C8    1 
ATOM 661 N N7    . DG D 4 3  ? 0.49089   10.87007  -6.18835  1.000 298.20972 ? 115 DG D N7    1 
ATOM 662 C C5    . DG D 4 3  ? 0.94542   10.61668  -4.89816  1.000 295.00510 ? 115 DG D C5    1 
ATOM 663 C C6    . DG D 4 3  ? 0.27965   10.02770  -3.79372  1.000 297.18274 ? 115 DG D C6    1 
ATOM 664 O O6    . DG D 4 3  ? -0.88225  9.60219   -3.73684  1.000 302.60207 ? 115 DG D O6    1 
ATOM 665 N N1    . DG D 4 3  ? 1.10499   9.95408   -2.66963  1.000 292.39790 ? 115 DG D N1    1 
ATOM 666 C C2    . DG D 4 3  ? 2.40851   10.39661  -2.61937  1.000 287.05601 ? 115 DG D C2    1 
ATOM 667 N N2    . DG D 4 3  ? 3.04849   10.23405  -1.44711  1.000 284.23633 ? 115 DG D N2    1 
ATOM 668 N N3    . DG D 4 3  ? 3.04323   10.94832  -3.64909  1.000 284.94296 ? 115 DG D N3    1 
ATOM 669 C C4    . DG D 4 3  ? 2.25232   11.02723  -4.75170  1.000 288.78787 ? 115 DG D C4    1 
ATOM 670 P P     . DA D 4 4  ? 7.74657   13.08602  -6.92079  1.000 280.93519 ? 116 DA D P     1 
ATOM 671 O OP1   . DA D 4 4  ? 7.91547   14.53412  -6.65117  1.000 278.45652 ? 116 DA D OP1   1 
ATOM 672 O OP2   . DA D 4 4  ? 8.87455   12.37628  -7.56367  1.000 288.84607 ? 116 DA D OP2   1 
ATOM 673 O "O5'" . DA D 4 4  ? 7.40876   12.26799  -5.58138  1.000 278.01774 ? 116 DA D "O5'" 1 
ATOM 674 C "C5'" . DA D 4 4  ? 8.16183   12.49217  -4.38936  1.000 278.48977 ? 116 DA D "C5'" 1 
ATOM 675 C "C4'" . DA D 4 4  ? 8.43265   11.18941  -3.64498  1.000 280.82415 ? 116 DA D "C4'" 1 
ATOM 676 O "O4'" . DA D 4 4  ? 7.18458   10.51872  -3.32490  1.000 275.84096 ? 116 DA D "O4'" 1 
ATOM 677 C "C3'" . DA D 4 4  ? 9.29052   10.17277  -4.39429  1.000 288.47131 ? 116 DA D "C3'" 1 
ATOM 678 O "O3'" . DA D 4 4  ? 10.26437  9.64159   -3.50724  1.000 292.55578 ? 116 DA D "O3'" 1 
ATOM 679 C "C2'" . DA D 4 4  ? 8.28176   9.11155   -4.84822  1.000 287.12759 ? 116 DA D "C2'" 1 
ATOM 680 C "C1'" . DA D 4 4  ? 7.23179   9.17046   -3.75066  1.000 279.88576 ? 116 DA D "C1'" 1 
ATOM 681 N N9    . DA D 4 4  ? 5.89439   8.80676   -4.20568  1.000 277.75120 ? 116 DA D N9    1 
ATOM 682 C C8    . DA D 4 4  ? 5.32479   9.12579   -5.40402  1.000 278.93919 ? 116 DA D C8    1 
ATOM 683 N N7    . DA D 4 4  ? 4.09633   8.68611   -5.54114  1.000 284.25413 ? 116 DA D N7    1 
ATOM 684 C C5    . DA D 4 4  ? 3.83671   8.03485   -4.34491  1.000 285.84853 ? 116 DA D C5    1 
ATOM 685 C C6    . DA D 4 4  ? 2.69573   7.34888   -3.85824  1.000 290.58013 ? 116 DA D C6    1 
ATOM 686 N N6    . DA D 4 4  ? 1.56357   7.20502   -4.55955  1.000 295.74666 ? 116 DA D N6    1 
ATOM 687 N N1    . DA D 4 4  ? 2.76814   6.81486   -2.61928  1.000 289.77464 ? 116 DA D N1    1 
ATOM 688 C C2    . DA D 4 4  ? 3.90675   6.95940   -1.92284  1.000 285.71556 ? 116 DA D C2    1 
ATOM 689 N N3    . DA D 4 4  ? 5.03684   7.58370   -2.27305  1.000 281.97192 ? 116 DA D N3    1 
ATOM 690 C C4    . DA D 4 4  ? 4.93444   8.10380   -3.50688  1.000 281.79218 ? 116 DA D C4    1 
ATOM 691 P P     . DC D 4 5  ? 11.40496  8.63654   -4.02544  1.000 296.20774 ? 117 DC D P     1 
ATOM 692 O OP1   . DC D 4 5  ? 12.70229  9.20898   -3.60621  1.000 300.63860 ? 117 DC D OP1   1 
ATOM 693 O OP2   . DC D 4 5  ? 11.18308  8.31385   -5.45321  1.000 298.77098 ? 117 DC D OP2   1 
ATOM 694 O "O5'" . DC D 4 5  ? 11.13063  7.31567   -3.17331  1.000 296.41324 ? 117 DC D "O5'" 1 
ATOM 695 C "C5'" . DC D 4 5  ? 10.42558  7.40969   -1.93786  1.000 290.41999 ? 117 DC D "C5'" 1 
ATOM 696 C "C4'" . DC D 4 5  ? 9.96696   6.04266   -1.48376  1.000 290.77723 ? 117 DC D "C4'" 1 
ATOM 697 O "O4'" . DC D 4 5  ? 8.54339   5.88881   -1.73868  1.000 284.76662 ? 117 DC D "O4'" 1 
ATOM 698 C "C3'" . DC D 4 5  ? 10.65842  4.87585   -2.19205  1.000 298.61056 ? 117 DC D "C3'" 1 
ATOM 699 O "O3'" . DC D 4 5  ? 11.04521  3.91665   -1.23881  1.000 301.47862 ? 117 DC D "O3'" 1 
ATOM 700 C "C2'" . DC D 4 5  ? 9.57204   4.34030   -3.11704  1.000 296.63846 ? 117 DC D "C2'" 1 
ATOM 701 C "C1'" . DC D 4 5  ? 8.31950   4.62735   -2.31338  1.000 288.25103 ? 117 DC D "C1'" 1 
ATOM 702 N N1    . DC D 4 5  ? 7.11032   4.68529   -3.16570  1.000 284.30397 ? 117 DC D N1    1 
ATOM 703 C C2    . DC D 4 5  ? 5.90173   4.10821   -2.72788  1.000 279.58951 ? 117 DC D C2    1 
ATOM 704 O O2    . DC D 4 5  ? 5.85684   3.58443   -1.60820  1.000 278.49405 ? 117 DC D O2    1 
ATOM 705 N N3    . DC D 4 5  ? 4.81646   4.16229   -3.55506  1.000 276.61642 ? 117 DC D N3    1 
ATOM 706 C C4    . DC D 4 5  ? 4.91933   4.74195   -4.75480  1.000 278.26681 ? 117 DC D C4    1 
ATOM 707 N N4    . DC D 4 5  ? 3.83900   4.77954   -5.54537  1.000 279.97851 ? 117 DC D N4    1 
ATOM 708 C C5    . DC D 4 5  ? 6.14659   5.31590   -5.20866  1.000 282.97690 ? 117 DC D C5    1 
ATOM 709 C C6    . DC D 4 5  ? 7.19944   5.25874   -4.39521  1.000 285.84229 ? 117 DC D C6    1 
ATOM 710 P P     . DA D 4 6  ? 11.90614  2.62230   -1.65212  1.000 309.73760 ? 118 DA D P     1 
ATOM 711 O OP1   . DA D 4 6  ? 13.29471  2.86768   -1.21161  1.000 315.44501 ? 118 DA D OP1   1 
ATOM 712 O OP2   . DA D 4 6  ? 11.65258  2.22697   -3.05690  1.000 312.35876 ? 118 DA D OP2   1 
ATOM 713 O "O5'" . DA D 4 6  ? 11.28650  1.49544   -0.71509  1.000 308.33354 ? 118 DA D "O5'" 1 
ATOM 714 C "C5'" . DA D 4 6  ? 10.38386  1.87228   0.32317   1.000 300.78120 ? 118 DA D "C5'" 1 
ATOM 715 C "C4'" . DA D 4 6  ? 9.27491   0.84973   0.47123   1.000 298.16558 ? 118 DA D "C4'" 1 
ATOM 716 O "O4'" . DA D 4 6  ? 8.23922   1.09353   -0.51706  1.000 294.20909 ? 118 DA D "O4'" 1 
ATOM 717 C "C3'" . DA D 4 6  ? 9.71129   -0.59073  0.27207   1.000 305.37432 ? 118 DA D "C3'" 1 
ATOM 718 O "O3'" . DA D 4 6  ? 8.99880   -1.42504  1.15902   1.000 303.06903 ? 118 DA D "O3'" 1 
ATOM 719 C "C2'" . DA D 4 6  ? 9.34851   -0.86645  -1.18946  1.000 307.33910 ? 118 DA D "C2'" 1 
ATOM 720 C "C1'" . DA D 4 6  ? 8.08351   -0.04122  -1.35118  1.000 298.83502 ? 118 DA D "C1'" 1 
ATOM 721 N N9    . DA D 4 6  ? 7.85146   0.43269   -2.71269  1.000 299.10042 ? 118 DA D N9    1 
ATOM 722 C C8    . DA D 4 6  ? 8.73983   1.07927   -3.52591  1.000 302.91139 ? 118 DA D C8    1 
ATOM 723 N N7    . DA D 4 6  ? 8.24422   1.40827   -4.69584  1.000 302.26358 ? 118 DA D N7    1 
ATOM 724 C C5    . DA D 4 6  ? 6.93646   0.95027   -4.64274  1.000 297.77336 ? 118 DA D C5    1 
ATOM 725 C C6    . DA D 4 6  ? 5.87307   0.99179   -5.57068  1.000 295.38348 ? 118 DA D C6    1 
ATOM 726 N N6    . DA D 4 6  ? 5.97632   1.53734   -6.78642  1.000 297.25739 ? 118 DA D N6    1 
ATOM 727 N N1    . DA D 4 6  ? 4.69358   0.44341   -5.19837  1.000 295.14314 ? 118 DA D N1    1 
ATOM 728 C C2    . DA D 4 6  ? 4.59925   -0.10541  -3.98180  1.000 293.20911 ? 118 DA D C2    1 
ATOM 729 N N3    . DA D 4 6  ? 5.52504   -0.20192  -3.02889  1.000 291.54800 ? 118 DA D N3    1 
ATOM 730 C C4    . DA D 4 6  ? 6.67990   0.35127   -3.42565  1.000 295.69712 ? 118 DA D C4    1 
ATOM 731 P P     . DG D 4 7  ? 9.54970   -2.89307  1.49746   1.000 308.89680 ? 119 DG D P     1 
ATOM 732 O OP1   . DG D 4 7  ? 9.37440   -3.10251  2.95418   1.000 306.28855 ? 119 DG D OP1   1 
ATOM 733 O OP2   . DG D 4 7  ? 10.90670  -3.01632  0.90864   1.000 317.25223 ? 119 DG D OP2   1 
ATOM 734 O "O5'" . DG D 4 7  ? 8.55392   -3.85948  0.68441   1.000 309.04432 ? 119 DG D "O5'" 1 
ATOM 735 C "C5'" . DG D 4 7  ? 7.15979   -3.92363  1.04105   1.000 301.91491 ? 119 DG D "C5'" 1 
ATOM 736 C "C4'" . DG D 4 7  ? 6.29508   -4.40414  -0.12161  1.000 302.13078 ? 119 DG D "C4'" 1 
ATOM 737 O "O4'" . DG D 4 7  ? 6.37327   -3.45907  -1.20222  1.000 301.28655 ? 119 DG D "O4'" 1 
ATOM 738 C "C3'" . DG D 4 7  ? 6.69239   -5.75268  -0.73885  1.000 310.60844 ? 119 DG D "C3'" 1 
ATOM 739 O "O3'" . DG D 4 7  ? 5.87215   -6.84219  -0.19090  1.000 310.08747 ? 119 DG D "O3'" 1 
ATOM 740 C "C2'" . DG D 4 7  ? 6.51614   -5.55329  -2.25752  1.000 312.56577 ? 119 DG D "C2'" 1 
ATOM 741 C "C1'" . DG D 4 7  ? 6.00133   -4.11962  -2.38021  1.000 304.89752 ? 119 DG D "C1'" 1 
ATOM 742 N N9    . DG D 4 7  ? 6.54153   -3.38689  -3.52335  1.000 307.28053 ? 119 DG D N9    1 
ATOM 743 C C8    . DG D 4 7  ? 7.81188   -2.88498  -3.67646  1.000 311.45598 ? 119 DG D C8    1 
ATOM 744 N N7    . DG D 4 7  ? 7.99069   -2.26391  -4.81145  1.000 312.76507 ? 119 DG D N7    1 
ATOM 745 C C5    . DG D 4 7  ? 6.76221   -2.36173  -5.44643  1.000 309.33716 ? 119 DG D C5    1 
ATOM 746 C C6    . DG D 4 7  ? 6.34656   -1.88150  -6.70925  1.000 309.21659 ? 119 DG D C6    1 
ATOM 747 O O6    . DG D 4 7  ? 7.00131   -1.24310  -7.54739  1.000 312.01275 ? 119 DG D O6    1 
ATOM 748 N N1    . DG D 4 7  ? 5.01553   -2.19764  -6.96085  1.000 305.58552 ? 119 DG D N1    1 
ATOM 749 C C2    . DG D 4 7  ? 4.19600   -2.89067  -6.10140  1.000 302.40475 ? 119 DG D C2    1 
ATOM 750 N N2    . DG D 4 7  ? 2.94295   -3.11067  -6.51145  1.000 299.50262 ? 119 DG D N2    1 
ATOM 751 N N3    . DG D 4 7  ? 4.57636   -3.35077  -4.92415  1.000 302.41167 ? 119 DG D N3    1 
ATOM 752 C C4    . DG D 4 7  ? 5.86348   -3.05082  -4.66291  1.000 305.97826 ? 119 DG D C4    1 
ATOM 753 P P     . DT D 4 8  ? 4.64035   -7.51147  -0.99740  1.000 305.03824 ? 120 DT D P     1 
ATOM 754 O OP1   . DT D 4 8  ? 3.70509   -6.43560  -1.40721  1.000 300.14813 ? 120 DT D OP1   1 
ATOM 755 O OP2   . DT D 4 8  ? 4.12857   -8.61391  -0.15056  1.000 305.51216 ? 120 DT D OP2   1 
ATOM 756 O "O5'" . DT D 4 8  ? 5.31793   -8.22114  -2.26493  1.000 314.21920 ? 120 DT D "O5'" 1 
ATOM 757 C "C5'" . DT D 4 8  ? 4.62647   -9.23883  -2.97436  1.000 317.66461 ? 120 DT D "C5'" 1 
ATOM 758 C "C4'" . DT D 4 8  ? 3.24056   -8.77563  -3.38317  1.000 312.81380 ? 120 DT D "C4'" 1 
ATOM 759 O "O4'" . DT D 4 8  ? 3.32150   -7.45534  -3.99015  1.000 311.43901 ? 120 DT D "O4'" 1 
ATOM 760 C "C3'" . DT D 4 8  ? 2.56729   -9.64271  -4.42037  1.000 318.27928 ? 120 DT D "C3'" 1 
ATOM 761 O "O3'" . DT D 4 8  ? 1.16459   -9.49248  -4.32488  1.000 315.08251 ? 120 DT D "O3'" 1 
ATOM 762 C "C2'" . DT D 4 8  ? 3.10663   -9.04549  -5.71110  1.000 322.07978 ? 120 DT D "C2'" 1 
ATOM 763 C "C1'" . DT D 4 8  ? 3.10978   -7.55400  -5.38889  1.000 316.79167 ? 120 DT D "C1'" 1 
ATOM 764 N N1    . DT D 4 8  ? 4.19832   -6.77421  -6.08695  1.000 313.91800 ? 120 DT D N1    1 
ATOM 765 C C2    . DT D 4 8  ? 3.91004   -6.03897  -7.22498  1.000 313.10469 ? 120 DT D C2    1 
ATOM 766 O O2    . DT D 4 8  ? 2.79865   -5.98465  -7.72104  1.000 310.15125 ? 120 DT D O2    1 
ATOM 767 N N3    . DT D 4 8  ? 4.98707   -5.36549  -7.76356  1.000 316.22831 ? 120 DT D N3    1 
ATOM 768 C C4    . DT D 4 8  ? 6.28520   -5.35562  -7.28424  1.000 320.06574 ? 120 DT D C4    1 
ATOM 769 O O4    . DT D 4 8  ? 7.18664   -4.72691  -7.82823  1.000 322.89990 ? 120 DT D O4    1 
ATOM 770 C C5    . DT D 4 8  ? 6.50891   -6.13946  -6.09718  1.000 320.83057 ? 120 DT D C5    1 
ATOM 771 C C7    . DT D 4 8  ? 7.87860   -6.20214  -5.49287  1.000 325.38357 ? 120 DT D C7    1 
ATOM 772 C C6    . DT D 4 8  ? 5.47241   -6.79765  -5.56207  1.000 317.70877 ? 120 DT D C6    1 
ATOM 773 P P     . DA D 4 9  ? 0.19127   -10.66865 -4.82531  1.000 308.16034 ? 121 DA D P     1 
ATOM 774 O OP1   . DA D 4 9  ? -1.10201  -10.52770 -4.11851  1.000 300.58357 ? 121 DA D OP1   1 
ATOM 775 O OP2   . DA D 4 9  ? 0.94897   -11.93425 -4.72541  1.000 316.77001 ? 121 DA D OP2   1 
ATOM 776 O "O5'" . DA D 4 9  ? -0.03022  -10.33704 -6.37412  1.000 310.86642 ? 121 DA D "O5'" 1 
ATOM 777 C "C5'" . DA D 4 9  ? -0.34372  -9.00286  -6.77392  1.000 304.83743 ? 121 DA D "C5'" 1 
ATOM 778 C "C4'" . DA D 4 9  ? -0.69114  -8.93647  -8.25202  1.000 308.47451 ? 121 DA D "C4'" 1 
ATOM 779 O "O4'" . DA D 4 9  ? 0.38464   -8.28963  -8.98484  1.000 311.77615 ? 121 DA D "O4'" 1 
ATOM 780 C "C3'" . DA D 4 9  ? -0.89800  -10.27904 -8.92816  1.000 316.62945 ? 121 DA D "C3'" 1 
ATOM 781 O "O3'" . DA D 4 9  ? -1.84883  -10.14198 -9.97494  1.000 316.82837 ? 121 DA D "O3'" 1 
ATOM 782 C "C2'" . DA D 4 9  ? 0.49580   -10.58859 -9.46467  1.000 324.84315 ? 121 DA D "C2'" 1 
ATOM 783 C "C1'" . DA D 4 9  ? 0.98079   -9.20609  -9.88460  1.000 321.39652 ? 121 DA D "C1'" 1 
ATOM 784 N N9    . DA D 4 9  ? 2.43043   -9.03712  -9.79961  1.000 325.45325 ? 121 DA D N9    1 
ATOM 785 C C8    . DA D 4 9  ? 3.24074   -9.43559  -8.78073  1.000 326.76563 ? 121 DA D C8    1 
ATOM 786 N N7    . DA D 4 9  ? 4.50462   -9.14133  -8.95253  1.000 330.82532 ? 121 DA D N7    1 
ATOM 787 C C5    . DA D 4 9  ? 4.52801   -8.49418  -10.17384 1.000 332.09509 ? 121 DA D C5    1 
ATOM 788 C C6    . DA D 4 9  ? 5.57805   -7.94269  -10.93163 1.000 336.28283 ? 121 DA D C6    1 
ATOM 789 N N6    . DA D 4 9  ? 6.85250   -7.94906  -10.53115 1.000 340.03443 ? 121 DA D N6    1 
ATOM 790 N N1    . DA D 4 9  ? 5.26467   -7.37818  -12.11909 1.000 336.72229 ? 121 DA D N1    1 
ATOM 791 C C2    . DA D 4 9  ? 3.98337   -7.38003  -12.51262 1.000 333.37238 ? 121 DA D C2    1 
ATOM 792 N N3    . DA D 4 9  ? 2.91332   -7.87589  -11.88868 1.000 329.43062 ? 121 DA D N3    1 
ATOM 793 C C4    . DA D 4 9  ? 3.25819   -8.42506  -10.71422 1.000 328.91026 ? 121 DA D C4    1 
ATOM 794 P P     . DG D 4 10 ? -2.20658  -11.38426 -10.92473 1.000 324.91841 ? 122 DG D P     1 
ATOM 795 O OP1   . DG D 4 10 ? -3.60308  -11.20820 -11.37834 1.000 321.69845 ? 122 DG D OP1   1 
ATOM 796 O OP2   . DG D 4 10 ? -1.81008  -12.63424 -10.23703 1.000 329.81242 ? 122 DG D OP2   1 
ATOM 797 O "O5'" . DG D 4 10 ? -1.23978  -11.18821 -12.17793 1.000 332.01343 ? 122 DG D "O5'" 1 
ATOM 798 C "C5'" . DG D 4 10 ? -1.18990  -9.93526  -12.85002 1.000 328.66722 ? 122 DG D "C5'" 1 
ATOM 799 C "C4'" . DG D 4 10 ? -0.11761  -9.96150  -13.91704 1.000 336.59812 ? 122 DG D "C4'" 1 
ATOM 800 O "O4'" . DG D 4 10 ? 1.17692   -9.72345  -13.29805 1.000 337.06250 ? 122 DG D "O4'" 1 
ATOM 801 C "C3'" . DG D 4 10 ? -0.00953  -11.29778 -14.65691 1.000 346.86031 ? 122 DG D "C3'" 1 
ATOM 802 O "O3'" . DG D 4 10 ? 0.05494   -11.09734 -16.06347 1.000 352.20429 ? 122 DG D "O3'" 1 
ATOM 803 C "C2'" . DG D 4 10 ? 1.27656   -11.91052 -14.11178 1.000 351.84156 ? 122 DG D "C2'" 1 
ATOM 804 C "C1'" . DG D 4 10 ? 2.10039   -10.68446 -13.74852 1.000 346.79874 ? 122 DG D "C1'" 1 
ATOM 805 N N9    . DG D 4 10 ? 3.07066   -10.95672 -12.68532 1.000 347.28500 ? 122 DG D N9    1 
ATOM 806 C C8    . DG D 4 10 ? 2.82031   -11.56617 -11.48312 1.000 344.80761 ? 122 DG D C8    1 
ATOM 807 N N7    . DG D 4 10 ? 3.87526   -11.69776 -10.73090 1.000 346.51441 ? 122 DG D N7    1 
ATOM 808 C C5    . DG D 4 10 ? 4.90258   -11.16982 -11.49296 1.000 350.55915 ? 122 DG D C5    1 
ATOM 809 C C6    . DG D 4 10 ? 6.27650   -11.03816 -11.19424 1.000 354.16542 ? 122 DG D C6    1 
ATOM 810 O O6    . DG D 4 10 ? 6.87546   -11.38506 -10.16614 1.000 354.68112 ? 122 DG D O6    1 
ATOM 811 N N1    . DG D 4 10 ? 6.97067   -10.43486 -12.23769 1.000 357.73240 ? 122 DG D N1    1 
ATOM 812 C C2    . DG D 4 10 ? 6.40454   -10.00938 -13.41696 1.000 357.80523 ? 122 DG D C2    1 
ATOM 813 N N2    . DG D 4 10 ? 7.23449   -9.45237  -14.30697 1.000 361.72232 ? 122 DG D N2    1 
ATOM 814 N N3    . DG D 4 10 ? 5.11562   -10.12122 -13.70598 1.000 354.56609 ? 122 DG D N3    1 
ATOM 815 C C4    . DG D 4 10 ? 4.42571   -10.70312 -12.69933 1.000 350.98972 ? 122 DG D C4    1 
ATOM 816 P P     . DC D 4 11 ? -0.29937  -12.29998 -17.07154 1.000 362.06109 ? 123 DC D P     1 
ATOM 817 O OP1   . DC D 4 11 ? -1.63558  -12.03374 -17.64723 1.000 359.48408 ? 123 DC D OP1   1 
ATOM 818 O OP2   . DC D 4 11 ? -0.05896  -13.58514 -16.37759 1.000 366.55773 ? 123 DC D OP2   1 
ATOM 819 O "O5'" . DC D 4 11 ? 0.79830   -12.14935 -18.22216 1.000 369.92075 ? 123 DC D "O5'" 1 
ATOM 820 C "C5'" . DC D 4 11 ? 1.10324   -10.85627 -18.73490 1.000 366.40033 ? 123 DC D "C5'" 1 
ATOM 821 C "C4'" . DC D 4 11 ? 2.53895   -10.78436 -19.22831 1.000 372.80212 ? 123 DC D "C4'" 1 
ATOM 822 O "O4'" . DC D 4 11 ? 3.45039   -10.73591 -18.09939 1.000 370.32344 ? 123 DC D "O4'" 1 
ATOM 823 C "C3'" . DC D 4 11 ? 2.98577   -11.96154 -20.09626 1.000 384.59725 ? 123 DC D "C3'" 1 
ATOM 824 O "O3'" . DC D 4 11 ? 3.63126   -11.47629 -21.26325 1.000 389.67571 ? 123 DC D "O3'" 1 
ATOM 825 C "C2'" . DC D 4 11 ? 3.94745   -12.74041 -19.19290 1.000 387.68198 ? 123 DC D "C2'" 1 
ATOM 826 C "C1'" . DC D 4 11 ? 4.51130   -11.64348 -18.30317 1.000 379.59199 ? 123 DC D "C1'" 1 
ATOM 827 N N1    . DC D 4 11 ? 4.97024   -12.13246 -16.96278 1.000 377.85468 ? 123 DC D N1    1 
ATOM 828 C C2    . DC D 4 11 ? 6.33407   -12.10637 -16.62846 1.000 381.22955 ? 123 DC D C2    1 
ATOM 829 O O2    . DC D 4 11 ? 7.15024   -11.68497 -17.45042 1.000 385.55229 ? 123 DC D O2    1 
ATOM 830 N N3    . DC D 4 11 ? 6.71970   -12.55074 -15.40211 1.000 379.92363 ? 123 DC D N3    1 
ATOM 831 C C4    . DC D 4 11 ? 5.81012   -13.00078 -14.53988 1.000 375.35833 ? 123 DC D C4    1 
ATOM 832 N N4    . DC D 4 11 ? 6.23201   -13.42666 -13.34135 1.000 374.45777 ? 123 DC D N4    1 
ATOM 833 C C5    . DC D 4 11 ? 4.42328   -13.03638 -14.86668 1.000 371.79847 ? 123 DC D C5    1 
ATOM 834 C C6    . DC D 4 11 ? 4.05262   -12.59294 -16.07210 1.000 373.22412 ? 123 DC D C6    1 
ATOM 835 P P     . DA D 4 12 ? 4.00890   -12.48742 -22.45344 1.000 402.28843 ? 124 DA D P     1 
ATOM 836 O OP1   . DA D 4 12 ? 4.15531   -11.69637 -23.69747 1.000 404.69926 ? 124 DA D OP1   1 
ATOM 837 O OP2   . DA D 4 12 ? 3.04263   -13.60675 -22.40251 1.000 405.30551 ? 124 DA D OP2   1 
ATOM 838 O "O5'" . DA D 4 12 ? 5.44140   -13.04961 -22.02221 1.000 407.93433 ? 124 DA D "O5'" 1 
ATOM 839 C "C5'" . DA D 4 12 ? 6.50662   -12.14506 -21.75014 1.000 405.23348 ? 124 DA D "C5'" 1 
ATOM 840 C "C4'" . DA D 4 12 ? 7.80271   -12.89787 -21.52206 1.000 412.89092 ? 124 DA D "C4'" 1 
ATOM 841 O "O4'" . DA D 4 12 ? 8.02413   -13.08239 -20.09883 1.000 408.09773 ? 124 DA D "O4'" 1 
ATOM 842 C "C3'" . DA D 4 12 ? 7.85025   -14.29837 -22.14661 1.000 423.96923 ? 124 DA D "C3'" 1 
ATOM 843 O "O3'" . DA D 4 12 ? 9.02229   -14.44259 -22.93279 1.000 432.88554 ? 124 DA D "O3'" 1 
ATOM 844 C "C2'" . DA D 4 12 ? 7.87131   -15.23251 -20.93681 1.000 423.64413 ? 124 DA D "C2'" 1 
ATOM 845 C "C1'" . DA D 4 12 ? 8.55377   -14.36580 -19.89443 1.000 416.34304 ? 124 DA D "C1'" 1 
ATOM 846 N N9    . DA D 4 12 ? 8.28195   -14.78671 -18.52165 1.000 411.52018 ? 124 DA D N9    1 
ATOM 847 C C8    . DA D 4 12 ? 7.06058   -15.07217 -17.97666 1.000 406.12307 ? 124 DA D C8    1 
ATOM 848 N N7    . DA D 4 12 ? 7.11458   -15.43673 -16.71807 1.000 402.88800 ? 124 DA D N7    1 
ATOM 849 C C5    . DA D 4 12 ? 8.46777   -15.39247 -16.41542 1.000 406.57231 ? 124 DA D C5    1 
ATOM 850 C C6    . DA D 4 12 ? 9.18228   -15.66920 -15.23322 1.000 406.12400 ? 124 DA D C6    1 
ATOM 851 N N6    . DA D 4 12 ? 8.59478   -16.05933 -14.10180 1.000 401.40710 ? 124 DA D N6    1 
ATOM 852 N N1    . DA D 4 12 ? 10.52902  -15.52790 -15.25996 1.000 411.02273 ? 124 DA D N1    1 
ATOM 853 C C2    . DA D 4 12 ? 11.10825  -15.13906 -16.40288 1.000 415.87660 ? 124 DA D C2    1 
ATOM 854 N N3    . DA D 4 12 ? 10.53953  -14.85099 -17.57720 1.000 416.74563 ? 124 DA D N3    1 
ATOM 855 C C4    . DA D 4 12 ? 9.20286   -14.99883 -17.51409 1.000 411.91457 ? 124 DA D C4    1 
# 
loop_
_atom_site_anisotrop.id 
_atom_site_anisotrop.type_symbol 
_atom_site_anisotrop.pdbx_label_atom_id 
_atom_site_anisotrop.pdbx_label_alt_id 
_atom_site_anisotrop.pdbx_label_comp_id 
_atom_site_anisotrop.pdbx_label_asym_id 
_atom_site_anisotrop.pdbx_label_seq_id 
_atom_site_anisotrop.pdbx_PDB_ins_code 
_atom_site_anisotrop.U[1][1] 
_atom_site_anisotrop.U[2][2] 
_atom_site_anisotrop.U[3][3] 
_atom_site_anisotrop.U[1][2] 
_atom_site_anisotrop.U[1][3] 
_atom_site_anisotrop.U[2][3] 
_atom_site_anisotrop.pdbx_auth_seq_id 
_atom_site_anisotrop.pdbx_auth_comp_id 
_atom_site_anisotrop.pdbx_auth_asym_id 
_atom_site_anisotrop.pdbx_auth_atom_id 
1   O "O5'" . DG A 1  ? 4.23992 2.52680 5.17520 0.15810  -1.89022 -0.16671 104 DG A "O5'" 
2   C "C5'" . DG A 1  ? 4.30644 2.63766 5.19200 0.09264  -1.86994 -0.09577 104 DG A "C5'" 
3   C "C4'" . DG A 1  ? 4.46340 2.80688 5.32126 0.02175  -1.94864 0.04829  104 DG A "C4'" 
4   O "O4'" . DG A 1  ? 4.50886 2.89851 5.36217 0.04303  -1.98619 0.07440  104 DG A "O4'" 
5   C "C3'" . DG A 1  ? 4.48238 2.96733 5.26621 -0.04460 -1.90321 0.13434  104 DG A "C3'" 
6   O "O3'" . DG A 1  ? 4.53150 2.94504 5.32941 -0.09895 -1.93108 0.18492  104 DG A "O3'" 
7   C "C2'" . DG A 1  ? 4.57348 3.13696 5.32251 -0.07330 -1.95355 0.24663  104 DG A "C2'" 
8   C "C1'" . DG A 1  ? 4.55570 3.09863 5.33742 -0.00242 -1.97267 0.17165  104 DG A "C1'" 
9   N N9    . DG A 1  ? 4.45346 3.14674 5.20057 0.03692  -1.89176 0.09653  104 DG A N9    
10  C C8    . DG A 1  ? 4.34187 3.03527 5.12482 0.09814  -1.82288 -0.04141 104 DG A C8    
11  N N7    . DG A 1  ? 4.28040 3.12308 5.03364 0.11902  -1.76039 -0.08378 104 DG A N7    
12  C C5    . DG A 1  ? 4.34748 3.30156 5.03084 0.07298  -1.79204 0.03217  104 DG A C5    
13  C C6    . DG A 1  ? 4.32138 3.46024 4.94459 0.07448  -1.75604 0.04405  104 DG A C6    
14  O O6    . DG A 1  ? 4.23921 3.47727 4.86689 0.11383  -1.68787 -0.05383 104 DG A O6    
15  N N1    . DG A 1  ? 4.40372 3.61272 4.96240 0.02588  -1.80725 0.18656  104 DG A N1    
16  C C2    . DG A 1  ? 4.50509 3.61039 5.07006 -0.02246 -1.88105 0.30427  104 DG A C2    
17  N N2    . DG A 1  ? 4.57354 3.77028 5.07948 -0.06409 -1.91533 0.44197  104 DG A N2    
18  N N3    . DG A 1  ? 4.53742 3.46492 5.16654 -0.02880 -1.91620 0.28817  104 DG A N3    
19  C C4    . DG A 1  ? 4.45261 3.31640 5.13286 0.02243  -1.87031 0.14880  104 DG A C4    
20  P P     . DC A 2  ? 4.31552 2.85740 5.05029 -0.15802 -1.86601 0.23794  105 DC A P     
21  O OP1   . DC A 2  ? 4.35939 2.79743 5.13664 -0.19829 -1.90524 0.25507  105 DC A OP1   
22  O OP2   . DC A 2  ? 4.17456 2.83614 4.86400 -0.11201 -1.75315 0.14606  105 DC A OP2   
23  O "O5'" . DC A 2  ? 4.40011 3.05500 5.08398 -0.21662 -1.89558 0.38365  105 DC A "O5'" 
24  C "C5'" . DC A 2  ? 4.54304 3.11259 5.26607 -0.26124 -1.99630 0.49942  105 DC A "C5'" 
25  C "C4'" . DC A 2  ? 4.56852 3.28399 5.22949 -0.31392 -1.99669 0.64107  105 DC A "C4'" 
26  O "O4'" . DC A 2  ? 4.54685 3.36453 5.16220 -0.26623 -1.98489 0.63234  105 DC A "O4'" 
27  C "C3'" . DC A 2  ? 4.46398 3.32954 5.05746 -0.35384 -1.91561 0.66505  105 DC A "C3'" 
28  O "O3'" . DC A 2  ? 4.52212 3.34151 5.14964 -0.42828 -1.94888 0.75134  105 DC A "O3'" 
29  C "C2'" . DC A 2  ? 4.43946 3.48400 4.95199 -0.35646 -1.89310 0.74590  105 DC A "C2'" 
30  C "C1'" . DC A 2  ? 4.49124 3.50152 5.02034 -0.29253 -1.93355 0.70360  105 DC A "C1'" 
31  N N1    . DC A 2  ? 4.29566 3.42386 4.77815 -0.22952 -1.86150 0.59406  105 DC A N1    
32  C C2    . DC A 2  ? 4.29475 3.59900 4.70367 -0.22022 -1.84290 0.64287  105 DC A C2    
33  O O2    . DC A 2  ? 4.38882 3.75536 4.76434 -0.26180 -1.88220 0.78476  105 DC A O2    
34  N N3    . DC A 2  ? 4.19405 3.59949 4.57566 -0.16341 -1.78081 0.53178  105 DC A N3    
35  C C4    . DC A 2  ? 4.09759 3.43206 4.52645 -0.11930 -1.73359 0.38809  105 DC A C4    
36  N N4    . DC A 2  ? 4.00519 3.43972 4.42153 -0.06719 -1.67099 0.28294  105 DC A N4    
37  C C5    . DC A 2  ? 4.09753 3.25761 4.59465 -0.12335 -1.74902 0.34508  105 DC A C5    
38  C C6    . DC A 2  ? 4.19789 3.26142 4.71737 -0.17772 -1.81574 0.44589  105 DC A C6    
39  P P     . DA A 3  ? 4.60237 3.51945 5.19090 -0.46748 -1.87398 0.74346  106 DA A P     
40  O OP1   . DA A 3  ? 4.68478 3.50581 5.34555 -0.53742 -1.93446 0.81138  106 DA A OP1   
41  O OP2   . DA A 3  ? 4.47900 3.41006 5.04499 -0.40105 -1.79374 0.59109  106 DA A OP2   
42  O "O5'" . DA A 3  ? 4.56382 3.68961 5.05741 -0.49601 -1.82551 0.84688  106 DA A "O5'" 
43  C "C5'" . DA A 3  ? 4.65957 3.82157 5.15287 -0.54459 -1.88278 1.00414  106 DA A "C5'" 
44  C "C4'" . DA A 3  ? 4.59494 3.96557 4.98407 -0.53540 -1.82852 1.06137  106 DA A "C4'" 
45  O "O4'" . DA A 3  ? 4.54774 3.95661 4.89994 -0.45525 -1.79594 0.95005  106 DA A "O4'" 
46  C "C3'" . DA A 3  ? 4.47093 3.99424 4.79089 -0.56601 -1.74336 1.07221  106 DA A "C3'" 
47  O "O3'" . DA A 3  ? 4.49987 4.15258 4.77755 -0.61767 -1.75115 1.23058  106 DA A "O3'" 
48  C "C2'" . DA A 3  ? 4.36163 3.98674 4.61084 -0.49451 -1.65858 0.94698  106 DA A "C2'" 
49  C "C1'" . DA A 3  ? 4.43200 4.02099 4.69400 -0.43926 -1.70566 0.92031  106 DA A "C1'" 
50  N N9    . DA A 3  ? 4.15268 3.73166 4.41407 -0.36437 -1.65501 0.76039  106 DA A N9    
51  C C8    . DA A 3  ? 4.09582 3.53974 4.41855 -0.33068 -1.64148 0.63607  106 DA A C8    
52  N N7    . DA A 3  ? 4.00599 3.47623 4.32464 -0.26376 -1.58875 0.51260  106 DA A N7    
53  C C5    . DA A 3  ? 4.00398 3.63704 4.25448 -0.25379 -1.57036 0.55008  106 DA A C5    
54  C C6    . DA A 3  ? 3.93335 3.66896 4.15813 -0.19561 -1.52056 0.45975  106 DA A C6    
55  N N6    . DA A 3  ? 3.84656 3.52792 4.12014 -0.13836 -1.47423 0.31555  106 DA A N6    
56  N N1    . DA A 3  ? 3.95939 3.86012 4.11237 -0.19664 -1.51960 0.52251  106 DA A N1    
57  C C2    . DA A 3  ? 4.04974 4.00924 4.15743 -0.25069 -1.56144 0.67549  106 DA A C2    
58  N N3    . DA A 3  ? 4.12189 3.99333 4.25586 -0.31221 -1.60636 0.77897  106 DA A N3    
59  C C4    . DA A 3  ? 4.09389 3.79955 4.30195 -0.31158 -1.61046 0.70340  106 DA A C4    
60  P P     . DC A 4  ? 4.38612 4.22340 4.58342 -0.65406 -1.66940 1.27598  107 DC A P     
61  O OP1   . DC A 4  ? 4.49867 4.39457 4.70586 -0.72575 -1.70823 1.45822  107 DC A OP1   
62  O OP2   . DC A 4  ? 4.28546 4.07641 4.49983 -0.65319 -1.61827 1.16367  107 DC A OP2   
63  O "O5'" . DC A 4  ? 4.30787 4.31402 4.39852 -0.58980 -1.60521 1.22933  107 DC A "O5'" 
64  C "C5'" . DC A 4  ? 4.19579 4.35324 4.20439 -0.58146 -1.50956 1.18925  107 DC A "C5'" 
65  C "C4'" . DC A 4  ? 4.12429 4.38310 4.06672 -0.50649 -1.46097 1.09721  107 DC A "C4'" 
66  O "O4'" . DC A 4  ? 4.08330 4.20603 4.08373 -0.45040 -1.46142 0.94699  107 DC A "O4'" 
67  C "C3'" . DC A 4  ? 4.01309 4.44246 3.86505 -0.49093 -1.35635 1.05588  107 DC A "C3'" 
68  O "O3'" . DC A 4  ? 4.03699 4.64142 3.80555 -0.46959 -1.34654 1.11208  107 DC A "O3'" 
69  C "C2'" . DC A 4  ? 3.90969 4.27188 3.78613 -0.42715 -1.29856 0.87655  107 DC A "C2'" 
70  C "C1'" . DC A 4  ? 3.99524 4.21607 3.94513 -0.39458 -1.37571 0.83356  107 DC A "C1'" 
71  N N1    . DC A 4  ? 3.95746 4.04271 3.97358 -0.34650 -1.34986 0.68066  107 DC A N1    
72  C C2    . DC A 4  ? 3.92625 4.05184 3.93781 -0.27821 -1.29807 0.55685  107 DC A C2    
73  O O2    . DC A 4  ? 3.92597 4.19785 3.87751 -0.25958 -1.28022 0.56984  107 DC A O2    
74  N N3    . DC A 4  ? 3.89781 3.90598 3.97585 -0.23256 -1.26846 0.42575  107 DC A N3    
75  C C4    . DC A 4  ? 3.90451 3.76546 4.04098 -0.24777 -1.29134 0.41316  107 DC A C4    
76  N N4    . DC A 4  ? 3.87741 3.63479 4.07520 -0.19417 -1.25800 0.28627  107 DC A N4    
77  C C5    . DC A 4  ? 3.94015 3.75784 4.08107 -0.31686 -1.34933 0.52894  107 DC A C5    
78  C C6    . DC A 4  ? 3.96360 3.89381 4.04876 -0.36691 -1.37539 0.66122  107 DC A C6    
79  P P     . DC A 5  ? 3.89666 4.71014 3.55839 -0.46669 -1.25376 1.12454  108 DC A P     
80  O OP1   . DC A 5  ? 3.99162 4.94638 3.59401 -0.49943 -1.28505 1.29031  108 DC A OP1   
81  O OP2   . DC A 5  ? 3.80719 4.58682 3.47900 -0.48869 -1.18766 1.07297  108 DC A OP2   
82  O "O5'" . DC A 5  ? 3.82286 4.70762 3.44999 -0.38489 -1.20607 0.98552  108 DC A "O5'" 
83  C "C5'" . DC A 5  ? 3.70780 4.68490 3.28629 -0.35644 -1.10277 0.89261  108 DC A "C5'" 
84  C "C4'" . DC A 5  ? 3.66763 4.72498 3.22499 -0.28424 -1.07379 0.77940  108 DC A "C4'" 
85  O "O4'" . DC A 5  ? 3.66309 4.56936 3.31211 -0.24679 -1.11166 0.67325  108 DC A "O4'" 
86  C "C3'" . DC A 5  ? 3.55270 4.70530 3.06820 -0.25040 -0.96063 0.67723  108 DC A "C3'" 
87  O "O3'" . DC A 5  ? 3.57294 4.93107 2.99074 -0.23468 -0.94057 0.72179  108 DC A "O3'" 
88  C "C2'" . DC A 5  ? 3.48586 4.54152 3.08074 -0.18981 -0.93493 0.50672  108 DC A "C2'" 
89  C "C1'" . DC A 5  ? 3.55247 4.43744 3.23304 -0.19744 -1.03066 0.51583  108 DC A "C1'" 
90  N N1    . DC A 5  ? 3.50823 4.20796 3.27113 -0.20622 -1.01908 0.46070  108 DC A N1    
91  C C2    . DC A 5  ? 3.42263 4.03928 3.25514 -0.15267 -0.96429 0.30909  108 DC A C2    
92  O O2    . DC A 5  ? 3.38048 4.07039 3.21682 -0.10379 -0.92366 0.21605  108 DC A O2    
93  N N3    . DC A 5  ? 3.39158 3.85274 3.29094 -0.15401 -0.95622 0.26785  108 DC A N3    
94  C C4    . DC A 5  ? 3.44304 3.83004 3.34524 -0.20695 -1.00517 0.36005  108 DC A C4    
95  N N4    . DC A 5  ? 3.41460 3.65765 3.38103 -0.19993 -0.99857 0.30773  108 DC A N4    
96  C C5    . DC A 5  ? 3.52981 3.99172 3.37479 -0.26753 -1.06195 0.50984  108 DC A C5    
97  C C6    . DC A 5  ? 3.55944 4.17536 3.33568 -0.26388 -1.06517 0.55944  108 DC A C6    
98  P P     . DT A 6  ? 3.53836 5.03554 2.89838 -0.19195 -0.83060 0.62561  109 DT A P     
99  O OP1   . DT A 6  ? 3.50654 4.98897 2.91827 -0.12690 -0.82266 0.47590  109 DT A OP1   
100 O OP2   . DT A 6  ? 3.58278 5.27640 2.83019 -0.20773 -0.82335 0.74174  109 DT A OP2   
101 O "O5'" . DT A 6  ? 3.44362 4.85954 2.82660 -0.21113 -0.74649 0.58678  109 DT A "O5'" 
102 C "C5'" . DT A 6  ? 3.34017 4.78863 2.72348 -0.16505 -0.63851 0.46093  109 DT A "C5'" 
103 C "C4'" . DT A 6  ? 3.29628 4.60918 2.78658 -0.11739 -0.63162 0.31405  109 DT A "C4'" 
104 O "O4'" . DT A 6  ? 3.31507 4.44882 2.87887 -0.14192 -0.67006 0.32406  109 DT A "O4'" 
105 C "C3'" . DT A 6  ? 3.22575 4.54370 2.74632 -0.06661 -0.51468 0.17659  109 DT A "C3'" 
106 O "O3'" . DT A 6  ? 3.22286 4.65153 2.73714 -0.02052 -0.49835 0.09518  109 DT A "O3'" 
107 C "C2'" . DT A 6  ? 3.23804 4.36199 2.87737 -0.04648 -0.51650 0.08677  109 DT A "C2'" 
108 C "C1'" . DT A 6  ? 3.30030 4.32062 2.95726 -0.09320 -0.63044 0.18429  109 DT A "C1'" 
109 N N1    . DT A 6  ? 3.21885 4.08094 2.93102 -0.11042 -0.62965 0.18610  109 DT A N1    
110 C C2    . DT A 6  ? 3.19160 3.93919 2.98897 -0.06365 -0.57300 0.06626  109 DT A C2    
111 O O2    . DT A 6  ? 3.16561 3.92717 3.00706 -0.01186 -0.51491 -0.04431 109 DT A O2    
112 N N3    . DT A 6  ? 3.18303 3.80263 3.01758 -0.07821 -0.58503 0.08080  109 DT A N3    
113 C C4    . DT A 6  ? 3.19815 3.78761 3.00476 -0.13735 -0.64996 0.19187  109 DT A C4    
114 O O4    . DT A 6  ? 3.19284 3.66904 3.04121 -0.14265 -0.65950 0.18487  109 DT A O4    
115 C C5    . DT A 6  ? 3.27082 3.97603 3.00155 -0.18977 -0.70525 0.31551  109 DT A C5    
116 C C7    . DT A 6  ? 3.34304 4.02607 3.05618 -0.26012 -0.77487 0.44471  109 DT A C7    
117 C C6    . DT A 6  ? 3.27571 4.11129 2.95939 -0.17151 -0.69186 0.30993  109 DT A C6    
118 P P     . DG A 7  ? 3.16403 4.75191 2.61440 0.01009  -0.39279 0.04738  110 DG A P     
119 O OP1   . DG A 7  ? 3.10920 4.66781 2.65262 0.06850  -0.33757 -0.11755 110 DG A OP1   
120 O OP2   . DG A 7  ? 3.23637 5.00060 2.57409 -0.00550 -0.43810 0.14837  110 DG A OP2   
121 O "O5'" . DG A 7  ? 3.09921 4.66414 2.51677 -0.01119 -0.30454 0.08790  110 DG A "O5'" 
122 C "C5'" . DG A 7  ? 3.00721 4.55466 2.46306 0.03178  -0.18275 -0.01919 110 DG A "C5'" 
123 C "C4'" . DG A 7  ? 2.96907 4.33380 2.54959 0.05486  -0.17083 -0.10853 110 DG A "C4'" 
124 O "O4'" . DG A 7  ? 3.01003 4.27001 2.59919 0.01091  -0.25853 -0.02394 110 DG A "O4'" 
125 C "C3'" . DG A 7  ? 2.93511 4.24374 2.55114 0.08602  -0.04849 -0.16704 110 DG A "C3'" 
126 O "O3'" . DG A 7  ? 2.92554 4.24771 2.61076 0.14174  0.03344  -0.29611 110 DG A "O3'" 
127 C "C2'" . DG A 7  ? 2.95196 4.08234 2.64813 0.08099  -0.08499 -0.17232 110 DG A "C2'" 
128 C "C1'" . DG A 7  ? 2.99008 4.09459 2.67134 0.03328  -0.22604 -0.09039 110 DG A "C1'" 
129 N N9    . DG A 7  ? 2.99644 4.02308 2.66024 -0.01403 -0.28433 0.00641  110 DG A N9    
130 C C8    . DG A 7  ? 3.06630 4.14585 2.65776 -0.07531 -0.36450 0.13925  110 DG A C8    
131 N N7    . DG A 7  ? 3.08741 4.06704 2.69889 -0.10946 -0.40787 0.19317  110 DG A N7    
132 C C5    . DG A 7  ? 3.02431 3.88270 2.71613 -0.06282 -0.35348 0.08981  110 DG A C5    
133 C C6    . DG A 7  ? 3.01707 3.74262 2.75954 -0.06400 -0.36711 0.08269  110 DG A C6    
134 O O6    . DG A 7  ? 3.06720 3.74857 2.80019 -0.11282 -0.43525 0.16343  110 DG A O6    
135 N N1    . DG A 7  ? 2.99768 3.63952 2.81492 0.00184  -0.29099 -0.03406 110 DG A N1    
136 C C2    . DG A 7  ? 3.01489 3.69231 2.86605 0.05572  -0.21033 -0.13061 110 DG A C2    
137 N N2    . DG A 7  ? 3.01646 3.60130 2.95146 0.11582  -0.13887 -0.22833 110 DG A N2    
138 N N3    . DG A 7  ? 3.00578 3.80207 2.81841 0.05354  -0.20023 -0.13324 110 DG A N3    
139 C C4    . DG A 7  ? 3.00280 3.88705 2.73061 -0.00420 -0.27468 -0.02137 110 DG A C4    
140 P P     . DT A 8  ? 3.07802 4.52382 2.71181 0.17137  0.15897  -0.32579 111 DT A P     
141 O OP1   . DT A 8  ? 3.07378 4.65146 2.68216 0.18368  0.13759  -0.36617 111 DT A OP1   
142 O OP2   . DT A 8  ? 3.05780 4.55029 2.58787 0.14093  0.18795  -0.21439 111 DT A OP2   
143 O "O5'" . DT A 8  ? 3.05136 4.38947 2.81122 0.22957  0.27264  -0.44931 111 DT A "O5'" 
144 C "C5'" . DT A 8  ? 3.02035 4.34427 2.76337 0.25131  0.38501  -0.43712 111 DT A "C5'" 
145 C "C4'" . DT A 8  ? 3.03093 4.20243 2.83576 0.25856  0.38361  -0.43130 111 DT A "C4'" 
146 O "O4'" . DT A 8  ? 3.07567 4.20878 2.83539 0.20225  0.25440  -0.33741 111 DT A "O4'" 
147 C "C3'" . DT A 8  ? 2.99260 4.16124 2.76454 0.28464  0.49403  -0.40423 111 DT A "C3'" 
148 O "O3'" . DT A 8  ? 2.95416 4.00598 2.84469 0.34431  0.57722  -0.48979 111 DT A "O3'" 
149 C "C2'" . DT A 8  ? 3.02028 4.17410 2.71303 0.23211  0.40905  -0.28950 111 DT A "C2'" 
150 C "C1'" . DT A 8  ? 3.07223 4.13633 2.82011 0.20139  0.27755  -0.29262 111 DT A "C1'" 
151 N N1    . DT A 8  ? 3.08381 4.14964 2.76026 0.13350  0.16032  -0.17499 111 DT A N1    
152 C C2    . DT A 8  ? 3.09564 4.04409 2.80453 0.12519  0.12040  -0.15294 111 DT A C2    
153 O O2    . DT A 8  ? 3.10756 3.95548 2.89222 0.17492  0.17475  -0.22186 111 DT A O2    
154 N N3    . DT A 8  ? 3.08488 4.04096 2.73880 0.05849  0.01447  -0.04619 111 DT A N3    
155 C C4    . DT A 8  ? 3.06347 4.13315 2.63502 0.00250  -0.04876 0.04726  111 DT A C4    
156 O O4    . DT A 8  ? 3.04761 4.11273 2.58782 -0.05656 -0.13813 0.14520  111 DT A O4    
157 C C5    . DT A 8  ? 3.05836 4.25548 2.58905 0.02084  -0.00097 0.02158  111 DT A C5    
158 C C7    . DT A 8  ? 3.03572 4.37388 2.47177 -0.02676 -0.06037 0.11967  111 DT A C7    
159 C C6    . DT A 8  ? 3.07001 4.25862 2.65402 0.08374  0.09891  -0.09066 111 DT A C6    
160 P P     . DA A 9  ? 3.13840 4.11786 3.02365 0.37103  0.63037  -0.45539 112 DA A P     
161 O OP1   . DA A 9  ? 3.10800 4.20648 2.87188 0.36245  0.68925  -0.38034 112 DA A OP1   
162 O OP2   . DA A 9  ? 3.20424 4.07397 3.11730 0.34202  0.51197  -0.43019 112 DA A OP2   
163 O "O5'" . DA A 9  ? 3.04895 3.95228 3.06071 0.45369  0.76495  -0.55744 112 DA A "O5'" 
164 C "C5'" . DA A 9  ? 3.03937 3.82135 3.12153 0.49722  0.78896  -0.57640 112 DA A "C5'" 
165 C "C4'" . DA A 9  ? 3.05510 3.85792 3.04136 0.49822  0.80115  -0.49495 112 DA A "C4'" 
166 O "O4'" . DA A 9  ? 3.14574 3.93710 3.06790 0.42854  0.65529  -0.42318 112 DA A "O4'" 
167 C "C3'" . DA A 9  ? 3.00111 3.93889 2.87912 0.50078  0.88693  -0.44270 112 DA A "C3'" 
168 O "O3'" . DA A 9  ? 2.91555 3.74988 2.86170 0.51738  0.99229  -0.46432 112 DA A "O3'" 
169 C "C2'" . DA A 9  ? 3.04801 4.01865 2.81871 0.45576  0.81041  -0.34521 112 DA A "C2'" 
170 C "C1'" . DA A 9  ? 3.13050 3.99533 2.94427 0.41070  0.66334  -0.34078 112 DA A "C1'" 
171 N N9    . DA A 9  ? 3.16133 4.08442 2.89108 0.32310  0.53740  -0.25544 112 DA A N9    
172 C C8    . DA A 9  ? 3.16210 4.19112 2.83231 0.27766  0.50854  -0.22171 112 DA A C8    
173 N N7    . DA A 9  ? 3.16121 4.22537 2.76663 0.20451  0.39391  -0.13340 112 DA A N7    
174 C C5    . DA A 9  ? 3.15630 4.12552 2.78556 0.19729  0.34119  -0.11332 112 DA A C5    
175 C C6    . DA A 9  ? 3.13692 4.08250 2.73836 0.13152  0.22193  -0.03292 112 DA A C6    
176 N N6    . DA A 9  ? 3.12040 4.14126 2.66120 0.05823  0.13650  0.05535  112 DA A N6    
177 N N1    . DA A 9  ? 3.13251 3.97607 2.77655 0.14687  0.19547  -0.04648 112 DA A N1    
178 C C2    . DA A 9  ? 3.15041 3.92746 2.85285 0.22732  0.28452  -0.12861 112 DA A C2    
179 N N3    . DA A 9  ? 3.16611 3.95664 2.90221 0.29455  0.40485  -0.19945 112 DA A N3    
180 C C4    . DA A 9  ? 3.16564 4.05095 2.86581 0.27253  0.42642  -0.19006 112 DA A C4    
181 P P     . DA B 1  ? 2.96831 3.69089 4.64974 0.32456  -1.96338 -0.93641 105 DA B P     
182 O OP1   . DA B 1  ? 3.05475 3.79041 4.69969 0.28323  -2.01372 -0.92314 105 DA B OP1   
183 O OP2   . DA B 1  ? 2.80317 3.51633 4.60018 0.38642  -1.86380 -0.98137 105 DA B OP2   
184 O "O5'" . DA B 1  ? 3.04249 3.76851 4.80350 0.32235  -2.04336 -0.85470 105 DA B "O5'" 
185 C "C5'" . DA B 1  ? 3.15986 3.87321 4.79703 0.28742  -2.10495 -0.83098 105 DA B "C5'" 
186 C "C4'" . DA B 1  ? 3.07566 3.77541 4.71152 0.31706  -2.04281 -0.87240 105 DA B "C4'" 
187 O "O4'" . DA B 1  ? 2.94049 3.64374 4.76914 0.37545  -1.98477 -0.87134 105 DA B "O4'" 
188 C "C3'" . DA B 1  ? 3.00789 3.71032 4.52042 0.31499  -1.95476 -0.96261 105 DA B "C3'" 
189 O "O3'" . DA B 1  ? 3.06492 3.75639 4.45946 0.29035  -1.96198 -0.98371 105 DA B "O3'" 
190 C "C2'" . DA B 1  ? 2.82776 3.54115 4.48111 0.37873  -1.85292 -1.00562 105 DA B "C2'" 
191 C "C1'" . DA B 1  ? 2.81215 3.51929 4.62617 0.40387  -1.88119 -0.94973 105 DA B "C1'" 
192 N N9    . DA B 1  ? 2.68096 3.38464 4.65587 0.45131  -1.80952 -0.96318 105 DA B N9    
193 C C8    . DA B 1  ? 2.63566 3.33372 4.66818 0.46356  -1.78252 -0.97082 105 DA B C8    
194 N N7    . DA B 1  ? 2.53153 3.21428 4.69354 0.49937  -1.71657 -0.98624 105 DA B N7    
195 C C5    . DA B 1  ? 2.50313 3.18686 4.70203 0.51171  -1.69762 -0.98771 105 DA B C5    
196 C C6    . DA B 1  ? 2.41266 3.08312 4.73091 0.53915  -1.63214 -1.00377 105 DA B C6    
197 N N6    . DA B 1  ? 2.33766 2.98364 4.75067 0.55655  -1.57282 -1.01974 105 DA B N6    
198 N N1    . DA B 1  ? 2.41182 3.09253 4.74441 0.54143  -1.63104 -1.00654 105 DA B N1    
199 C C2    . DA B 1  ? 2.49852 3.19629 4.72620 0.51789  -1.69407 -0.99488 105 DA B C2    
200 N N3    . DA B 1  ? 2.59638 3.29956 4.69192 0.48642  -1.75896 -0.97827 105 DA B N3    
201 C C4    . DA B 1  ? 2.59120 3.28954 4.68211 0.48513  -1.75566 -0.97481 105 DA B C4    
202 P P     . DC B 2  ? 3.10516 3.80241 4.33622 0.27073  -1.88858 -1.07011 106 DC B P     
203 O OP1   . DC B 2  ? 3.28958 3.95236 4.32441 0.19695  -1.95669 -1.05942 106 DC B OP1   
204 O OP2   . DC B 2  ? 3.01588 3.72795 4.26522 0.29642  -1.82209 -1.11235 106 DC B OP2   
205 O "O5'" . DC B 2  ? 2.98813 3.70946 4.28588 0.31070  -1.81457 -1.11697 106 DC B "O5'" 
206 C "C5'" . DC B 2  ? 3.04141 3.74809 4.36361 0.30063  -1.86381 -1.08817 106 DC B "C5'" 
207 C "C4'" . DC B 2  ? 2.89367 3.63099 4.37324 0.35339  -1.79401 -1.11656 106 DC B "C4'" 
208 O "O4'" . DC B 2  ? 2.78213 3.52539 4.42290 0.40276  -1.75991 -1.09658 106 DC B "O4'" 
209 C "C3'" . DC B 2  ? 2.79428 3.57884 4.22872 0.36566  -1.68566 -1.20911 106 DC B "C3'" 
210 O "O3'" . DC B 2  ? 2.73342 3.53891 4.26728 0.38212  -1.65801 -1.22859 106 DC B "O3'" 
211 C "C2'" . DC B 2  ? 2.66722 3.47086 4.17656 0.41489  -1.61440 -1.22965 106 DC B "C2'" 
212 C "C1'" . DC B 2  ? 2.63946 3.41717 4.31584 0.44027  -1.64980 -1.16782 106 DC B "C1'" 
213 N N1    . DC B 2  ? 2.55358 3.32002 4.32173 0.47735  -1.60956 -1.16427 106 DC B N1    
214 C C2    . DC B 2  ? 2.44164 3.20789 4.34214 0.51582  -1.54559 -1.18048 106 DC B C2    
215 O O2    . DC B 2  ? 2.41036 3.19600 4.35409 0.51937  -1.52203 -1.19931 106 DC B O2    
216 N N3    . DC B 2  ? 2.38022 3.12146 4.35076 0.54111  -1.51053 -1.18073 106 DC B N3    
217 C C4    . DC B 2  ? 2.41943 3.14498 4.34673 0.53336  -1.53847 -1.16732 106 DC B C4    
218 N N4    . DC B 2  ? 2.36239 3.06040 4.36164 0.55547  -1.50351 -1.17485 106 DC B N4    
219 C C5    . DC B 2  ? 2.52970 3.26352 4.33221 0.49504  -1.60425 -1.14994 106 DC B C5    
220 C C6    . DC B 2  ? 2.59699 3.34703 4.31702 0.46620  -1.63717 -1.14801 106 DC B C6    
221 P P     . DA B 3  ? 2.96276 3.77407 4.39523 0.33574  -1.66124 -1.27396 107 DA B P     
222 O OP1   . DA B 3  ? 3.02520 3.79613 4.55067 0.33088  -1.74293 -1.22202 107 DA B OP1   
223 O OP2   . DA B 3  ? 3.08526 3.87509 4.30698 0.28228  -1.67621 -1.29497 107 DA B OP2   
224 O "O5'" . DA B 3  ? 2.81300 3.70261 4.30119 0.36338  -1.53566 -1.35956 107 DA B "O5'" 
225 C "C5'" . DA B 3  ? 2.68219 3.59607 4.35111 0.41185  -1.48963 -1.35979 107 DA B "C5'" 
226 C "C4'" . DA B 3  ? 2.55028 3.52655 4.22809 0.44909  -1.37773 -1.42218 107 DA B "C4'" 
227 O "O4'" . DA B 3  ? 2.49081 3.43571 4.22977 0.49273  -1.37024 -1.39016 107 DA B "O4'" 
228 C "C3'" . DA B 3  ? 2.57078 3.59197 4.09630 0.43261  -1.33176 -1.47668 107 DA B "C3'" 
229 O "O3'" . DA B 3  ? 2.47250 3.57834 4.02039 0.45061  -1.23219 -1.54717 107 DA B "O3'" 
230 C "C2'" . DA B 3  ? 2.55610 3.54954 4.05872 0.46384  -1.33871 -1.45215 107 DA B "C2'" 
231 C "C1'" . DA B 3  ? 2.45560 3.43069 4.10688 0.51074  -1.31665 -1.43194 107 DA B "C1'" 
232 N N9    . DA B 3  ? 2.44614 3.37178 4.11519 0.53614  -1.33399 -1.39834 107 DA B N9    
233 C C8    . DA B 3  ? 2.52174 3.41894 4.10499 0.52013  -1.38049 -1.37538 107 DA B C8    
234 N N7    . DA B 3  ? 2.49190 3.35178 4.12260 0.54580  -1.38082 -1.35678 107 DA B N7    
235 C C5    . DA B 3  ? 2.39572 3.25035 4.13943 0.57881  -1.33009 -1.36769 107 DA B C5    
236 C C6    . DA B 3  ? 2.33630 3.14765 4.16121 0.60697  -1.30301 -1.36340 107 DA B C6    
237 N N6    . DA B 3  ? 2.35765 3.13094 4.17587 0.61197  -1.32513 -1.34754 107 DA B N6    
238 N N1    . DA B 3  ? 2.26304 3.06959 4.17164 0.62172  -1.25173 -1.38117 107 DA B N1    
239 C C2    . DA B 3  ? 2.24411 3.09612 4.16507 0.61342  -1.22879 -1.40334 107 DA B C2    
240 N N3    . DA B 3  ? 2.28877 3.19063 4.15042 0.59067  -1.24953 -1.41239 107 DA B N3    
241 C C4    . DA B 3  ? 2.36686 3.26292 4.13498 0.57300  -1.30091 -1.39263 107 DA B C4    
242 P P     . DC B 4  ? 2.26534 3.41614 3.88534 0.42762  -1.19329 -1.58740 111 DC B P     
243 O OP1   . DC B 4  ? 2.14439 3.31274 3.89837 0.47477  -1.14213 -1.59345 111 DC B OP1   
244 O OP2   . DC B 4  ? 2.38142 3.47360 3.98771 0.37588  -1.27265 -1.56025 111 DC B OP2   
245 O "O5'" . DC B 4  ? 2.26293 3.50522 3.78507 0.40319  -1.11299 -1.66338 111 DC B "O5'" 
246 C "C5'" . DC B 4  ? 2.22020 3.51317 3.69014 0.43842  -1.06714 -1.68701 111 DC B "C5'" 
247 C "C4'" . DC B 4  ? 2.30153 3.63452 3.64170 0.39132  -1.04173 -1.73068 111 DC B "C4'" 
248 O "O4'" . DC B 4  ? 2.44160 3.67889 3.66374 0.34742  -1.11989 -1.69329 111 DC B "O4'" 
249 C "C3'" . DC B 4  ? 2.33050 3.71330 3.65543 0.33467  -0.99302 -1.78278 111 DC B "C3'" 
250 O "O3'" . DC B 4  ? 2.29587 3.78994 3.59281 0.33716  -0.91049 -1.84260 111 DC B "O3'" 
251 C "C2'" . DC B 4  ? 2.50024 3.77970 3.69969 0.26052  -1.05982 -1.76578 111 DC B "C2'" 
252 C "C1'" . DC B 4  ? 2.56063 3.78115 3.67263 0.27263  -1.11600 -1.72530 111 DC B "C1'" 
253 N N1    . DC B 4  ? 2.71184 3.80762 3.73369 0.22703  -1.22286 -1.67078 111 DC B N1    
254 C C2    . DC B 4  ? 2.88420 3.91508 3.73733 0.14712  -1.24092 -1.69247 111 DC B C2    
255 O O2    . DC B 4  ? 2.90631 3.98252 3.69535 0.11088  -1.15826 -1.75892 111 DC B O2    
256 N N3    . DC B 4  ? 3.03488 3.95008 3.79575 0.10946  -1.34992 -1.63803 111 DC B N3    
257 C C4    . DC B 4  ? 3.00732 3.88850 3.85641 0.14936  -1.43535 -1.56173 111 DC B C4    
258 N N4    . DC B 4  ? 3.16554 3.94420 3.92487 0.11207  -1.54925 -1.50195 111 DC B N4    
259 C C5    . DC B 4  ? 2.82987 3.77554 3.85440 0.22720  -1.40569 -1.54217 111 DC B C5    
260 C C6    . DC B 4  ? 2.69345 3.73623 3.78818 0.26286  -1.30116 -1.59937 111 DC B C6    
261 P P     . DC B 5  ? 2.28115 3.90640 3.69327 0.37011  -0.82471 -1.88882 112 DC B P     
262 O OP1   . DC B 5  ? 2.28959 4.03076 3.66059 0.34819  -0.75432 -1.95005 112 DC B OP1   
263 O OP2   . DC B 5  ? 2.17481 3.79817 3.67366 0.45089  -0.83121 -1.86224 112 DC B OP2   
264 O "O5'" . DC B 5  ? 2.29926 3.89124 3.76127 0.32041  -0.82361 -1.89301 112 DC B "O5'" 
265 C "C5'" . DC B 5  ? 2.27739 3.96418 3.76694 0.28070  -0.74214 -1.95233 112 DC B "C5'" 
266 C "C4'" . DC B 5  ? 2.41479 4.07229 3.78644 0.19101  -0.72355 -1.98721 112 DC B "C4'" 
267 O "O4'" . DC B 5  ? 2.54132 4.05814 3.80765 0.16697  -0.81031 -1.94512 112 DC B "O4'" 
268 C "C3'" . DC B 5  ? 2.45620 4.09606 3.84959 0.12293  -0.68152 -2.02278 112 DC B "C3'" 
269 O "O3'" . DC B 5  ? 2.56284 4.21804 3.84597 0.04571  -0.62009 -2.07465 112 DC B "O3'" 
270 C "C2'" . DC B 5  ? 2.53577 4.01858 3.92462 0.11150  -0.77693 -1.97550 112 DC B "C2'" 
271 C "C1'" . DC B 5  ? 2.63315 4.04768 3.88902 0.11119  -0.84326 -1.94254 112 DC B "C1'" 
272 N N1    . DC B 5  ? 2.66725 3.96800 3.94032 0.14100  -0.96289 -1.86920 112 DC B N1    
273 C C2    . DC B 5  ? 2.83488 4.01580 3.96755 0.09508  -1.04224 -1.84456 112 DC B C2    
274 O O2    . DC B 5  ? 2.96182 4.11455 3.94454 0.02650  -1.00414 -1.88946 112 DC B O2    
275 N N3    . DC B 5  ? 2.86509 3.96041 4.02683 0.12441  -1.15886 -1.76949 112 DC B N3    
276 C C4    . DC B 5  ? 2.73406 3.85537 4.05908 0.19494  -1.18452 -1.72233 112 DC B C4    
277 N N4    . DC B 5  ? 2.77201 3.81494 4.13042 0.22021  -1.29417 -1.64284 112 DC B N4    
278 C C5    . DC B 5  ? 2.57135 3.79594 4.02422 0.23981  -1.09617 -1.75287 112 DC B C5    
279 C C6    . DC B 5  ? 2.54485 3.85846 3.96441 0.21178  -0.99371 -1.82438 112 DC B C6    
280 P P     . DG B 6  ? 2.54723 4.35710 3.87666 0.01189  -0.50278 -2.14155 113 DG B P     
281 O OP1   . DG B 6  ? 2.46948 4.42192 3.82006 0.06120  -0.47805 -2.15584 113 DG B OP1   
282 O OP2   . DG B 6  ? 2.46617 4.29987 3.91600 0.01703  -0.47678 -2.14730 113 DG B OP2   
283 O "O5'" . DG B 6  ? 2.72430 4.45778 3.91306 -0.09655 -0.45149 -2.18557 113 DG B "O5'" 
284 C "C5'" . DG B 6  ? 2.87025 4.49083 3.90080 -0.12785 -0.49158 -2.17445 113 DG B "C5'" 
285 C "C4'" . DG B 6  ? 3.05968 4.52016 3.96074 -0.22354 -0.47612 -2.19667 113 DG B "C4'" 
286 O "O4'" . DG B 6  ? 3.09664 4.41420 4.01201 -0.20662 -0.57753 -2.15170 113 DG B "O4'" 
287 C "C3'" . DG B 6  ? 3.07915 4.57781 4.00875 -0.29242 -0.36352 -2.25378 113 DG B "C3'" 
288 O "O3'" . DG B 6  ? 3.25228 4.69829 4.02244 -0.38645 -0.28452 -2.29993 113 DG B "O3'" 
289 C "C2'" . DG B 6  ? 3.09933 4.47603 4.08626 -0.30119 -0.39605 -2.24105 113 DG B "C2'" 
290 C "C1'" . DG B 6  ? 3.11442 4.38061 4.09372 -0.24508 -0.53934 -2.17735 113 DG B "C1'" 
291 N N9    . DG B 6  ? 2.96845 4.25728 4.12629 -0.16924 -0.60297 -2.13541 113 DG B N9    
292 C C8    . DG B 6  ? 2.82780 4.21880 4.13653 -0.14412 -0.54465 -2.15001 113 DG B C8    
293 N N7    . DG B 6  ? 2.72952 4.10406 4.17320 -0.07760 -0.61681 -2.10417 113 DG B N7    
294 C C5    . DG B 6  ? 2.80665 4.06645 4.19122 -0.05047 -0.72679 -2.03170 113 DG B C5    
295 C C6    . DG B 6  ? 2.76314 3.95947 4.24090 0.02121  -0.82888 -1.93794 113 DG B C6    
296 O O6    . DG B 6  ? 2.64008 3.86781 4.28188 0.07394  -0.84344 -1.91752 113 DG B O6    
297 N N1    . DG B 6  ? 2.88850 3.97533 4.24739 0.02306  -0.91752 -1.86690 113 DG B N1    
298 C C2    . DG B 6  ? 3.04495 4.07589 4.20620 -0.03800 -0.90493 -1.88367 113 DG B C2    
299 N N2    . DG B 6  ? 3.16533 4.08619 4.22002 -0.03291 -1.00198 -1.80692 113 DG B N2    
300 N N3    . DG B 6  ? 3.08838 4.16910 4.16117 -0.10457 -0.80240 -1.97240 113 DG B N3    
301 C C4    . DG B 6  ? 2.95948 4.16062 4.15836 -0.10597 -0.71937 -2.04289 113 DG B C4    
302 P P     . DT B 7  ? 3.35329 4.56955 3.94829 -0.48240 -0.27182 -2.31605 114 DT B P     
303 O OP1   . DT B 7  ? 3.51280 4.68791 3.92919 -0.54876 -0.21790 -2.34358 114 DT B OP1   
304 O OP2   . DT B 7  ? 3.36120 4.55008 4.02168 -0.52806 -0.19558 -2.34735 114 DT B OP2   
305 O "O5'" . DT B 7  ? 3.39432 4.46322 3.96071 -0.43414 -0.42037 -2.24832 114 DT B "O5'" 
306 C "C5'" . DT B 7  ? 3.59575 4.49234 3.96246 -0.46369 -0.46644 -2.18691 114 DT B "C5'" 
307 C "C4'" . DT B 7  ? 3.74504 4.41673 4.06067 -0.46048 -0.51153 -2.05324 114 DT B "C4'" 
308 O "O4'" . DT B 7  ? 3.58661 4.29114 4.09789 -0.37023 -0.59095 -1.98551 114 DT B "O4'" 
309 C "C3'" . DT B 7  ? 3.88628 4.44103 4.14596 -0.53417 -0.39471 -2.05398 114 DT B "C3'" 
310 O "O3'" . DT B 7  ? 4.14280 4.45257 4.21420 -0.56753 -0.42198 -1.95030 114 DT B "O3'" 
311 C "C2'" . DT B 7  ? 3.73564 4.33312 4.20901 -0.47939 -0.39107 -2.02501 114 DT B "C2'" 
312 C "C1'" . DT B 7  ? 3.64687 4.23869 4.20738 -0.38229 -0.54076 -1.93106 114 DT B "C1'" 
313 N N1    . DT B 7  ? 3.43756 4.13026 4.23576 -0.30788 -0.56266 -1.92084 114 DT B N1    
314 C C2    . DT B 7  ? 3.36313 4.03893 4.26137 -0.22306 -0.68691 -1.83191 114 DT B C2    
315 O O2    . DT B 7  ? 3.45525 4.04757 4.26050 -0.20536 -0.78794 -1.76045 114 DT B O2    
316 N N3    . DT B 7  ? 3.18401 3.94528 4.29267 -0.16524 -0.68686 -1.83320 114 DT B N3    
317 C C4    . DT B 7  ? 3.08070 3.93700 4.29734 -0.18542 -0.58093 -1.91087 114 DT B C4    
318 O O4    . DT B 7  ? 2.93539 3.85249 4.32724 -0.13398 -0.58777 -1.90567 114 DT B O4    
319 C C5    . DT B 7  ? 3.16562 4.04351 4.26988 -0.27743 -0.45979 -2.00163 114 DT B C5    
320 C C7    . DT B 7  ? 3.07584 4.06319 4.27728 -0.31630 -0.34186 -2.09466 114 DT B C7    
321 C C6    . DT B 7  ? 3.33558 4.13189 4.24366 -0.33258 -0.45443 -2.00261 114 DT B C6    
322 O "O5'" . DC C 1  ? 4.21367 3.33115 7.74358 0.66254  1.50083  -1.55017 99  DC C "O5'" 
323 C "C5'" . DC C 1  ? 4.28522 3.36805 7.76496 0.65204  1.57114  -1.56510 99  DC C "C5'" 
324 C "C4'" . DC C 1  ? 4.21799 3.27646 7.40407 0.68244  1.47095  -1.54561 99  DC C "C4'" 
325 O "O4'" . DC C 1  ? 4.31046 3.26925 7.10891 0.69384  1.39721  -1.63811 99  DC C "O4'" 
326 C "C3'" . DC C 1  ? 4.00472 3.15742 7.28154 0.71145  1.36127  -1.42675 99  DC C "C3'" 
327 O "O3'" . DC C 1  ? 3.95532 3.10132 7.10260 0.72762  1.32676  -1.38955 99  DC C "O3'" 
328 C "C2'" . DC C 1  ? 3.98661 3.10835 7.02395 0.73314  1.25107  -1.46797 99  DC C "C2'" 
329 C "C1'" . DC C 1  ? 4.16899 3.15694 6.84365 0.72908  1.26023  -1.58656 99  DC C "C1'" 
330 N N1    . DC C 1  ? 4.24009 3.16473 6.70438 0.73395  1.20308  -1.65608 99  DC C N1    
331 C C2    . DC C 1  ? 4.42127 3.21715 6.55842 0.72277  1.20278  -1.75633 99  DC C C2    
332 O O2    . DC C 1  ? 4.52100 3.26132 6.55210 0.70604  1.25487  -1.79159 99  DC C O2    
333 N N3    . DC C 1  ? 4.49420 3.22674 6.44678 0.72454  1.14958  -1.81084 99  DC C N3    
334 C C4    . DC C 1  ? 4.38492 3.18332 6.46905 0.73904  1.10156  -1.77274 99  DC C C4    
335 N N4    . DC C 1  ? 4.46206 3.19361 6.36216 0.73955  1.05231  -1.82520 99  DC C N4    
336 C C5    . DC C 1  ? 4.19760 3.13079 6.60817 0.74879  1.09968  -1.67545 99  DC C C5    
337 C C6    . DC C 1  ? 4.13422 3.12417 6.72558 0.74485  1.14894  -1.61744 99  DC C C6    
338 P P     . DT C 2  ? 4.15279 3.40083 7.43322 0.74899  1.23872  -1.25492 100 DT C P     
339 O OP1   . DT C 2  ? 4.00882 3.36313 7.68357 0.72984  1.26469  -1.16028 100 DT C OP1   
340 O OP2   . DT C 2  ? 4.16630 3.37974 7.13011 0.78060  1.10791  -1.27866 100 DT C OP2   
341 O "O5'" . DT C 2  ? 4.21036 3.45580 7.52221 0.74616  1.28998  -1.21249 100 DT C "O5'" 
342 C "C5'" . DT C 2  ? 4.35260 3.50948 7.31830 0.76309  1.24750  -1.26926 100 DT C "C5'" 
343 C "C4'" . DT C 2  ? 4.53959 3.58687 7.32604 0.73908  1.33932  -1.38925 100 DT C "C4'" 
344 O "O4'" . DT C 2  ? 4.59185 3.57298 7.19778 0.73370  1.31985  -1.48770 100 DT C "O4'" 
345 C "C3'" . DT C 2  ? 4.70848 3.65812 7.16178 0.74389  1.30961  -1.43967 100 DT C "C3'" 
346 O "O3'" . DT C 2  ? 4.86483 3.75895 7.31121 0.70820  1.43491  -1.50399 100 DT C "O3'" 
347 C "C2'" . DT C 2  ? 4.76311 3.61962 6.84884 0.75655  1.20278  -1.52261 100 DT C "C2'" 
348 C "C1'" . DT C 2  ? 4.74040 3.59846 6.93479 0.73627  1.26494  -1.57636 100 DT C "C1'" 
349 N N1    . DT C 2  ? 4.71109 3.53041 6.70488 0.75291  1.16386  -1.61331 100 DT C N1    
350 C C2    . DT C 2  ? 4.86081 3.55606 6.53960 0.73780  1.14763  -1.71507 100 DT C C2    
351 O O2    . DT C 2  ? 5.02114 3.63698 6.56539 0.70700  1.21162  -1.78365 100 DT C O2    
352 N N3    . DT C 2  ? 4.81893 3.48571 6.34659 0.75485  1.05344  -1.72918 100 DT C N3    
353 C C4    . DT C 2  ? 4.64568 3.39968 6.30301 0.78257  0.98219  -1.66077 100 DT C C4    
354 O O4    . DT C 2  ? 4.62281 3.34488 6.13680 0.79282  0.90866  -1.67870 100 DT C O4    
355 C C5    . DT C 2  ? 4.49932 3.38410 6.47822 0.79267  1.00217  -1.56241 100 DT C C5    
356 C C7    . DT C 2  ? 4.31451 3.30448 6.45531 0.81259  0.92914  -1.48444 100 DT C C7    
357 C C6    . DT C 2  ? 4.53862 3.44688 6.66877 0.77844  1.08763  -1.53924 100 DT C C6    
358 P P     . DG C 3  ? 4.92236 3.73042 7.11368 0.69828  1.44243  -1.53844 101 DG C P     
359 O OP1   . DG C 3  ? 4.89123 3.76319 7.38602 0.68188  1.56663  -1.47267 101 DG C OP1   
360 O OP2   . DG C 3  ? 4.91910 3.69585 6.85970 0.73300  1.29119  -1.51375 101 DG C OP2   
361 O "O5'" . DG C 3  ? 5.14848 3.82880 7.03816 0.65769  1.48457  -1.68222 101 DG C "O5'" 
362 C "C5'" . DG C 3  ? 5.14002 3.76891 6.84879 0.65955  1.41863  -1.74789 101 DG C "C5'" 
363 C "C4'" . DG C 3  ? 5.29544 3.79330 6.55054 0.65501  1.31013  -1.81543 101 DG C "C4'" 
364 O "O4'" . DG C 3  ? 5.22803 3.69812 6.33864 0.67849  1.19985  -1.82924 101 DG C "O4'" 
365 C "C3'" . DG C 3  ? 5.32322 3.79948 6.41943 0.67765  1.21697  -1.76605 101 DG C "C3'" 
366 O "O3'" . DG C 3  ? 5.53076 3.87558 6.25702 0.64412  1.18237  -1.84146 101 DG C "O3'" 
367 C "C2'" . DG C 3  ? 5.17710 3.67667 6.21534 0.72440  1.07530  -1.71748 101 DG C "C2'" 
368 C "C1'" . DG C 3  ? 5.21345 3.64559 6.09516 0.71034  1.05741  -1.79284 101 DG C "C1'" 
369 N N9    . DG C 3  ? 5.05870 3.52751 5.96343 0.74481  0.96779  -1.75636 101 DG C N9    
370 C C8    . DG C 3  ? 4.85393 3.44560 6.01311 0.77770  0.94120  -1.66825 101 DG C C8    
371 N N7    . DG C 3  ? 4.75790 3.35625 5.86460 0.79597  0.86354  -1.65942 101 DG C N7    
372 C C5    . DG C 3  ? 4.90934 3.37440 5.71021 0.77705  0.83562  -1.73975 101 DG C C5    
373 C C6    . DG C 3  ? 4.90239 3.30734 5.52822 0.78067  0.76253  -1.76120 101 DG C C6    
374 O O6    . DG C 3  ? 4.75387 3.22072 5.46384 0.80126  0.71170  -1.71914 101 DG C O6    
375 N N1    . DG C 3  ? 5.09788 3.35657 5.42923 0.75050  0.75315  -1.83842 101 DG C N1    
376 C C2    . DG C 3  ? 5.27390 3.46315 5.49071 0.71825  0.80520  -1.89481 101 DG C C2    
377 N N2    . DG C 3  ? 5.45031 3.50219 5.37910 0.68539  0.77716  -1.96516 101 DG C N2    
378 N N3    . DG C 3  ? 5.28050 3.53190 5.65948 0.71241  0.88134  -1.88097 101 DG C N3    
379 C C4    . DG C 3  ? 5.09460 3.47927 5.76464 0.74461  0.89326  -1.79983 101 DG C C4    
380 P P     . DC C 4  ? 5.66066 3.96489 6.25399 0.63325  1.16746  -1.82139 102 DC C P     
381 O OP1   . DC C 4  ? 5.59529 3.93197 6.38719 0.59356  1.33735  -1.83145 102 DC C OP1   
382 O OP2   . DC C 4  ? 5.44749 3.80508 6.10534 0.68532  1.06530  -1.73066 102 DC C OP2   
383 O "O5'" . DC C 4  ? 5.67466 3.82433 5.80153 0.59834  1.06601  -1.90171 102 DC C "O5'" 
384 C "C5'" . DC C 4  ? 5.63261 3.71415 5.49324 0.62800  0.89196  -1.87845 102 DC C "C5'" 
385 C "C4'" . DC C 4  ? 5.63410 3.63536 5.28312 0.62682  0.81021  -1.92143 102 DC C "C4'" 
386 O "O4'" . DC C 4  ? 5.44426 3.53345 5.33298 0.66466  0.82859  -1.88758 102 DC C "O4'" 
387 C "C3'" . DC C 4  ? 5.64985 3.52984 4.95354 0.63794  0.64106  -1.89867 102 DC C "C3'" 
388 O "O3'" . DC C 4  ? 5.85425 3.61753 4.84874 0.59049  0.58927  -1.95409 102 DC C "O3'" 
389 C "C2'" . DC C 4  ? 5.54332 3.39596 4.81724 0.65353  0.60140  -1.89626 102 DC C "C2'" 
390 C "C1'" . DC C 4  ? 5.40882 3.41300 5.07393 0.67470  0.71955  -1.89341 102 DC C "C1'" 
391 N N1    . DC C 4  ? 5.17595 3.27288 5.02841 0.72104  0.68385  -1.81938 102 DC C N1    
392 C C2    . DC C 4  ? 5.12921 3.17710 4.86164 0.72615  0.61578  -1.81378 102 DC C C2    
393 O O2    . DC C 4  ? 5.26947 3.18496 4.73935 0.69502  0.58200  -1.86358 102 DC C O2    
394 N N3    . DC C 4  ? 4.93190 3.08334 4.85005 0.75838  0.59055  -1.75222 102 DC C N3    
395 C C4    . DC C 4  ? 4.78680 3.07787 4.98771 0.78749  0.61794  -1.69524 102 DC C C4    
396 N N4    . DC C 4  ? 4.59357 2.99012 4.96759 0.81366  0.58231  -1.63850 102 DC C N4    
397 C C5    . DC C 4  ? 4.83599 3.16690 5.16527 0.78407  0.68589  -1.69132 102 DC C C5    
398 C C6    . DC C 4  ? 5.03027 3.26339 5.18192 0.74973  0.72273  -1.75548 102 DC C C6    
399 P P     . DT C 5  ? 6.02809 3.63368 4.63486 0.57331  0.42363  -1.91452 103 DT C P     
400 O OP1   . DT C 5  ? 6.13620 3.73699 4.58488 0.53151  0.36840  -1.95601 103 DT C OP1   
401 O OP2   . DT C 5  ? 5.87079 3.49471 4.53970 0.57008  0.41773  -1.81042 103 DT C OP2   
402 O "O5'" . DT C 5  ? 6.06953 3.60503 4.54551 0.54946  0.38511  -1.93568 103 DT C "O5'" 
403 C "C5'" . DT C 5  ? 6.11673 3.52935 4.29524 0.46515  0.30240  -1.87223 103 DT C "C5'" 
404 C "C4'" . DT C 5  ? 5.95669 3.35832 4.18001 0.39330  0.35838  -1.83003 103 DT C "C4'" 
405 O "O4'" . DT C 5  ? 5.79195 3.30074 4.28750 0.49211  0.38897  -1.82338 103 DT C "O4'" 
406 C "C3'" . DT C 5  ? 5.70698 3.27942 4.05442 0.23937  0.36893  -1.83735 103 DT C "C3'" 
407 O "O3'" . DT C 5  ? 5.69206 3.31016 3.96415 0.11339  0.34857  -1.89801 103 DT C "O3'" 
408 C "C2'" . DT C 5  ? 5.49369 3.13914 4.02246 0.32338  0.33686  -1.80915 103 DT C "C2'" 
409 C "C1'" . DT C 5  ? 5.58526 3.15773 4.16907 0.44848  0.38264  -1.79637 103 DT C "C1'" 
410 N N1    . DT C 5  ? 5.33767 3.02833 4.17915 0.53894  0.39066  -1.76329 103 DT C N1    
411 C C2    . DT C 5  ? 5.14751 2.94686 4.14642 0.55782  0.35846  -1.73723 103 DT C C2    
412 O O2    . DT C 5  ? 5.12391 2.89460 4.04575 0.51301  0.33301  -1.75661 103 DT C O2    
413 N N3    . DT C 5  ? 4.98409 2.93526 4.24177 0.62938  0.35118  -1.68876 103 DT C N3    
414 C C4    . DT C 5  ? 4.97692 2.98984 4.37332 0.67691  0.37786  -1.66460 103 DT C C4    
415 O O4    . DT C 5  ? 4.81113 2.96350 4.44887 0.72710  0.36940  -1.61945 103 DT C O4    
416 C C5    . DT C 5  ? 5.17044 3.07943 4.41754 0.65900  0.41286  -1.69775 103 DT C C5    
417 C C7    . DT C 5  ? 5.17221 3.15975 4.59053 0.70347  0.44568  -1.68032 103 DT C C7    
418 C C6    . DT C 5  ? 5.34464 3.09560 4.31223 0.59626  0.41271  -1.74504 103 DT C C6    
419 P P     . DA C 6  ? 5.74628 3.45552 4.06866 0.09762  0.25034  -1.91654 104 DA C P     
420 O OP1   . DA C 6  ? 5.78571 3.39305 4.11398 0.15117  0.29092  -1.89171 104 DA C OP1   
421 O OP2   . DA C 6  ? 5.77844 3.56441 4.02154 -0.00280 0.19245  -1.98303 104 DA C OP2   
422 O "O5'" . DA C 6  ? 5.52732 3.33281 3.94001 0.16718  0.14313  -1.87908 104 DA C "O5'" 
423 C "C5'" . DA C 6  ? 5.35830 3.24937 3.79914 0.19873  0.00551  -1.84245 104 DA C "C5'" 
424 C "C4'" . DA C 6  ? 5.26755 3.15675 3.81159 0.25600  0.01317  -1.83372 104 DA C "C4'" 
425 O "O4'" . DA C 6  ? 5.24776 3.11775 3.90803 0.30958  0.11627  -1.79845 104 DA C "O4'" 
426 C "C3'" . DA C 6  ? 5.06794 3.07030 3.70423 0.33231  -0.13372 -1.78484 104 DA C "C3'" 
427 O "O3'" . DA C 6  ? 5.08881 3.08455 3.76620 0.34751  -0.14527 -1.81095 104 DA C "O3'" 
428 C "C2'" . DA C 6  ? 4.90403 2.98666 3.69381 0.40187  -0.11626 -1.72176 104 DA C "C2'" 
429 C "C1'" . DA C 6  ? 5.01107 3.01132 3.84135 0.39407  0.03956  -1.73961 104 DA C "C1'" 
430 N N9    . DA C 6  ? 4.79580 2.83302 3.73879 0.45080  0.07917  -1.70101 104 DA C N9    
431 C C8    . DA C 6  ? 4.84200 2.84052 3.73348 0.43800  0.11619  -1.70571 104 DA C C8    
432 N N7    . DA C 6  ? 4.73132 2.78116 3.76497 0.50506  0.13955  -1.66707 104 DA C N7    
433 C C5    . DA C 6  ? 4.59985 2.73763 3.79222 0.55889  0.11717  -1.63653 104 DA C C5    
434 C C6    . DA C 6  ? 4.44105 2.68219 3.84349 0.63093  0.12169  -1.59229 104 DA C C6    
435 N N6    . DA C 6  ? 4.44295 2.71109 3.93928 0.66788  0.15023  -1.56753 104 DA C N6    
436 N N1    . DA C 6  ? 4.33933 2.66358 3.86270 0.65931  0.09281  -1.57622 104 DA C N1    
437 C C2    . DA C 6  ? 4.39489 2.69287 3.83348 0.62606  0.06138  -1.60184 104 DA C C2    
438 N N3    . DA C 6  ? 4.54105 2.74392 3.79281 0.56278  0.05140  -1.64154 104 DA C N3    
439 C C4    . DA C 6  ? 4.63854 2.76658 3.77348 0.52797  0.08154  -1.65765 104 DA C C4    
440 P P     . DC C 7  ? 5.03417 3.11422 3.75949 0.40372  -0.30009 -1.78648 105 DC C P     
441 O OP1   . DC C 7  ? 5.13444 3.17219 3.85170 0.38495  -0.28988 -1.83568 105 DC C OP1   
442 O OP2   . DC C 7  ? 5.06649 3.14809 3.68177 0.39547  -0.40936 -1.76255 105 DC C OP2   
443 O "O5'" . DC C 7  ? 4.80739 3.01194 3.72590 0.49213  -0.32160 -1.72722 105 DC C "O5'" 
444 C "C5'" . DC C 7  ? 4.73779 2.97129 3.79731 0.52054  -0.24311 -1.73029 105 DC C "C5'" 
445 C "C4'" . DC C 7  ? 4.52466 2.89254 3.75483 0.59059  -0.28102 -1.67382 105 DC C "C4'" 
446 O "O4'" . DC C 7  ? 4.45955 2.82584 3.72253 0.59046  -0.20386 -1.63955 105 DC C "O4'" 
447 C "C3'" . DC C 7  ? 4.43944 2.88975 3.67157 0.63065  -0.41924 -1.63984 105 DC C "C3'" 
448 O "O3'" . DC C 7  ? 4.28994 2.85912 3.68490 0.68568  -0.45610 -1.62008 105 DC C "O3'" 
449 C "C2'" . DC C 7  ? 4.39157 2.84126 3.58112 0.62462  -0.40961 -1.59941 105 DC C "C2'" 
450 C "C1'" . DC C 7  ? 4.32855 2.78261 3.62407 0.62383  -0.28563 -1.59041 105 DC C "C1'" 
451 N N1    . DC C 7  ? 4.31322 2.73337 3.57234 0.60410  -0.22573 -1.56256 105 DC C N1    
452 C C2    . DC C 7  ? 4.18696 2.67875 3.58804 0.64957  -0.20140 -1.52917 105 DC C C2    
453 O O2    . DC C 7  ? 4.07596 2.65532 3.61737 0.68574  -0.21281 -1.51371 105 DC C O2    
454 N N3    . DC C 7  ? 4.19558 2.66298 3.58140 0.65266  -0.17215 -1.51788 105 DC C N3    
455 C C4    . DC C 7  ? 4.32029 2.69770 3.55020 0.60838  -0.16261 -1.53874 105 DC C C4    
456 N N4    . DC C 7  ? 4.34117 2.69817 3.56318 0.61565  -0.13644 -1.52833 105 DC C N4    
457 C C5    . DC C 7  ? 4.44793 2.75672 3.52773 0.55251  -0.18356 -1.57273 105 DC C C5    
458 C C6    . DC C 7  ? 4.43918 2.77003 3.54126 0.55264  -0.21419 -1.58190 105 DC C C6    
459 P P     . DT C 8  ? 4.32471 2.96675 3.75120 0.73127  -0.58951 -1.61671 106 DT C P     
460 O OP1   . DT C 8  ? 4.40533 3.03342 3.85966 0.72788  -0.59254 -1.65999 106 DT C OP1   
461 O OP2   . DT C 8  ? 4.38421 2.98588 3.68497 0.73232  -0.67500 -1.59836 106 DT C OP2   
462 O "O5'" . DT C 8  ? 4.12008 2.89855 3.70864 0.77723  -0.60256 -1.58034 106 DT C "O5'" 
463 C "C5'" . DT C 8  ? 4.02418 2.84080 3.72727 0.77299  -0.50649 -1.56820 106 DT C "C5'" 
464 C "C4'" . DT C 8  ? 3.86847 2.76877 3.64009 0.79328  -0.51637 -1.52167 106 DT C "C4'" 
465 O "O4'" . DT C 8  ? 3.88961 2.72438 3.58798 0.76704  -0.45650 -1.49630 106 DT C "O4'" 
466 C "C3'" . DT C 8  ? 3.82693 2.78433 3.57460 0.82409  -0.62903 -1.50749 106 DT C "C3'" 
467 O "O3'" . DT C 8  ? 3.68455 2.74910 3.54901 0.84357  -0.63172 -1.48326 106 DT C "O3'" 
468 C "C2'" . DT C 8  ? 3.89078 2.76883 3.49537 0.80475  -0.63762 -1.48517 106 DT C "C2'" 
469 C "C1'" . DT C 8  ? 3.84636 2.70817 3.49064 0.77905  -0.52719 -1.46572 106 DT C "C1'" 
470 N N1    . DT C 8  ? 3.91261 2.68612 3.43293 0.74694  -0.49449 -1.44976 106 DT C N1    
471 C C2    . DT C 8  ? 3.85106 2.64402 3.41541 0.75519  -0.45958 -1.42477 106 DT C C2    
472 O O2    . DT C 8  ? 3.74518 2.62141 3.44444 0.78287  -0.45040 -1.41268 106 DT C O2    
473 N N3    . DT C 8  ? 3.93080 2.64489 3.38112 0.73438  -0.44660 -1.42086 106 DT C N3    
474 C C4    . DT C 8  ? 4.05782 2.67938 3.35203 0.69593  -0.45746 -1.43574 106 DT C C4    
475 O O4    . DT C 8  ? 4.12514 2.68445 3.32303 0.67592  -0.44575 -1.43261 106 DT C O4    
476 C C5    . DT C 8  ? 4.12151 2.72666 3.37702 0.68717  -0.49693 -1.46161 106 DT C C5    
477 C C7    . DT C 8  ? 4.28334 2.79158 3.37559 0.65231  -0.53024 -1.48667 106 DT C C7    
478 C C6    . DT C 8  ? 4.05399 2.73549 3.42695 0.72233  -0.52279 -1.47162 106 DT C C6    
479 P P     . DG C 9  ? 3.62779 2.80643 3.61955 0.87515  -0.68558 -1.50183 107 DG C P     
480 O OP1   . DG C 9  ? 3.63519 2.81949 3.71255 0.86703  -0.63299 -1.52731 107 DG C OP1   
481 O OP2   . DG C 9  ? 3.67552 2.85688 3.61220 0.90420  -0.79037 -1.51515 107 DG C OP2   
482 O "O5'" . DG C 9  ? 3.49014 2.75820 3.57035 0.87674  -0.66357 -1.46982 107 DG C "O5'" 
483 C "C5'" . DG C 9  ? 3.41509 2.71111 3.60219 0.86105  -0.57639 -1.45263 107 DG C "C5'" 
484 C "C4'" . DG C 9  ? 3.35259 2.68175 3.56540 0.86570  -0.56874 -1.42790 107 DG C "C4'" 
485 O "O4'" . DG C 9  ? 3.42434 2.65921 3.52255 0.85457  -0.55016 -1.41197 107 DG C "O4'" 
486 C "C3'" . DG C 9  ? 3.29651 2.69823 3.50524 0.88010  -0.63696 -1.42637 107 DG C "C3'" 
487 O "O3'" . DG C 9  ? 3.21380 2.69280 3.53688 0.88718  -0.62072 -1.42344 107 DG C "O3'" 
488 C "C2'" . DG C 9  ? 3.36829 2.68815 3.41625 0.87555  -0.67146 -1.40821 107 DG C "C2'" 
489 C "C1'" . DG C 9  ? 3.41925 2.65773 3.43294 0.86085  -0.60967 -1.39677 107 DG C "C1'" 
490 N N9    . DG C 9  ? 3.52364 2.65473 3.37744 0.84462  -0.62133 -1.38869 107 DG C N9    
491 C C8    . DG C 9  ? 3.60500 2.67868 3.37445 0.83424  -0.64448 -1.40144 107 DG C C8    
492 N N7    . DG C 9  ? 3.69873 2.68077 3.33376 0.81783  -0.65353 -1.39430 107 DG C N7    
493 C C5    . DG C 9  ? 3.67335 2.64879 3.30006 0.81571  -0.62868 -1.37287 107 DG C C5    
494 C C6    . DG C 9  ? 3.74571 2.63972 3.25110 0.79961  -0.62730 -1.35797 107 DG C C6    
495 O O6    . DG C 9  ? 3.84485 2.65673 3.22170 0.77677  -0.64290 -1.35876 107 DG C O6    
496 N N1    . DG C 9  ? 3.69852 2.61347 3.24430 0.81165  -0.61074 -1.34210 107 DG C N1    
497 C C2    . DG C 9  ? 3.59600 2.60077 3.28790 0.83456  -0.59763 -1.34196 107 DG C C2    
498 N N2    . DG C 9  ? 3.65305 2.66073 3.37125 0.84577  -0.58995 -1.32707 107 DG C N2    
499 N N3    . DG C 9  ? 3.52709 2.61298 3.33401 0.84535  -0.59721 -1.35655 107 DG C N3    
500 C C4    . DG C 9  ? 3.57020 2.63529 3.33390 0.83566  -0.61232 -1.37098 107 DG C C4    
501 P P     . DT C 10 ? 3.12779 2.70640 3.49309 0.89798  -0.67164 -1.43715 108 DT C P     
502 O OP1   . DT C 10 ? 3.04304 2.71425 3.57911 0.90033  -0.64263 -1.44774 108 DT C OP1   
503 O OP2   . DT C 10 ? 3.14397 2.74063 3.47188 0.90443  -0.71953 -1.45373 108 DT C OP2   
504 O "O5'" . DT C 10 ? 3.16206 2.69135 3.41087 0.89770  -0.69593 -1.41780 108 DT C "O5'" 
505 C "C5'" . DT C 10 ? 3.19483 2.65246 3.41159 0.89304  -0.66038 -1.39545 108 DT C "C5'" 
506 C "C4'" . DT C 10 ? 3.25230 2.64327 3.31464 0.88988  -0.69911 -1.37670 108 DT C "C4'" 
507 O "O4'" . DT C 10 ? 3.33932 2.62642 3.27511 0.87883  -0.69512 -1.36183 108 DT C "O4'" 
508 C "C3'" . DT C 10 ? 3.25310 2.67721 3.25255 0.89262  -0.75826 -1.38365 108 DT C "C3'" 
509 O "O3'" . DT C 10 ? 3.23548 2.68730 3.22702 0.89154  -0.77559 -1.38490 108 DT C "O3'" 
510 C "C2'" . DT C 10 ? 3.34030 2.66852 3.18552 0.88695  -0.78875 -1.36282 108 DT C "C2'" 
511 C "C1'" . DT C 10 ? 3.38752 2.63247 3.18717 0.87614  -0.74943 -1.34630 108 DT C "C1'" 
512 N N1    . DT C 10 ? 3.47586 2.63021 3.15884 0.86491  -0.76063 -1.33716 108 DT C N1    
513 C C2    . DT C 10 ? 3.54923 2.61237 3.10925 0.85111  -0.76156 -1.31561 108 DT C C2    
514 O O2    . DT C 10 ? 3.54630 2.59480 3.08558 0.85033  -0.75507 -1.30171 108 DT C O2    
515 N N3    . DT C 10 ? 3.63436 2.62119 3.09514 0.83759  -0.77504 -1.31317 108 DT C N3    
516 C C4    . DT C 10 ? 3.65611 2.64483 3.12944 0.83971  -0.79218 -1.33020 108 DT C C4    
517 O O4    . DT C 10 ? 3.75703 2.67097 3.13705 0.83554  -0.82122 -1.33543 108 DT C O4    
518 C C5    . DT C 10 ? 3.57541 2.65925 3.17975 0.85827  -0.79272 -1.35084 108 DT C C5    
519 C C7    . DT C 10 ? 3.62453 2.72263 3.26259 0.88872  -0.84717 -1.38763 108 DT C C7    
520 C C6    . DT C 10 ? 3.48908 2.65202 3.18988 0.86810  -0.77506 -1.35316 108 DT C C6    
521 P P     . DG C 11 ? 3.47882 2.94081 3.55536 0.89513  -0.74779 -1.38286 109 DG C P     
522 O OP1   . DG C 11 ? 3.57063 2.92447 3.55064 0.89246  -0.73587 -1.35267 109 DG C OP1   
523 O OP2   . DG C 11 ? 3.42335 2.97396 3.69981 0.90420  -0.70807 -1.40228 109 DG C OP2   
524 O "O5'" . DG C 11 ? 3.53752 3.03665 3.57470 0.88647  -0.78954 -1.39733 109 DG C "O5'" 
525 C "C5'" . DG C 11 ? 3.48974 3.10311 3.64776 0.88462  -0.79163 -1.43726 109 DG C "C5'" 
526 C "C4'" . DG C 11 ? 3.46259 3.10600 3.53392 0.86922  -0.81964 -1.45440 109 DG C "C4'" 
527 O "O4'" . DG C 11 ? 3.35172 3.02235 3.47016 0.88292  -0.81147 -1.46192 109 DG C "O4'" 
528 C "C3'" . DG C 11 ? 3.49517 3.24236 3.62612 0.84746  -0.82687 -1.50088 109 DG C "C3'" 
529 O "O3'" . DG C 11 ? 3.60466 3.31446 3.60148 0.80968  -0.85643 -1.49308 109 DG C "O3'" 
530 C "C2'" . DG C 11 ? 3.41848 3.21397 3.54905 0.84731  -0.82515 -1.52357 109 DG C "C2'" 
531 C "C1'" . DG C 11 ? 3.32437 3.08388 3.48907 0.87687  -0.81777 -1.50159 109 DG C "C1'" 
532 N N9    . DG C 11 ? 3.04675 2.89585 3.37305 0.88888  -0.79819 -1.52844 109 DG C N9    
533 C C8    . DG C 11 ? 3.02624 2.85332 3.40961 0.90116  -0.78112 -1.51100 109 DG C C8    
534 N N7    . DG C 11 ? 2.96617 2.88108 3.48797 0.90419  -0.76739 -1.53825 109 DG C N7    
535 C C5    . DG C 11 ? 2.94067 2.95002 3.50858 0.89565  -0.77532 -1.58069 109 DG C C5    
536 C C6    . DG C 11 ? 2.87926 3.01226 3.59027 0.89192  -0.76659 -1.62736 109 DG C C6    
537 O O6    . DG C 11 ? 2.83200 3.01068 3.65967 0.89702  -0.75437 -1.63455 109 DG C O6    
538 N N1    . DG C 11 ? 2.90342 3.10853 3.60595 0.87331  -0.77031 -1.67132 109 DG C N1    
539 C C2    . DG C 11 ? 2.97233 3.12606 3.53257 0.85501  -0.78110 -1.66567 109 DG C C2    
540 N N2    . DG C 11 ? 3.01788 3.25231 3.56938 0.82053  -0.77467 -1.71514 109 DG C N2    
541 N N3    . DG C 11 ? 3.00698 3.03879 3.43290 0.86013  -0.79453 -1.61593 109 DG C N3    
542 C C4    . DG C 11 ? 2.99458 2.96391 3.43801 0.88320  -0.79110 -1.57724 109 DG C C4    
543 P P     . DG C 12 ? 3.74108 3.52111 3.80161 0.76371  -0.87579 -1.50218 110 DG C P     
544 O OP1   . DG C 12 ? 3.82725 3.57809 3.70419 0.68927  -0.90485 -1.42831 110 DG C OP1   
545 O OP2   . DG C 12 ? 3.73654 3.54611 3.99268 0.77956  -0.82594 -1.41662 110 DG C OP2   
546 O "O5'" . DG C 12 ? 3.70222 3.64740 3.87764 0.72331  -0.85816 -1.53719 110 DG C "O5'" 
547 C "C5'" . DG C 12 ? 3.70569 3.66883 3.75756 0.69487  -0.87033 -1.59530 110 DG C "C5'" 
548 C "C4'" . DG C 12 ? 3.69854 3.81911 3.88295 0.66615  -0.85277 -1.66001 110 DG C "C4'" 
549 O "O4'" . DG C 12 ? 3.60444 3.74226 3.95110 0.74058  -0.81832 -1.67633 110 DG C "O4'" 
550 C "C3'" . DG C 12 ? 3.73288 4.03201 4.07084 0.55638  -0.81655 -1.50186 110 DG C "C3'" 
551 O "O3'" . DG C 12 ? 3.76365 4.20697 4.11252 0.47602  -0.80262 -1.52666 110 DG C "O3'" 
552 C "C2'" . DG C 12 ? 3.67381 4.00009 4.24029 0.61964  -0.78668 -1.48550 110 DG C "C2'" 
553 C "C1'" . DG C 12 ? 3.61500 3.87470 4.16570 0.72340  -0.80150 -1.67299 110 DG C "C1'" 
554 N N9    . DG C 12 ? 3.16570 3.37242 3.84931 0.81026  -0.78522 -1.69039 110 DG C N9    
555 C C8    . DG C 12 ? 3.13985 3.22492 3.77521 0.84827  -0.77976 -1.62713 110 DG C C8    
556 N N7    . DG C 12 ? 3.05082 3.14330 3.80718 0.87683  -0.75204 -1.60636 110 DG C N7    
557 C C5    . DG C 12 ? 3.00877 3.23183 3.91679 0.86986  -0.74154 -1.65497 110 DG C C5    
558 C C6    . DG C 12 ? 2.91230 3.19625 3.97902 0.88111  -0.71742 -1.65453 110 DG C C6    
559 O O6    . DG C 12 ? 2.85330 3.08098 3.94262 0.89222  -0.69802 -1.61278 110 DG C O6    
560 N N1    . DG C 12 ? 2.90093 3.32430 4.09202 0.86640  -0.71496 -1.71550 110 DG C N1    
561 C C2    . DG C 12 ? 2.98814 3.48651 4.13991 0.83287  -0.72798 -1.77887 110 DG C C2    
562 N N2    . DG C 12 ? 2.96931 3.62026 4.24526 0.79841  -0.71329 -1.81630 110 DG C N2    
563 N N3    . DG C 12 ? 3.08965 3.53286 4.06505 0.79749  -0.74930 -1.76409 110 DG C N3    
564 C C4    . DG C 12 ? 3.08644 3.38450 3.95758 0.83225  -0.75878 -1.71257 110 DG C C4    
565 P P     . DT C 13 ? 3.86028 4.49147 4.29175 0.31940  -0.78067 -1.35133 111 DT C P     
566 O OP1   . DT C 13 ? 3.94374 4.55260 4.15779 0.22457  -0.80228 -1.31000 111 DT C OP1   
567 O OP2   . DT C 13 ? 3.80947 4.48538 4.45081 0.31907  -0.76328 -1.20525 111 DT C OP2   
568 O "O5'" . DT C 13 ? 3.86013 4.64854 4.39375 0.28221  -0.75354 -1.42437 111 DT C "O5'" 
569 C "C5'" . DT C 13 ? 3.79768 4.62482 4.53207 0.36164  -0.73436 -1.47968 111 DT C "C5'" 
570 C "C4'" . DT C 13 ? 3.77086 4.80601 4.68950 0.25744  -0.70747 -1.37957 111 DT C "C4'" 
571 O "O4'" . DT C 13 ? 3.66009 4.71897 4.79963 0.33892  -0.69121 -1.40373 111 DT C "O4'" 
572 C "C3'" . DT C 13 ? 3.77628 4.90277 4.75662 0.13203  -0.71082 -1.16054 111 DT C "C3'" 
573 O "O3'" . DT C 13 ? 3.83518 5.14643 4.82383 -0.02332 -0.70305 -1.08923 111 DT C "O3'" 
574 C "C2'" . DT C 13 ? 3.66038 4.79099 4.89043 0.19047  -0.69818 -1.07317 111 DT C "C2'" 
575 C "C1'" . DT C 13 ? 3.58772 4.69860 4.91227 0.30424  -0.68256 -1.23276 111 DT C "C1'" 
576 N N1    . DT C 13 ? 3.08651 4.05430 4.48691 0.43613  -0.67774 -1.27145 111 DT C N1    
577 C C2    . DT C 13 ? 2.97754 3.96505 4.56441 0.50792  -0.65920 -1.32795 111 DT C C2    
578 O O2    . DT C 13 ? 2.92597 4.04635 4.62761 0.47389  -0.64898 -1.34721 111 DT C O2    
579 N N3    . DT C 13 ? 2.93186 3.77571 4.55826 0.61550  -0.65203 -1.36296 111 DT C N3    
580 C C4    . DT C 13 ? 2.99058 3.68290 4.49326 0.65560  -0.65966 -1.34652 111 DT C C4    
581 O O4    . DT C 13 ? 2.94915 3.52124 4.48846 0.74282  -0.64707 -1.38514 111 DT C O4    
582 C C5    . DT C 13 ? 3.10555 3.79047 4.42480 0.58005  -0.68214 -1.28173 111 DT C C5    
583 C C7    . DT C 13 ? 3.18058 3.71150 4.35560 0.61151  -0.69406 -1.25501 111 DT C C7    
584 C C6    . DT C 13 ? 3.14158 3.96012 4.41831 0.47545  -0.69061 -1.24779 111 DT C C6    
585 P P     . DG C 14 ? 3.84405 5.34102 5.05116 -0.07206 -0.68041 -1.06940 112 DG C P     
586 O OP1   . DG C 14 ? 3.80107 5.25711 5.05600 0.05544  -0.66278 -1.25743 112 DG C OP1   
587 O OP2   . DG C 14 ? 3.94840 5.59996 5.07157 -0.25070 -0.67980 -0.99661 112 DG C OP2   
588 O "O5'" . DG C 14 ? 3.72395 5.26817 5.19186 -0.07936 -0.68475 -0.88496 112 DG C "O5'" 
589 C "C5'" . DG C 14 ? 3.71478 5.44462 5.33624 -0.22656 -0.69159 -0.70933 112 DG C "C5'" 
590 C "C4'" . DG C 14 ? 3.58775 5.40917 5.48050 -0.19064 -0.67615 -0.70283 112 DG C "C4'" 
591 O "O4'" . DG C 14 ? 3.51194 5.20550 5.41954 -0.01860 -0.65643 -0.88228 112 DG C "O4'" 
592 C "C3'" . DG C 14 ? 3.48808 5.35403 5.64960 -0.21223 -0.68491 -0.50976 112 DG C "C3'" 
593 O "O3'" . DG C 14 ? 3.50863 5.56178 5.76522 -0.38688 -0.70840 -0.33516 112 DG C "O3'" 
594 C "C2'" . DG C 14 ? 3.36072 5.20408 5.72438 -0.08866 -0.66028 -0.60013 112 DG C "C2'" 
595 C "C1'" . DG C 14 ? 3.37970 5.06508 5.54401 0.04910  -0.64619 -0.82513 112 DG C "C1'" 
596 N N9    . DG C 14 ? 2.85875 4.35780 4.98616 0.16796  -0.64082 -0.85508 112 DG C N9    
597 C C8    . DG C 14 ? 2.94534 4.33631 4.89061 0.16536  -0.65407 -0.82684 112 DG C C8    
598 N N7    . DG C 14 ? 2.92142 4.15664 4.87107 0.27828  -0.64306 -0.86488 112 DG C N7    
599 C C5    . DG C 14 ? 2.81348 4.04789 4.95422 0.36039  -0.61985 -0.92619 112 DG C C5    
600 C C6    . DG C 14 ? 2.75423 3.85198 4.97163 0.48408  -0.59629 -0.99126 112 DG C C6    
601 O O6    . DG C 14 ? 2.78917 3.73981 4.91727 0.54553  -0.58995 -1.00676 112 DG C O6    
602 N N1    . DG C 14 ? 2.65387 3.79938 5.06437 0.52715  -0.57815 -1.04025 112 DG C N1    
603 C C2    . DG C 14 ? 2.61275 3.92209 5.13402 0.46166  -0.58410 -1.02573 112 DG C C2    
604 N N2    . DG C 14 ? 2.51861 3.84849 5.22393 0.51677  -0.56726 -1.07717 112 DG C N2    
605 N N3    . DG C 14 ? 2.66967 4.11429 5.11938 0.34178  -0.60429 -0.96409 112 DG C N3    
606 C C4    . DG C 14 ? 2.77044 4.16591 5.02689 0.29666  -0.62034 -0.91873 112 DG C C4    
607 P P     . DC D 1  ? 2.97227 3.16036 3.65608 -0.14061 0.37173  0.42080  113 DC D P     
608 O OP1   . DC D 1  ? 2.83355 3.03153 3.44275 -0.14233 0.43001  0.54521  113 DC D OP1   
609 O OP2   . DC D 1  ? 3.14347 3.28403 3.80071 -0.12922 0.23375  0.42512  113 DC D OP2   
610 O "O5'" . DC D 1  ? 2.91486 3.11268 3.78131 -0.11317 0.39214  0.27235  113 DC D "O5'" 
611 C "C5'" . DC D 1  ? 2.78090 3.02349 3.72069 -0.12763 0.51435  0.19341  113 DC D "C5'" 
612 C "C4'" . DC D 1  ? 2.80083 3.04692 3.86324 -0.11836 0.49204  0.04424  113 DC D "C4'" 
613 O "O4'" . DC D 1  ? 2.74667 2.98237 3.94812 -0.08014 0.42423  -0.03775 113 DC D "O4'" 
614 C "C3'" . DC D 1  ? 2.97744 3.19137 3.97817 -0.12695 0.40850  0.03627  113 DC D "C3'" 
615 O "O3'" . DC D 1  ? 2.96858 3.20544 3.98448 -0.14971 0.48093  -0.03946 113 DC D "O3'" 
616 C "C2'" . DC D 1  ? 3.02790 3.20636 4.13617 -0.08611 0.28892  -0.03898 113 DC D "C2'" 
617 C "C1'" . DC D 1  ? 2.84653 3.06009 4.10711 -0.06364 0.33856  -0.12199 113 DC D "C1'" 
618 N N1    . DC D 1  ? 2.83620 3.03157 4.19431 -0.02075 0.23292  -0.15935 113 DC D N1    
619 C C2    . DC D 1  ? 2.69485 2.92601 4.22063 0.00166  0.25256  -0.26987 113 DC D C2    
620 O O2    . DC D 1  ? 2.58047 2.85378 4.17361 -0.01483 0.36024  -0.33468 113 DC D O2    
621 N N3    . DC D 1  ? 2.68778 2.91065 4.29830 0.04060  0.15293  -0.30046 113 DC D N3    
622 C C4    . DC D 1  ? 2.80651 2.98234 4.34122 0.05956  0.04120  -0.22627 113 DC D C4    
623 N N4    . DC D 1  ? 2.78537 2.95823 4.40684 0.10043  -0.05337 -0.25775 113 DC D N4    
624 C C5    . DC D 1  ? 2.95231 3.08653 4.32021 0.03699  0.02122  -0.11470 113 DC D C5    
625 C C6    . DC D 1  ? 2.96502 3.11330 4.25043 -0.00392 0.11708  -0.08567 113 DC D C6    
626 P P     . DG D 2  ? 3.08632 3.31944 3.94429 -0.19186 0.49014  0.02339  114 DG D P     
627 O OP1   . DG D 2  ? 3.03671 3.28792 3.75812 -0.21229 0.51978  0.17612  114 DG D OP1   
628 O OP2   . DG D 2  ? 3.23053 3.41043 4.08146 -0.18565 0.37558  -0.01797 114 DG D OP2   
629 O "O5'" . DG D 2  ? 2.98031 3.25608 3.87486 -0.21315 0.61482  -0.05925 114 DG D "O5'" 
630 C "C5'" . DG D 2  ? 2.99997 3.26286 3.99943 -0.20223 0.60805  -0.19790 114 DG D "C5'" 
631 C "C4'" . DG D 2  ? 2.83764 3.13230 4.01120 -0.17543 0.67200  -0.29922 114 DG D "C4'" 
632 O "O4'" . DG D 2  ? 2.80562 3.08143 4.07629 -0.13699 0.58375  -0.31609 114 DG D "O4'" 
633 C "C3'" . DG D 2  ? 2.83103 3.12697 4.11595 -0.16682 0.69841  -0.43989 114 DG D "C3'" 
634 O "O3'" . DG D 2  ? 2.66912 3.01130 4.09334 -0.15353 0.78792  -0.51058 114 DG D "O3'" 
635 C "C2'" . DG D 2  ? 2.91737 3.16326 4.26772 -0.13307 0.56372  -0.48764 114 DG D "C2'" 
636 C "C1'" . DG D 2  ? 2.83558 3.08845 4.22440 -0.10895 0.51729  -0.43262 114 DG D "C1'" 
637 N N9    . DG D 2  ? 2.94304 3.14642 4.30391 -0.08619 0.37968  -0.38982 114 DG D N9    
638 C C8    . DG D 2  ? 3.10499 3.26872 4.31229 -0.10393 0.31354  -0.28355 114 DG D C8    
639 N N7    . DG D 2  ? 3.15927 3.28311 4.37910 -0.07483 0.19634  -0.26140 114 DG D N7    
640 C C5    . DG D 2  ? 3.02112 3.16335 4.41099 -0.03467 0.18161  -0.35689 114 DG D C5    
641 C C6    . DG D 2  ? 2.99414 3.11610 4.47052 0.01031  0.07380  -0.37859 114 DG D C6    
642 O O6    . DG D 2  ? 3.08007 3.15654 4.49662 0.02526  -0.03038 -0.31487 114 DG D O6    
643 N N1    . DG D 2  ? 2.84176 3.00620 4.49220 0.03938  0.09508  -0.48389 114 DG D N1    
644 C C2    . DG D 2  ? 2.72675 2.94321 4.46123 0.02564  0.20905  -0.56009 114 DG D C2    
645 N N2    . DG D 2  ? 2.59298 2.85132 4.50126 0.05555  0.21023  -0.65716 114 DG D N2    
646 N N3    . DG D 2  ? 2.74026 2.97060 4.39471 -0.01463 0.31441  -0.54035 114 DG D N3    
647 C C4    . DG D 2  ? 2.89046 3.08343 4.37173 -0.04250 0.29299  -0.43709 114 DG D C4    
648 P P     . DG D 3  ? 2.78886 3.14764 4.36234 -0.13983 0.83884  -0.66101 115 DG D P     
649 O OP1   . DG D 3  ? 2.66566 3.08049 4.28787 -0.15324 0.98077  -0.67942 115 DG D OP1   
650 O OP2   . DG D 3  ? 2.93264 3.25057 4.43155 -0.15226 0.80500  -0.68898 115 DG D OP2   
651 O "O5'" . DG D 3  ? 2.69156 3.04558 4.43388 -0.09458 0.75018  -0.73800 115 DG D "O5'" 
652 C "C5'" . DG D 3  ? 2.57625 2.96378 4.50128 -0.07214 0.79093  -0.86657 115 DG D "C5'" 
653 C "C4'" . DG D 3  ? 2.63268 2.98405 4.62790 -0.04305 0.70431  -0.95038 115 DG D "C4'" 
654 O "O4'" . DG D 3  ? 2.74915 3.04608 4.65490 -0.03316 0.57641  -0.88056 115 DG D "O4'" 
655 C "C3'" . DG D 3  ? 2.71452 3.04212 4.66498 -0.05933 0.75441  -1.00276 115 DG D "C3'" 
656 O "O3'" . DG D 3  ? 2.74928 3.07848 4.85951 -0.02645 0.74895  -1.13054 115 DG D "O3'" 
657 C "C2'" . DG D 3  ? 2.88700 3.14782 4.67092 -0.07446 0.66469  -0.92631 115 DG D "C2'" 
658 C "C1'" . DG D 3  ? 2.87643 3.11924 4.71236 -0.03949 0.54106  -0.90079 115 DG D "C1'" 
659 N N9    . DG D 3  ? 3.01866 3.20970 4.69881 -0.05271 0.45066  -0.79357 115 DG D N9    
660 C C8    . DG D 3  ? 3.15980 3.32595 4.65982 -0.09575 0.46699  -0.71398 115 DG D C8    
661 N N7    . DG D 3  ? 3.27020 3.39400 4.66642 -0.09912 0.36984  -0.62526 115 DG D N7    
662 C C5    . DG D 3  ? 3.19336 3.30984 4.70565 -0.05279 0.28413  -0.64811 115 DG D C5    
663 C C6    . DG D 3  ? 3.24640 3.32223 4.72296 -0.03217 0.16341  -0.58133 115 DG D C6    
664 O O6    . DG D 3  ? 3.37574 3.41160 4.71017 -0.05272 0.10726  -0.48584 115 DG D O6    
665 N N1    . DG D 3  ? 3.13058 3.21995 4.75926 0.01736  0.10702  -0.63431 115 DG D N1    
666 C C2    . DG D 3  ? 2.98960 3.13012 4.78709 0.04093  0.15886  -0.73878 115 DG D C2    
667 N N2    . DG D 3  ? 2.90532 3.06123 4.83313 0.08687  0.08697  -0.77500 115 DG D N2    
668 N N3    . DG D 3  ? 2.93727 3.11490 4.77436 0.02085  0.27271  -0.80225 115 DG D N3    
669 C C4    . DG D 3  ? 3.04171 3.20239 4.72852 -0.02461 0.33071  -0.75158 115 DG D C4    
670 P P     . DA D 4  ? 2.65336 3.03537 4.98553 0.01549  0.73209  -1.21509 116 DA D P     
671 O OP1   . DA D 4  ? 2.58411 3.02988 4.96610 0.00179  0.81128  -1.19667 116 DA D OP1   
672 O OP2   . DA D 4  ? 2.71430 3.09559 5.16494 0.03757  0.75951  -1.33223 116 DA D OP2   
673 O "O5'" . DA D 4  ? 2.62491 2.97304 4.96546 0.04842  0.58077  -1.18124 116 DA D "O5'" 
674 C "C5'" . DA D 4  ? 2.56292 2.95652 5.06191 0.08435  0.52923  -1.21989 116 DA D "C5'" 
675 C "C4'" . DA D 4  ? 2.58330 2.94272 5.14402 0.12945  0.40443  -1.25009 116 DA D "C4'" 
676 O "O4'" . DA D 4  ? 2.59753 2.88656 4.99661 0.12272  0.31565  -1.15348 116 DA D "O4'" 
677 C "C3'" . DA D 4  ? 2.66053 2.99869 5.30138 0.15111  0.41690  -1.34804 116 DA D "C3'" 
678 O "O3'" . DA D 4  ? 2.64391 3.01236 5.45952 0.20301  0.34663  -1.41446 116 DA D "O3'" 
679 C "C2'" . DA D 4  ? 2.73083 2.97620 5.20251 0.13714  0.36522  -1.29472 116 DA D "C2'" 
680 C "C1'" . DA D 4  ? 2.67640 2.90225 5.05573 0.13762  0.26833  -1.18783 116 DA D "C1'" 
681 N N9    . DA D 4  ? 2.73961 2.89898 4.91469 0.10110  0.24746  -1.09541 116 DA D N9    
682 C C8    . DA D 4  ? 2.80273 2.94966 4.84604 0.05257  0.33187  -1.06723 116 DA D C8    
683 N N7    . DA D 4  ? 2.94550 3.03805 4.81681 0.02478  0.28533  -0.97746 116 DA D N7    
684 C C5    . DA D 4  ? 2.96905 3.03079 4.86111 0.05864  0.16404  -0.94399 116 DA D C5    
685 C C6    . DA D 4  ? 3.09143 3.09320 4.85609 0.05246  0.06676  -0.85209 116 DA D C6    
686 N N6    . DA D 4  ? 3.22864 3.19411 4.81427 0.00489  0.07546  -0.77552 116 DA D N6    
687 N N1    . DA D 4  ? 3.06474 3.04992 4.89545 0.09700  -0.04013 -0.84050 116 DA D N1    
688 C C2    . DA D 4  ? 2.93803 2.96951 4.94835 0.14318  -0.05107 -0.91595 116 DA D C2    
689 N N3    . DA D 4  ? 2.82492 2.91910 4.96962 0.15084  0.03126  -1.00557 116 DA D N3    
690 C C4    . DA D 4  ? 2.84242 2.94557 4.91885 0.10703  0.13907  -1.01509 116 DA D C4    
691 P P     . DC D 5  ? 2.64809 3.00922 5.59725 0.23969  0.35584  -1.52481 117 DC D P     
692 O OP1   . DC D 5  ? 2.60183 3.05856 5.76250 0.26589  0.38570  -1.60559 117 DC D OP1   
693 O OP2   . DC D 5  ? 2.73338 3.03972 5.57884 0.20932  0.43629  -1.54269 117 DC D OP2   
694 O "O5'" . DC D 5  ? 2.67214 2.97547 5.61474 0.28191  0.22019  -1.50276 117 DC D "O5'" 
695 C "C5'" . DC D 5  ? 2.61069 2.91414 5.50981 0.29204  0.12045  -1.42167 117 DC D "C5'" 
696 C "C4'" . DC D 5  ? 2.65743 2.88280 5.50797 0.32331  0.01017  -1.39265 117 DC D "C4'" 
697 O "O4'" . DC D 5  ? 2.67697 2.82672 5.31614 0.28381  -0.01220 -1.29409 117 DC D "O4'" 
698 C "C3'" . DC D 5  ? 2.75170 2.93066 5.66350 0.34961  0.02177  -1.47397 117 DC D "C3'" 
699 O "O3'" . DC D 5  ? 2.75817 2.92835 5.76830 0.40829  -0.07980 -1.48729 117 DC D "O3'" 
700 C "C2'" . DC D 5  ? 2.82705 2.90652 5.53734 0.30647  0.03586  -1.42573 117 DC D "C2'" 
701 C "C1'" . DC D 5  ? 2.77110 2.83303 5.34811 0.28809  -0.03806 -1.30862 117 DC D "C1'" 
702 N N1    . DC D 5  ? 2.81021 2.81258 5.17947 0.22952  -0.00696 -1.23848 117 DC D N1    
703 C C2    . DC D 5  ? 2.82049 2.75594 5.04670 0.21857  -0.09418 -1.14398 117 DC D C2    
704 O O2    . DC D 5  ? 2.79449 2.71828 5.06873 0.26034  -0.19448 -1.11901 117 DC D O2    
705 N N3    . DC D 5  ? 2.85960 2.75065 4.89991 0.16191  -0.06444 -1.08055 117 DC D N3    
706 C C4    . DC D 5  ? 2.88932 2.80033 4.88323 0.12041  0.04541  -1.10864 117 DC D C4    
707 N N4    . DC D 5  ? 2.98394 2.85993 4.79405 0.06497  0.06987  -1.04240 117 DC D N4    
708 C C5    . DC D 5  ? 2.88078 2.85369 5.01738 0.13394  0.13657  -1.20486 117 DC D C5    
709 C C6    . DC D 5  ? 2.84116 2.85703 5.16251 0.18732  0.10652  -1.26681 117 DC D C6    
710 P P     . DA D 6  ? 2.84370 2.97065 5.95427 0.45315  -0.08352 -1.57120 118 DA D P     
711 O OP1   . DA D 6  ? 2.80766 3.03473 6.14308 0.49906  -0.07133 -1.65087 118 DA D OP1   
712 O OP2   . DA D 6  ? 2.93984 2.98841 5.93997 0.41571  -0.00470 -1.59764 118 DA D OP2   
713 O "O5'" . DA D 6  ? 2.86363 2.92204 5.92961 0.48974  -0.21110 -1.51271 118 DA D "O5'" 
714 C "C5'" . DA D 6  ? 2.79104 2.85816 5.77911 0.48440  -0.29213 -1.41693 118 DA D "C5'" 
715 C "C4'" . DA D 6  ? 2.84414 2.80115 5.68363 0.48130  -0.36928 -1.34458 118 DA D "C4'" 
716 O "O4'" . DA D 6  ? 2.87798 2.77514 5.52549 0.41342  -0.31667 -1.29840 118 DA D "O4'" 
717 C "C3'" . DA D 6  ? 2.94285 2.82598 5.83402 0.52307  -0.39810 -1.39472 118 DA D "C3'" 
718 O "O3'" . DA D 6  ? 2.95166 2.77490 5.78869 0.54991  -0.50703 -1.32524 118 DA D "O3'" 
719 C "C2'" . DA D 6  ? 3.03658 2.83994 5.80097 0.47012  -0.31516 -1.41975 118 DA D "C2'" 
720 C "C1'" . DA D 6  ? 2.99154 2.78927 5.57356 0.40589  -0.30737 -1.32700 118 DA D "C1'" 
721 N N9    . DA D 6  ? 3.03413 2.81795 5.51237 0.34467  -0.20216 -1.34618 118 DA D N9    
722 C C8    . DA D 6  ? 3.03720 2.87659 5.59546 0.33506  -0.09634 -1.42420 118 DA D C8    
723 N N7    . DA D 6  ? 3.08178 2.89540 5.50746 0.27669  -0.01631 -1.41851 118 DA D N7    
724 C C5    . DA D 6  ? 3.10868 2.84896 5.35639 0.24342  -0.07603 -1.33063 118 DA D C5    
725 C C6    . DA D 6  ? 3.16014 2.85194 5.21115 0.17742  -0.04312 -1.27986 118 DA D C6    
726 N N6    . DA D 6  ? 3.19657 2.90549 5.19236 0.13412  0.06388  -1.31241 118 DA D N6    
727 N N1    . DA D 6  ? 3.22370 2.85293 5.13747 0.15765  -0.12520 -1.19199 118 DA D N1    
728 C C2    . DA D 6  ? 3.18647 2.79798 5.15615 0.20374  -0.22978 -1.15806 118 DA D C2    
729 N N3    . DA D 6  ? 3.09329 2.74556 5.23864 0.26906  -0.27000 -1.19820 118 DA D N3    
730 C C4    . DA D 6  ? 3.07892 2.79786 5.35835 0.28466  -0.18940 -1.28531 118 DA D C4    
731 P P     . DG D 7  ? 3.01270 2.77788 5.94610 0.61594  -0.56492 -1.36354 119 DG D P     
732 O OP1   . DG D 7  ? 2.95416 2.74720 5.93621 0.66663  -0.67736 -1.30286 119 DG D OP1   
733 O OP2   . DG D 7  ? 3.05142 2.85693 6.14579 0.64473  -0.49224 -1.47345 119 DG D OP2   
734 O "O5'" . DG D 7  ? 3.12169 2.74448 5.87610 0.57619  -0.56420 -1.33508 119 DG D "O5'" 
735 C "C5'" . DG D 7  ? 3.10718 2.67369 5.69052 0.54182  -0.62766 -1.22931 119 DG D "C5'" 
736 C "C4'" . DG D 7  ? 3.20470 2.66564 5.60924 0.47724  -0.58778 -1.21831 119 DG D "C4'" 
737 O "O4'" . DG D 7  ? 3.19723 2.69869 5.55160 0.42101  -0.48380 -1.24951 119 DG D "O4'" 
738 C "C3'" . DG D 7  ? 3.34043 2.69804 5.76323 0.49500  -0.57422 -1.28639 119 DG D "C3'" 
739 O "O3'" . DG D 7  ? 3.39249 2.65086 5.73856 0.50655  -0.66396 -1.22532 119 DG D "O3'" 
740 C "C2'" . DG D 7  ? 3.41587 2.73576 5.72445 0.42518  -0.47222 -1.32950 119 DG D "C2'" 
741 C "C1'" . DG D 7  ? 3.31401 2.72134 5.54938 0.37534  -0.43701 -1.27619 119 DG D "C1'" 
742 N N9    . DG D 7  ? 3.32818 2.77806 5.56902 0.34029  -0.32114 -1.34220 119 DG D N9    
743 C C8    . DG D 7  ? 3.30038 2.82787 5.70566 0.37287  -0.25599 -1.42627 119 DG D C8    
744 N N7    . DG D 7  ? 3.32415 2.87203 5.68745 0.32865  -0.15241 -1.46707 119 DG D N7    
745 C C5    . DG D 7  ? 3.37103 2.85495 5.52742 0.26267  -0.15100 -1.40572 119 DG D C5    
746 C C6    . DG D 7  ? 3.41595 2.89374 5.43913 0.19575  -0.06279 -1.40966 119 DG D C6    
747 O O6    . DG D 7  ? 3.42298 2.94727 5.48482 0.18256  0.03788  -1.47002 119 DG D O6    
748 N N1    . DG D 7  ? 3.45618 2.87069 5.28399 0.14072  -0.10078 -1.33030 119 DG D N1    
749 C C2    . DG D 7  ? 3.45280 2.81247 5.22473 0.14933  -0.20811 -1.25729 119 DG D C2    
750 N N2    . DG D 7  ? 3.49654 2.80423 5.07896 0.08807  -0.23044 -1.18549 119 DG D N2    
751 N N3    . DG D 7  ? 3.41238 2.77132 5.30657 0.21378  -0.28828 -1.25313 119 DG D N3    
752 C C4    . DG D 7  ? 3.37331 2.79758 5.45490 0.26780  -0.25493 -1.32903 119 DG D C4    
753 P P     . DT D 8  ? 3.43940 2.57502 5.57564 0.43651  -0.66515 -1.18485 120 DT D P     
754 O OP1   . DT D 8  ? 3.41152 2.59071 5.40205 0.36434  -0.63829 -1.11916 120 DT D OP1   
755 O OP2   . DT D 8  ? 3.47751 2.53076 5.59980 0.47101  -0.76267 -1.13291 120 DT D OP2   
756 O "O5'" . DT D 8  ? 3.57728 2.63951 5.72211 0.42307  -0.57849 -1.29333 120 DT D "O5'" 
757 C "C5'" . DT D 8  ? 3.71073 2.64218 5.71689 0.37947  -0.57819 -1.29533 120 DT D "C5'" 
758 C "C4'" . DT D 8  ? 3.72126 2.64149 5.52275 0.29488  -0.58757 -1.21113 120 DT D "C4'" 
759 O "O4'" . DT D 8  ? 3.67960 2.69885 5.45481 0.25482  -0.51282 -1.21467 120 DT D "O4'" 
760 C "C3'" . DT D 8  ? 3.88369 2.68339 5.52608 0.22995  -0.56513 -1.22780 120 DT D "C3'" 
761 O "O3'" . DT D 8  ? 3.90405 2.68915 5.37850 0.16993  -0.61654 -1.12395 120 DT D "O3'" 
762 C "C2'" . DT D 8  ? 3.92779 2.75998 5.54978 0.19000  -0.45043 -1.30593 120 DT D "C2'" 
763 C "C1'" . DT D 8  ? 3.80412 2.77558 5.45694 0.18752  -0.43342 -1.25877 120 DT D "C1'" 
764 N N1    . DT D 8  ? 3.71086 2.75724 5.45936 0.19591  -0.32983 -1.34400 120 DT D N1    
765 C C2    . DT D 8  ? 3.72821 2.80371 5.36464 0.12908  -0.24569 -1.35152 120 DT D C2    
766 O O2    . DT D 8  ? 3.75890 2.80719 5.21824 0.06106  -0.25193 -1.29137 120 DT D O2    
767 N N3    . DT D 8  ? 3.70951 2.85259 5.45313 0.14588  -0.15275 -1.43050 120 DT D N3    
768 C C4    . DT D 8  ? 3.67489 2.86215 5.62400 0.21864  -0.13839 -1.50049 120 DT D C4    
769 O O4    . DT D 8  ? 3.66088 2.90976 5.69808 0.22716  -0.05185 -1.56754 120 DT D O4    
770 C C5    . DT D 8  ? 3.65796 2.81839 5.71375 0.28473  -0.23188 -1.48657 120 DT D C5    
771 C C7    . DT D 8  ? 3.62191 2.83772 5.90346 0.36626  -0.22756 -1.55407 120 DT D C7    
772 C C6    . DT D 8  ? 3.67658 2.76732 5.62759 0.27167  -0.32071 -1.41004 120 DT D C6    
773 P P     . DA D 9  ? 3.91483 2.56357 5.23028 0.11334  -0.64744 -1.10627 121 DA D P     
774 O OP1   . DA D 9  ? 3.85153 2.50733 5.06195 0.08651  -0.73288 -0.98026 121 DA D OP1   
775 O OP2   . DA D 9  ? 4.02637 2.57232 5.43714 0.16503  -0.65234 -1.18451 121 DA D OP2   
776 O "O5'" . DA D 9  ? 3.99732 2.64011 5.17408 0.02738  -0.55394 -1.15065 121 DA D "O5'" 
777 C "C5'" . DA D 9  ? 3.90370 2.65787 5.02086 -0.01419 -0.50867 -1.10936 121 DA D "C5'" 
778 C "C4'" . DA D 9  ? 4.00823 2.73904 4.97336 -0.09836 -0.43085 -1.14509 121 DA D "C4'" 
779 O "O4'" . DA D 9  ? 4.00448 2.79205 5.04955 -0.08470 -0.32811 -1.23392 121 DA D "O4'" 
780 C "C3'" . DA D 9  ? 4.18774 2.77834 5.06440 -0.13461 -0.43197 -1.19999 121 DA D "C3'" 
781 O "O3'" . DA D 9  ? 4.25808 2.84060 4.93936 -0.23071 -0.40441 -1.17339 121 DA D "O3'" 
782 C "C2'" . DA D 9  ? 4.26059 2.82163 5.26033 -0.09087 -0.35113 -1.33078 121 DA D "C2'" 
783 C "C1'" . DA D 9  ? 4.16062 2.85117 5.19981 -0.09284 -0.27330 -1.34119 121 DA D "C1'" 
784 N N9    . DA D 9  ? 4.13783 2.86180 5.36611 -0.02109 -0.21696 -1.43272 121 DA D N9    
785 C C8    . DA D 9  ? 4.09562 2.81733 5.50265 0.06492  -0.25914 -1.45513 121 DA D C8    
786 N N7    . DA D 9  ? 4.08124 2.84849 5.64012 0.11442  -0.19225 -1.53859 121 DA D N7    
787 C C5    . DA D 9  ? 4.11619 2.91304 5.58887 0.05786  -0.09691 -1.57436 121 DA D C5    
788 C C6    . DA D 9  ? 4.12469 2.97171 5.68081 0.07097  0.00782  -1.65987 121 DA D C6    
789 N N6    . DA D 9  ? 4.09345 2.97547 5.85085 0.14681  0.03170  -1.72612 121 DA D N6    
790 N N1    . DA D 9  ? 4.16752 3.03256 5.59383 0.00347  0.08754  -1.67169 121 DA D N1    
791 C C2    . DA D 9  ? 4.19986 3.03955 5.42723 -0.07283 0.06073  -1.60162 121 DA D C2    
792 N N3    . DA D 9  ? 4.19565 2.99066 5.33055 -0.09480 -0.03611 -1.51836 121 DA D N3    
793 C C4    . DA D 9  ? 4.15269 2.92469 5.41971 -0.02544 -0.11099 -1.50980 121 DA D C4    
794 P P     . DG D 10 ? 4.45106 2.89518 4.99919 -0.29366 -0.39271 -1.23177 122 DG D P     
795 O OP1   . DG D 10 ? 4.47144 2.93031 4.82134 -0.38671 -0.42122 -1.14491 122 DG D OP1   
796 O OP2   . DG D 10 ? 4.52130 2.84911 5.16097 -0.23877 -0.44302 -1.27031 122 DG D OP2   
797 O "O5'" . DG D 10 ? 4.53765 2.98170 5.09565 -0.30507 -0.27317 -1.35027 122 DG D "O5'" 
798 C "C5'" . DG D 10 ? 4.46820 3.02910 4.99055 -0.33374 -0.20135 -1.33937 122 DG D "C5'" 
799 C "C4'" . DG D 10 ? 4.56348 3.10399 5.12173 -0.32898 -0.09132 -1.46282 122 DG D "C4'" 
800 O "O4'" . DG D 10 ? 4.48548 3.06185 5.25951 -0.23539 -0.06711 -1.51774 122 DG D "O4'" 
801 C "C3'" . DG D 10 ? 4.76828 3.15752 5.25331 -0.35904 -0.07230 -1.55165 122 DG D "C3'" 
802 O "O3'" . DG D 10 ? 4.87627 3.26279 5.24310 -0.42130 0.02036  -1.61188 122 DG D "O3'" 
803 C "C2'" . DG D 10 ? 4.78391 3.11801 5.46646 -0.26523 -0.06002 -1.63587 122 DG D "C2'" 
804 C "C1'" . DG D 10 ? 4.62280 3.09553 5.45846 -0.20699 -0.02055 -1.63259 122 DG D "C1'" 
805 N N9    . DG D 10 ? 4.55774 3.03255 5.60496 -0.10806 -0.05078 -1.65840 122 DG D N9    
806 C C8    . DG D 10 ? 4.51688 2.95622 5.62802 -0.06327 -0.14975 -1.60677 122 DG D C8    
807 N N7    . DG D 10 ? 4.46665 2.92497 5.77435 0.02590  -0.15548 -1.64461 122 DG D N7    
808 C C5    . DG D 10 ? 4.47724 2.98281 5.85959 0.04012  -0.05306 -1.72931 122 DG D C5    
809 C C6    . DG D 10 ? 4.43867 2.98943 6.02859 0.12177  -0.01227 -1.79807 122 DG D C6    
810 O O6    . DG D 10 ? 4.38792 2.94887 6.13947 0.20016  -0.06195 -1.79760 122 DG D O6    
811 N N1    . DG D 10 ? 4.46613 3.05808 6.06799 0.10652  0.09798  -1.87061 122 DG D N1    
812 C C2    . DG D 10 ? 4.52465 3.11502 5.95530 0.02459  0.16073  -1.87499 122 DG D C2    
813 N N2    . DG D 10 ? 4.54604 3.17911 6.01864 0.02552  0.26802  -1.94846 122 DG D N2    
814 N N3    . DG D 10 ? 4.56124 3.11575 5.79491 -0.05252 0.12127  -1.80959 122 DG D N3    
815 C C4    . DG D 10 ? 4.53300 3.04686 5.75616 -0.04060 0.01390  -1.73903 122 DG D C4    
816 P P     . DC D 11 ? 5.10289 3.34385 5.30993 -0.49221 0.03928  -1.68062 123 DC D P     
817 O OP1   . DC D 11 ? 5.12904 3.40394 5.12577 -0.59290 0.01450  -1.60419 123 DC D OP1   
818 O OP2   . DC D 11 ? 5.17986 3.28763 5.46004 -0.44935 -0.01500 -1.71466 123 DC D OP2   
819 O "O5'" . DC D 11 ? 5.19814 3.42764 5.42953 -0.48521 0.16570  -1.80179 123 DC D "O5'" 
820 C "C5'" . DC D 11 ? 5.10504 3.46669 5.34981 -0.48720 0.23912  -1.79338 123 DC D "C5'" 
821 C "C4'" . DC D 11 ? 5.14556 3.49684 5.52239 -0.43033 0.34188  -1.90837 123 DC D "C4'" 
822 O "O4'" . DC D 11 ? 5.03021 3.40672 5.63368 -0.33025 0.31575  -1.91612 123 DC D "O4'" 
823 C "C3'" . DC D 11 ? 5.36424 3.56373 5.68497 -0.44779 0.39545  -2.02368 123 DC D "C3'" 
824 O "O3'" . DC D 11 ? 5.42834 3.65454 5.72301 -0.46190 0.51203  -2.09836 123 DC D "O3'" 
825 C "C2'" . DC D 11 ? 5.36178 3.48876 5.87961 -0.35330 0.37269  -2.07345 123 DC D "C2'" 
826 C "C1'" . DC D 11 ? 5.14968 3.42167 5.85142 -0.28108 0.36259  -2.02669 123 DC D "C1'" 
827 N N1    . DC D 11 ? 5.07387 3.32724 5.95565 -0.19529 0.28907  -2.01162 123 DC D N1    
828 C C2    . DC D 11 ? 5.03901 3.31330 6.13269 -0.10539 0.33277  -2.07867 123 DC D C2    
829 O O2    . DC D 11 ? 5.07144 3.37443 6.20336 -0.09793 0.43376  -2.15107 123 DC D O2    
830 N N3    . DC D 11 ? 4.97188 3.23853 6.22494 -0.02800 0.26234  -2.05952 123 DC D N3    
831 C C4    . DC D 11 ? 4.94088 3.17479 6.14625 -0.03669 0.15606  -1.97895 123 DC D C4    
832 N N4    . DC D 11 ? 4.87743 3.10814 6.24213 0.04350  0.09016  -1.96045 123 DC D N4    
833 C C5    . DC D 11 ? 4.97516 3.18288 5.96861 -0.12757 0.11240  -1.91092 123 DC D C5    
834 C C6    . DC D 11 ? 5.03970 3.26173 5.87939 -0.20467 0.17983  -1.92932 123 DC D C6    
835 P P     . DA D 12 ? 5.67043 3.75073 5.86397 -0.49712 0.58957  -2.21874 124 DA D P     
836 O OP1   . DA D 12 ? 5.71061 3.85588 5.81023 -0.54033 0.69173  -2.25112 124 DA D OP1   
837 O OP2   . DA D 12 ? 5.79833 3.75541 5.84602 -0.55757 0.51607  -2.20366 124 DA D OP2   
838 O "O5'" . DA D 12 ? 5.69101 3.70627 6.10236 -0.39476 0.62866  -2.30956 124 DA D "O5'" 
839 C "C5'" . DA D 12 ? 5.55602 3.68184 6.15917 -0.31897 0.68130  -2.32500 124 DA D "C5'" 
840 C "C4'" . DA D 12 ? 5.62013 3.66501 6.40283 -0.23312 0.72255  -2.41913 124 DA D "C4'" 
841 O "O4'" . DA D 12 ? 5.49356 3.56217 6.45012 -0.15805 0.63501  -2.37198 124 DA D "O4'" 
842 C "C3'" . DA D 12 ? 5.85440 3.71220 6.54229 -0.25660 0.74942  -2.50431 124 DA D "C3'" 
843 O "O3'" . DA D 12 ? 5.95769 3.77381 6.71618 -0.21960 0.86532  -2.61257 124 DA D "O3'" 
844 C "C2'" . DA D 12 ? 5.83817 3.62190 6.63648 -0.19976 0.65883  -2.48123 124 DA D "C2'" 
845 C "C1'" . DA D 12 ? 5.62352 3.55110 6.64451 -0.11392 0.63282  -2.43702 124 DA D "C1'" 
846 N N9    . DA D 12 ? 5.53199 3.45553 6.64838 -0.06692 0.52079  -2.36957 124 DA D N9    
847 C C8    . DA D 12 ? 5.51033 3.40898 6.51152 -0.11316 0.41896  -2.28421 124 DA D C8    
848 N N7    . DA D 12 ? 5.42689 3.32618 6.55485 -0.05000 0.33381  -2.23700 124 DA D N7    
849 C C5    . DA D 12 ? 5.39165 3.32289 6.73336 0.04319  0.38091  -2.29541 124 DA D C5    
850 C C6    . DA D 12 ? 5.30809 3.26395 6.85882 0.14118  0.33265  -2.28335 124 DA D C6    
851 N N6    . DA D 12 ? 5.24445 3.18981 6.81738 0.16276  0.22387  -2.20609 124 DA D N6    
852 N N1    . DA D 12 ? 5.29425 3.29087 7.03187 0.21692  0.40091  -2.35172 124 DA D N1    
853 C C2    . DA D 12 ? 5.36078 3.36569 7.07496 0.19602  0.51252  -2.42742 124 DA D C2    
854 N N3    . DA D 12 ? 5.44394 3.42384 6.96665 0.10860  0.56921  -2.44701 124 DA D N3    
855 C C4    . DA D 12 ? 5.45498 3.40061 6.79530 0.03393  0.49639  -2.37732 124 DA D C4    
# 
